data_3ABQ
#
_entry.id   3ABQ
#
_cell.length_a   241.870
_cell.length_b   241.870
_cell.length_c   76.290
_cell.angle_alpha   90.00
_cell.angle_beta   90.00
_cell.angle_gamma   120.00
#
_symmetry.space_group_name_H-M   'P 63'
#
loop_
_entity.id
_entity.type
_entity.pdbx_description
1 polymer 'Ethanolamine ammonia-lyase heavy chain'
2 polymer 'Ethanolamine ammonia-lyase light chain'
3 non-polymer (2S)-2-aminopropan-1-ol
4 non-polymer GLYCEROL
5 non-polymer COBALAMIN
6 water water
#
loop_
_entity_poly.entity_id
_entity_poly.type
_entity_poly.pdbx_seq_one_letter_code
_entity_poly.pdbx_strand_id
1 'polypeptide(L)'
;MKLKTTLFGNVYQFKDVKEVLAKANELRSGDVLAGVAAASSQERVAAKQVLSEMTVADIRNNPVIAYEDDCVTRLIQDDV
NETAYNQIKNWSISELREYVLSDETSVDDIAFTRKGLTSEVVAAVAKICSNADLIYGAKKMPVIKKANTTIGIPGTFSAR
LQPNDTRDDVQSIAAQIYEGLSFGVGDAVIGVNPVTDDVENLSRVLDTIYGVIDKFNIPTQGCVLAHVTTQIEAIRRGAP
GGLIFQSICGSEKGLKEFGVELAMLDEARAVGAEFNRIAGENCLYFETGQGSALSAGANFGADQVTMEARNYGLARHYDP
FIVNTVVGFIGPEYLYNDRQIIRAGLEDHFMGKLSGISMGCDCCYTNHADADQNLNENLMILLATAGCNYIMGMPLGDDI
MLNYQTTAFHDTATVRQLLNLRPSPEFERWLESMGIMANGRLTKRAGDPSLFF
;
A,C
2 'polypeptide(L)'
;MDQSSHHHHHHMDQKQIEEIVRSVMASMGQAAPAPSEAKCATTNCAAPVTSESCALDLGSAEAKAWIGVENPHRADVLTE
LRRSTVARVCTGRAGPRPRTQALLRFLADHSRSKDTVLKEVPEEWVKAQGLLEVRSEISDKNLYLTRPDMGRRLCAEAVE
ALKAQCVANPDVQVVISDGLSTDAITVNYEEILPPLMAGLKQAGLKVGTPFFVRYGRVKIEDQIGEILGAKVVILLVGER
PGLGQSESLSCYAVYSPRMATTVEADRTCISNIHQGGTPPVEAAAVIVDLAKRMLEQKASGINMTR
;
B,D
#
loop_
_chem_comp.id
_chem_comp.type
_chem_comp.name
_chem_comp.formula
2A1 non-polymer (2S)-2-aminopropan-1-ol 'C3 H9 N O'
B12 non-polymer COBALAMIN 'C62 H89 Co N13 O14 P 2'
GOL non-polymer GLYCEROL 'C3 H8 O3'
#
# COMPACT_ATOMS: atom_id res chain seq x y z
N MET A 1 -2.66 31.28 -20.53
CA MET A 1 -2.43 30.38 -19.36
C MET A 1 -1.08 30.63 -18.69
N LYS A 2 -0.98 30.22 -17.44
CA LYS A 2 0.26 30.34 -16.69
C LYS A 2 1.01 29.01 -16.62
N LEU A 3 2.31 29.07 -16.90
CA LEU A 3 3.17 27.89 -16.79
C LEU A 3 4.09 28.04 -15.58
N LYS A 4 3.64 28.81 -14.59
CA LYS A 4 4.51 29.30 -13.54
C LYS A 4 3.75 29.47 -12.23
N THR A 5 4.38 29.07 -11.13
CA THR A 5 3.90 29.45 -9.80
C THR A 5 5.04 29.82 -8.87
N THR A 6 4.73 30.51 -7.79
CA THR A 6 5.69 30.79 -6.73
C THR A 6 5.34 29.98 -5.48
N LEU A 7 6.29 29.23 -4.97
CA LEU A 7 6.06 28.35 -3.82
C LEU A 7 7.17 28.54 -2.77
N PHE A 8 6.75 28.92 -1.56
CA PHE A 8 7.68 29.30 -0.50
C PHE A 8 8.72 30.33 -0.94
N GLY A 9 8.28 31.31 -1.72
CA GLY A 9 9.14 32.41 -2.14
C GLY A 9 9.90 32.11 -3.41
N ASN A 10 9.95 30.84 -3.78
CA ASN A 10 10.71 30.40 -4.93
C ASN A 10 9.83 30.18 -6.16
N VAL A 11 10.31 30.64 -7.31
CA VAL A 11 9.54 30.55 -8.55
C VAL A 11 9.79 29.20 -9.24
N TYR A 12 8.70 28.53 -9.60
CA TYR A 12 8.78 27.25 -10.29
C TYR A 12 8.22 27.39 -11.70
N GLN A 13 9.11 27.34 -12.68
CA GLN A 13 8.74 27.59 -14.08
C GLN A 13 8.70 26.28 -14.87
N PHE A 14 7.72 26.17 -15.76
CA PHE A 14 7.61 25.00 -16.63
C PHE A 14 7.54 25.44 -18.08
N LYS A 15 7.97 24.56 -18.99
CA LYS A 15 8.09 24.91 -20.40
C LYS A 15 6.75 24.85 -21.13
N ASP A 16 5.98 23.80 -20.84
CA ASP A 16 4.75 23.56 -21.58
C ASP A 16 3.77 22.72 -20.77
N VAL A 17 2.55 22.55 -21.29
CA VAL A 17 1.54 21.71 -20.68
C VAL A 17 2.11 20.31 -20.43
N LYS A 18 2.79 19.76 -21.43
CA LYS A 18 3.35 18.42 -21.34
C LYS A 18 4.21 18.21 -20.09
N GLU A 19 5.04 19.20 -19.80
CA GLU A 19 5.94 19.15 -18.64
C GLU A 19 5.15 19.21 -17.33
N VAL A 20 4.21 20.14 -17.26
CA VAL A 20 3.35 20.27 -16.09
C VAL A 20 2.62 18.95 -15.81
N LEU A 21 1.97 18.40 -16.84
CA LEU A 21 1.28 17.12 -16.76
C LEU A 21 2.19 16.02 -16.18
N ALA A 22 3.42 15.94 -16.68
CA ALA A 22 4.35 14.91 -16.26
C ALA A 22 4.80 15.06 -14.81
N LYS A 23 5.24 16.26 -14.46
CA LYS A 23 5.86 16.49 -13.16
C LYS A 23 4.84 16.53 -12.03
N ALA A 24 3.57 16.69 -12.39
CA ALA A 24 2.48 16.66 -11.43
C ALA A 24 2.20 15.25 -10.91
N ASN A 25 2.62 14.25 -11.68
CA ASN A 25 2.50 12.84 -11.27
C ASN A 25 3.15 12.57 -9.92
N GLU A 26 2.48 11.75 -9.11
CA GLU A 26 3.17 11.08 -8.01
C GLU A 26 4.39 10.33 -8.53
N LEU A 27 5.44 10.29 -7.72
CA LEU A 27 6.71 9.68 -8.12
C LEU A 27 6.56 8.23 -8.57
N ARG A 28 7.04 7.93 -9.77
CA ARG A 28 7.15 6.55 -10.23
C ARG A 28 8.40 6.34 -11.07
N SER A 29 8.87 5.11 -11.12
CA SER A 29 10.15 4.79 -11.78
C SER A 29 10.10 5.04 -13.28
N GLY A 30 8.93 4.87 -13.88
CA GLY A 30 8.75 5.09 -15.30
C GLY A 30 8.94 6.53 -15.72
N ASP A 31 8.45 7.46 -14.89
CA ASP A 31 8.59 8.88 -15.15
C ASP A 31 10.04 9.31 -15.05
N VAL A 32 10.75 8.73 -14.09
CA VAL A 32 12.19 8.96 -13.94
C VAL A 32 12.94 8.39 -15.13
N LEU A 33 12.57 7.18 -15.55
CA LEU A 33 13.17 6.55 -16.72
C LEU A 33 12.91 7.34 -18.00
N ALA A 34 11.70 7.90 -18.11
CA ALA A 34 11.33 8.72 -19.26
C ALA A 34 12.01 10.08 -19.22
N GLY A 35 12.50 10.46 -18.04
CA GLY A 35 13.23 11.71 -17.86
C GLY A 35 12.31 12.90 -17.64
N VAL A 36 11.06 12.63 -17.31
CA VAL A 36 10.03 13.67 -17.30
C VAL A 36 9.53 13.99 -15.90
N ALA A 37 10.03 13.26 -14.90
CA ALA A 37 9.54 13.39 -13.53
C ALA A 37 10.00 14.69 -12.88
N ALA A 38 9.30 15.07 -11.81
CA ALA A 38 9.73 16.20 -10.98
C ALA A 38 11.07 15.91 -10.33
N ALA A 39 11.81 16.97 -10.00
CA ALA A 39 13.14 16.82 -9.38
C ALA A 39 13.03 16.63 -7.88
N SER A 40 11.88 17.03 -7.32
CA SER A 40 11.65 16.95 -5.88
C SER A 40 10.16 17.00 -5.60
N SER A 41 9.80 16.88 -4.33
CA SER A 41 8.41 17.00 -3.90
C SER A 41 7.88 18.40 -4.12
N GLN A 42 8.74 19.40 -3.88
CA GLN A 42 8.39 20.80 -4.08
C GLN A 42 7.98 21.09 -5.52
N GLU A 43 8.80 20.63 -6.47
CA GLU A 43 8.50 20.85 -7.88
C GLU A 43 7.25 20.08 -8.30
N ARG A 44 7.02 18.94 -7.68
CA ARG A 44 5.83 18.14 -7.93
C ARG A 44 4.56 18.90 -7.52
N VAL A 45 4.58 19.46 -6.32
CA VAL A 45 3.45 20.23 -5.81
C VAL A 45 3.22 21.50 -6.63
N ALA A 46 4.31 22.16 -6.99
CA ALA A 46 4.24 23.35 -7.84
C ALA A 46 3.59 23.02 -9.19
N ALA A 47 3.98 21.87 -9.76
CA ALA A 47 3.35 21.39 -10.99
C ALA A 47 1.87 21.11 -10.80
N LYS A 48 1.51 20.47 -9.70
CA LYS A 48 0.11 20.21 -9.38
C LYS A 48 -0.70 21.50 -9.33
N GLN A 49 -0.15 22.52 -8.69
CA GLN A 49 -0.84 23.81 -8.57
C GLN A 49 -0.99 24.52 -9.91
N VAL A 50 0.10 24.60 -10.66
CA VAL A 50 0.06 25.12 -12.03
C VAL A 50 -1.01 24.41 -12.86
N LEU A 51 -1.02 23.08 -12.79
CA LEU A 51 -1.99 22.26 -13.51
C LEU A 51 -3.43 22.54 -13.05
N SER A 52 -3.60 22.59 -11.73
CA SER A 52 -4.92 22.84 -11.13
C SER A 52 -5.49 24.17 -11.59
N GLU A 53 -4.61 25.10 -11.95
CA GLU A 53 -5.01 26.46 -12.32
C GLU A 53 -5.24 26.61 -13.82
N MET A 54 -4.77 25.63 -14.59
CA MET A 54 -5.04 25.62 -16.02
CA MET A 54 -5.03 25.59 -16.02
C MET A 54 -6.50 25.28 -16.29
N THR A 55 -7.01 25.76 -17.41
CA THR A 55 -8.40 25.49 -17.77
C THR A 55 -8.52 24.18 -18.54
N VAL A 56 -9.76 23.69 -18.66
CA VAL A 56 -10.05 22.58 -19.56
C VAL A 56 -9.57 22.90 -20.98
N ALA A 57 -9.80 24.14 -21.41
CA ALA A 57 -9.38 24.57 -22.74
C ALA A 57 -7.86 24.50 -22.94
N ASP A 58 -7.11 24.87 -21.90
CA ASP A 58 -5.65 24.84 -21.96
C ASP A 58 -5.14 23.44 -22.25
N ILE A 59 -5.71 22.46 -21.57
CA ILE A 59 -5.26 21.08 -21.72
CA ILE A 59 -5.28 21.07 -21.70
C ILE A 59 -5.85 20.41 -22.96
N ARG A 60 -7.12 20.71 -23.24
CA ARG A 60 -7.77 20.17 -24.44
C ARG A 60 -7.04 20.60 -25.71
N ASN A 61 -6.63 21.87 -25.76
CA ASN A 61 -6.00 22.42 -26.96
C ASN A 61 -4.50 22.11 -27.05
N ASN A 62 -3.97 21.44 -26.04
CA ASN A 62 -2.56 21.03 -26.06
C ASN A 62 -2.37 19.55 -25.78
N PRO A 63 -2.86 18.68 -26.69
CA PRO A 63 -2.63 17.24 -26.55
C PRO A 63 -1.14 16.92 -26.69
N VAL A 64 -0.69 15.88 -25.98
CA VAL A 64 0.74 15.61 -25.90
C VAL A 64 1.34 15.21 -27.24
N ILE A 65 0.51 14.71 -28.14
CA ILE A 65 0.90 14.46 -29.53
C ILE A 65 -0.09 15.11 -30.49
N ALA A 66 0.43 15.97 -31.38
CA ALA A 66 -0.41 16.88 -32.15
C ALA A 66 -1.42 16.18 -33.06
N TYR A 67 -2.56 16.86 -33.27
CA TYR A 67 -3.65 16.36 -34.10
C TYR A 67 -3.16 15.80 -35.44
N GLU A 68 -2.47 16.63 -36.22
CA GLU A 68 -2.05 16.24 -37.57
C GLU A 68 -1.02 15.10 -37.58
N ASP A 69 -0.44 14.82 -36.43
CA ASP A 69 0.64 13.84 -36.34
C ASP A 69 0.18 12.47 -35.84
N ASP A 70 -1.00 12.42 -35.24
CA ASP A 70 -1.42 11.22 -34.51
C ASP A 70 -2.90 10.90 -34.70
N CYS A 71 -3.18 9.68 -35.18
CA CYS A 71 -4.54 9.24 -35.43
C CYS A 71 -5.34 8.96 -34.15
N VAL A 72 -4.63 8.67 -33.05
CA VAL A 72 -5.30 8.53 -31.77
C VAL A 72 -5.76 9.89 -31.25
N THR A 73 -4.87 10.88 -31.32
CA THR A 73 -5.24 12.26 -30.99
C THR A 73 -6.46 12.69 -31.80
N ARG A 74 -6.43 12.44 -33.11
CA ARG A 74 -7.54 12.78 -33.98
C ARG A 74 -8.83 12.10 -33.54
N LEU A 75 -8.75 10.81 -33.25
CA LEU A 75 -9.91 10.05 -32.80
C LEU A 75 -10.48 10.62 -31.51
N ILE A 76 -9.59 11.00 -30.60
CA ILE A 76 -9.98 11.53 -29.30
C ILE A 76 -10.61 12.91 -29.42
N GLN A 77 -9.97 13.79 -30.20
CA GLN A 77 -10.46 15.14 -30.40
C GLN A 77 -11.78 15.15 -31.17
N ASP A 78 -11.90 14.26 -32.15
CA ASP A 78 -13.07 14.23 -33.02
C ASP A 78 -14.29 13.66 -32.32
N ASP A 79 -14.07 12.98 -31.19
CA ASP A 79 -15.17 12.37 -30.44
C ASP A 79 -15.74 13.32 -29.38
N VAL A 80 -15.14 14.49 -29.25
CA VAL A 80 -15.60 15.49 -28.30
C VAL A 80 -16.99 15.99 -28.66
N ASN A 81 -17.89 16.02 -27.68
CA ASN A 81 -19.11 16.81 -27.77
C ASN A 81 -18.77 18.28 -27.52
N GLU A 82 -18.80 19.09 -28.58
CA GLU A 82 -18.35 20.47 -28.51
C GLU A 82 -19.29 21.36 -27.69
N THR A 83 -20.55 20.95 -27.59
CA THR A 83 -21.51 21.64 -26.73
C THR A 83 -21.17 21.42 -25.26
N ALA A 84 -20.86 20.17 -24.90
CA ALA A 84 -20.43 19.84 -23.55
C ALA A 84 -19.09 20.51 -23.24
N TYR A 85 -18.20 20.51 -24.21
CA TYR A 85 -16.90 21.18 -24.07
C TYR A 85 -17.07 22.67 -23.81
N ASN A 86 -17.89 23.34 -24.61
CA ASN A 86 -18.09 24.79 -24.47
C ASN A 86 -18.59 25.19 -23.08
N GLN A 87 -19.40 24.33 -22.47
CA GLN A 87 -19.89 24.56 -21.11
C GLN A 87 -18.78 24.56 -20.06
N ILE A 88 -17.77 23.72 -20.24
CA ILE A 88 -16.75 23.52 -19.21
C ILE A 88 -15.36 24.06 -19.57
N LYS A 89 -15.21 24.58 -20.78
CA LYS A 89 -13.88 24.89 -21.32
C LYS A 89 -13.12 25.90 -20.46
N ASN A 90 -13.84 26.78 -19.78
CA ASN A 90 -13.20 27.78 -18.93
C ASN A 90 -13.10 27.38 -17.46
N TRP A 91 -13.54 26.17 -17.14
CA TRP A 91 -13.31 25.59 -15.81
C TRP A 91 -11.82 25.35 -15.62
N SER A 92 -11.33 25.64 -14.42
CA SER A 92 -10.00 25.18 -14.02
C SER A 92 -10.05 23.68 -13.71
N ILE A 93 -8.89 23.03 -13.76
CA ILE A 93 -8.80 21.60 -13.44
C ILE A 93 -9.10 21.36 -11.96
N SER A 94 -8.77 22.35 -11.13
CA SER A 94 -9.17 22.35 -9.73
C SER A 94 -10.68 22.27 -9.59
N GLU A 95 -11.39 23.09 -10.35
CA GLU A 95 -12.85 23.11 -10.33
C GLU A 95 -13.44 21.81 -10.86
N LEU A 96 -12.79 21.21 -11.86
CA LEU A 96 -13.23 19.95 -12.42
C LEU A 96 -13.07 18.79 -11.42
N ARG A 97 -11.93 18.77 -10.73
CA ARG A 97 -11.73 17.83 -9.63
C ARG A 97 -12.86 17.92 -8.61
N GLU A 98 -13.14 19.14 -8.14
CA GLU A 98 -14.14 19.34 -7.09
C GLU A 98 -15.55 18.99 -7.59
N TYR A 99 -15.81 19.27 -8.86
CA TYR A 99 -17.06 18.89 -9.50
C TYR A 99 -17.26 17.38 -9.54
N VAL A 100 -16.25 16.65 -9.99
CA VAL A 100 -16.28 15.20 -9.99
C VAL A 100 -16.54 14.64 -8.58
N LEU A 101 -15.93 15.27 -7.59
CA LEU A 101 -15.96 14.73 -6.22
C LEU A 101 -17.22 15.10 -5.45
N SER A 102 -17.91 16.14 -5.92
CA SER A 102 -19.05 16.69 -5.19
C SER A 102 -20.21 15.70 -5.08
N ASP A 103 -20.85 15.67 -3.91
CA ASP A 103 -22.02 14.83 -3.70
C ASP A 103 -23.26 15.39 -4.40
N GLU A 104 -23.16 16.64 -4.86
CA GLU A 104 -24.26 17.28 -5.58
C GLU A 104 -24.13 17.06 -7.08
N THR A 105 -23.01 16.46 -7.49
CA THR A 105 -22.83 16.05 -8.87
C THR A 105 -23.29 14.61 -9.06
N SER A 106 -24.32 14.42 -9.90
CA SER A 106 -24.90 13.11 -10.09
C SER A 106 -24.19 12.33 -11.18
N VAL A 107 -24.49 11.04 -11.26
CA VAL A 107 -24.03 10.19 -12.34
C VAL A 107 -24.43 10.78 -13.69
N ASP A 108 -25.68 11.25 -13.78
CA ASP A 108 -26.17 11.88 -15.02
C ASP A 108 -25.49 13.20 -15.37
N ASP A 109 -25.10 13.98 -14.37
CA ASP A 109 -24.34 15.21 -14.60
C ASP A 109 -23.00 14.88 -15.26
N ILE A 110 -22.31 13.88 -14.72
CA ILE A 110 -21.01 13.47 -15.23
C ILE A 110 -21.11 12.84 -16.61
N ALA A 111 -22.23 12.17 -16.88
CA ALA A 111 -22.47 11.52 -18.16
C ALA A 111 -22.37 12.51 -19.33
N PHE A 112 -22.94 13.70 -19.16
CA PHE A 112 -22.80 14.74 -20.18
C PHE A 112 -21.43 15.40 -20.12
N THR A 113 -20.97 15.71 -18.91
CA THR A 113 -19.73 16.47 -18.72
C THR A 113 -18.51 15.76 -19.30
N ARG A 114 -18.44 14.44 -19.13
CA ARG A 114 -17.27 13.69 -19.61
C ARG A 114 -17.12 13.77 -21.14
N LYS A 115 -18.23 14.03 -21.83
CA LYS A 115 -18.22 14.12 -23.30
C LYS A 115 -17.51 15.37 -23.79
N GLY A 116 -17.34 16.34 -22.91
CA GLY A 116 -16.58 17.55 -23.24
C GLY A 116 -15.12 17.47 -22.88
N LEU A 117 -14.69 16.30 -22.38
CA LEU A 117 -13.30 16.11 -21.98
C LEU A 117 -12.48 15.48 -23.11
N THR A 118 -11.17 15.64 -23.04
CA THR A 118 -10.25 14.74 -23.74
C THR A 118 -9.39 13.99 -22.73
N SER A 119 -8.67 12.99 -23.20
CA SER A 119 -7.89 12.13 -22.33
C SER A 119 -6.89 12.91 -21.48
N GLU A 120 -6.27 13.92 -22.09
CA GLU A 120 -5.33 14.78 -21.37
C GLU A 120 -6.00 15.49 -20.20
N VAL A 121 -7.25 15.92 -20.38
CA VAL A 121 -8.00 16.57 -19.30
C VAL A 121 -8.35 15.57 -18.20
N VAL A 122 -8.69 14.35 -18.61
CA VAL A 122 -8.96 13.26 -17.68
C VAL A 122 -7.72 12.97 -16.85
N ALA A 123 -6.57 12.89 -17.51
CA ALA A 123 -5.29 12.70 -16.84
C ALA A 123 -5.00 13.84 -15.86
N ALA A 124 -5.23 15.08 -16.29
CA ALA A 124 -4.98 16.25 -15.46
C ALA A 124 -5.72 16.18 -14.12
N VAL A 125 -6.97 15.73 -14.16
CA VAL A 125 -7.77 15.61 -12.93
C VAL A 125 -7.18 14.56 -11.99
N ALA A 126 -6.87 13.38 -12.54
CA ALA A 126 -6.27 12.30 -11.76
C ALA A 126 -5.01 12.75 -11.03
N LYS A 127 -4.22 13.61 -11.69
CA LYS A 127 -2.91 14.01 -11.20
C LYS A 127 -2.97 14.87 -9.94
N ILE A 128 -4.12 15.52 -9.72
CA ILE A 128 -4.31 16.34 -8.52
C ILE A 128 -5.30 15.70 -7.54
N CYS A 129 -5.49 14.40 -7.67
CA CYS A 129 -6.31 13.65 -6.72
C CYS A 129 -5.45 12.84 -5.74
N SER A 130 -5.87 12.80 -4.49
CA SER A 130 -5.29 11.88 -3.53
C SER A 130 -5.80 10.47 -3.79
N ASN A 131 -5.27 9.48 -3.08
CA ASN A 131 -5.71 8.10 -3.25
C ASN A 131 -7.19 7.92 -2.93
N ALA A 132 -7.65 8.54 -1.85
CA ALA A 132 -9.07 8.51 -1.51
C ALA A 132 -9.91 9.24 -2.54
N ASP A 133 -9.38 10.34 -3.07
CA ASP A 133 -10.05 11.07 -4.16
C ASP A 133 -10.31 10.15 -5.33
N LEU A 134 -9.26 9.45 -5.76
CA LEU A 134 -9.36 8.50 -6.88
C LEU A 134 -10.38 7.41 -6.61
N ILE A 135 -10.40 6.91 -5.37
CA ILE A 135 -11.32 5.84 -5.01
C ILE A 135 -12.76 6.33 -4.95
N TYR A 136 -13.00 7.40 -4.20
CA TYR A 136 -14.36 7.93 -4.04
C TYR A 136 -14.91 8.46 -5.36
N GLY A 137 -14.09 9.23 -6.08
CA GLY A 137 -14.49 9.77 -7.38
C GLY A 137 -14.87 8.69 -8.38
N ALA A 138 -14.05 7.63 -8.44
CA ALA A 138 -14.33 6.52 -9.34
C ALA A 138 -15.64 5.81 -8.95
N LYS A 139 -15.87 5.68 -7.65
CA LYS A 139 -17.03 4.94 -7.15
C LYS A 139 -18.34 5.59 -7.57
N LYS A 140 -18.37 6.92 -7.59
CA LYS A 140 -19.57 7.65 -7.97
C LYS A 140 -19.65 7.87 -9.49
N MET A 141 -18.79 7.17 -10.22
CA MET A 141 -18.87 7.15 -11.68
C MET A 141 -19.00 5.73 -12.23
N PRO A 142 -20.13 5.05 -11.97
CA PRO A 142 -20.28 3.70 -12.48
C PRO A 142 -20.39 3.68 -14.01
N VAL A 143 -19.89 2.61 -14.63
CA VAL A 143 -20.05 2.41 -16.05
C VAL A 143 -20.52 0.98 -16.29
N ILE A 144 -21.70 0.86 -16.89
CA ILE A 144 -22.39 -0.43 -16.99
C ILE A 144 -22.43 -0.87 -18.45
N LYS A 145 -22.02 -2.10 -18.71
CA LYS A 145 -22.08 -2.66 -20.06
C LYS A 145 -22.69 -4.05 -20.02
N LYS A 146 -23.02 -4.57 -21.19
CA LYS A 146 -23.76 -5.82 -21.28
C LYS A 146 -23.29 -6.68 -22.45
N ALA A 147 -22.83 -7.88 -22.13
CA ALA A 147 -22.65 -8.93 -23.14
C ALA A 147 -23.68 -10.03 -22.93
N ASN A 148 -23.25 -11.19 -22.42
CA ASN A 148 -24.19 -12.17 -21.89
C ASN A 148 -24.35 -12.02 -20.39
N THR A 149 -23.48 -11.21 -19.81
CA THR A 149 -23.65 -10.75 -18.44
C THR A 149 -23.65 -9.23 -18.42
N THR A 150 -24.26 -8.65 -17.39
CA THR A 150 -24.16 -7.23 -17.13
C THR A 150 -23.03 -6.98 -16.14
N ILE A 151 -22.18 -6.02 -16.45
CA ILE A 151 -21.04 -5.69 -15.60
C ILE A 151 -21.10 -4.22 -15.19
N GLY A 152 -20.63 -3.92 -13.97
CA GLY A 152 -20.48 -2.54 -13.53
C GLY A 152 -21.62 -1.94 -12.72
N ILE A 153 -22.69 -2.71 -12.53
CA ILE A 153 -23.77 -2.28 -11.63
C ILE A 153 -23.23 -2.12 -10.21
N PRO A 154 -23.46 -0.93 -9.61
CA PRO A 154 -23.05 -0.69 -8.22
C PRO A 154 -23.60 -1.76 -7.30
N GLY A 155 -22.73 -2.34 -6.48
CA GLY A 155 -23.12 -3.45 -5.61
C GLY A 155 -22.73 -4.79 -6.21
N THR A 156 -22.16 -4.76 -7.42
CA THR A 156 -21.66 -5.98 -8.03
C THR A 156 -20.15 -5.92 -8.24
N PHE A 157 -19.56 -7.09 -8.48
CA PHE A 157 -18.12 -7.22 -8.68
C PHE A 157 -17.87 -8.46 -9.51
N SER A 158 -17.24 -8.29 -10.67
CA SER A 158 -17.05 -9.38 -11.62
C SER A 158 -15.60 -9.84 -11.68
N ALA A 159 -15.35 -10.92 -12.42
CA ALA A 159 -13.98 -11.44 -12.56
C ALA A 159 -13.79 -12.20 -13.86
N ARG A 160 -12.65 -11.96 -14.51
CA ARG A 160 -12.22 -12.77 -15.65
C ARG A 160 -11.58 -14.07 -15.17
N LEU A 161 -12.09 -15.19 -15.67
CA LEU A 161 -11.40 -16.46 -15.53
C LEU A 161 -10.28 -16.54 -16.56
N GLN A 162 -9.04 -16.63 -16.08
CA GLN A 162 -7.86 -16.64 -16.93
C GLN A 162 -7.16 -18.00 -16.86
N PRO A 163 -7.66 -18.97 -17.65
CA PRO A 163 -7.16 -20.34 -17.56
C PRO A 163 -6.03 -20.61 -18.54
N ASN A 164 -4.86 -20.05 -18.27
CA ASN A 164 -3.74 -20.12 -19.19
C ASN A 164 -2.90 -21.36 -18.99
N ASP A 165 -2.32 -21.87 -20.07
CA ASP A 165 -1.45 -23.05 -20.02
C ASP A 165 -0.22 -22.90 -20.90
N THR A 166 0.88 -23.51 -20.47
CA THR A 166 2.17 -23.37 -21.15
C THR A 166 2.19 -24.01 -22.54
N ARG A 167 1.24 -24.90 -22.79
CA ARG A 167 1.14 -25.57 -24.09
C ARG A 167 -0.24 -25.44 -24.70
N ASP A 168 -1.08 -24.57 -24.12
CA ASP A 168 -2.50 -24.53 -24.44
C ASP A 168 -3.11 -25.93 -24.39
N ASP A 169 -2.75 -26.70 -23.37
CA ASP A 169 -3.32 -28.03 -23.17
C ASP A 169 -4.78 -27.90 -22.71
N VAL A 170 -5.68 -28.56 -23.44
CA VAL A 170 -7.10 -28.35 -23.25
C VAL A 170 -7.60 -28.91 -21.92
N GLN A 171 -6.94 -29.95 -21.43
CA GLN A 171 -7.27 -30.54 -20.14
C GLN A 171 -6.85 -29.62 -19.00
N SER A 172 -5.73 -28.93 -19.19
CA SER A 172 -5.22 -27.99 -18.21
C SER A 172 -6.05 -26.71 -18.18
N ILE A 173 -6.46 -26.25 -19.36
CA ILE A 173 -7.34 -25.11 -19.50
C ILE A 173 -8.70 -25.39 -18.87
N ALA A 174 -9.24 -26.58 -19.15
CA ALA A 174 -10.51 -27.01 -18.60
C ALA A 174 -10.47 -27.13 -17.08
N ALA A 175 -9.38 -27.70 -16.56
CA ALA A 175 -9.24 -27.89 -15.11
C ALA A 175 -9.30 -26.55 -14.38
N GLN A 176 -8.67 -25.54 -14.97
CA GLN A 176 -8.67 -24.20 -14.37
C GLN A 176 -10.02 -23.51 -14.48
N ILE A 177 -10.71 -23.74 -15.60
CA ILE A 177 -12.08 -23.25 -15.77
C ILE A 177 -13.01 -23.77 -14.66
N TYR A 178 -13.01 -25.09 -14.47
CA TYR A 178 -13.85 -25.71 -13.44
C TYR A 178 -13.52 -25.19 -12.04
N GLU A 179 -12.24 -24.98 -11.78
CA GLU A 179 -11.78 -24.44 -10.51
C GLU A 179 -12.27 -23.00 -10.29
N GLY A 180 -12.17 -22.20 -11.34
CA GLY A 180 -12.58 -20.80 -11.27
C GLY A 180 -14.07 -20.64 -11.08
N LEU A 181 -14.84 -21.40 -11.85
CA LEU A 181 -16.30 -21.37 -11.76
C LEU A 181 -16.77 -21.79 -10.37
N SER A 182 -16.04 -22.69 -9.72
CA SER A 182 -16.39 -23.16 -8.40
C SER A 182 -16.18 -22.11 -7.31
N PHE A 183 -15.43 -21.06 -7.63
CA PHE A 183 -15.24 -19.92 -6.74
C PHE A 183 -16.10 -18.75 -7.19
N GLY A 184 -16.83 -18.93 -8.29
CA GLY A 184 -17.74 -17.91 -8.80
C GLY A 184 -17.04 -16.90 -9.70
N VAL A 185 -15.92 -17.29 -10.29
CA VAL A 185 -15.18 -16.42 -11.18
C VAL A 185 -15.56 -16.71 -12.64
N GLY A 186 -15.66 -15.67 -13.45
CA GLY A 186 -15.85 -15.84 -14.89
C GLY A 186 -17.04 -15.09 -15.47
N ASP A 187 -17.69 -14.26 -14.66
CA ASP A 187 -18.80 -13.45 -15.15
C ASP A 187 -18.38 -12.34 -16.09
N ALA A 188 -17.15 -11.85 -15.94
CA ALA A 188 -16.59 -10.91 -16.91
C ALA A 188 -16.31 -11.62 -18.23
N VAL A 189 -15.50 -12.67 -18.17
CA VAL A 189 -15.16 -13.45 -19.35
C VAL A 189 -14.32 -14.66 -18.94
N ILE A 190 -14.41 -15.72 -19.73
CA ILE A 190 -13.43 -16.80 -19.68
C ILE A 190 -12.45 -16.58 -20.83
N GLY A 191 -11.29 -16.02 -20.49
CA GLY A 191 -10.37 -15.50 -21.50
C GLY A 191 -8.98 -16.09 -21.39
N VAL A 192 -8.49 -16.65 -22.49
CA VAL A 192 -7.19 -17.32 -22.50
C VAL A 192 -6.19 -16.58 -23.38
N ASN A 193 -5.02 -16.30 -22.82
CA ASN A 193 -3.86 -15.94 -23.63
C ASN A 193 -3.22 -17.22 -24.19
N PRO A 194 -3.29 -17.40 -25.52
CA PRO A 194 -2.79 -18.60 -26.16
C PRO A 194 -1.29 -18.55 -26.37
N VAL A 195 -0.66 -19.73 -26.41
CA VAL A 195 0.76 -19.83 -26.73
C VAL A 195 1.00 -19.64 -28.22
N THR A 196 0.24 -20.34 -29.05
CA THR A 196 0.41 -20.23 -30.49
C THR A 196 -0.68 -19.40 -31.17
N ASP A 197 -0.23 -18.46 -31.99
CA ASP A 197 -1.10 -17.47 -32.62
C ASP A 197 -1.56 -18.01 -33.97
N ASP A 198 -2.60 -18.85 -33.94
CA ASP A 198 -2.88 -19.75 -35.06
C ASP A 198 -4.33 -20.23 -35.05
N VAL A 199 -4.93 -20.33 -36.22
CA VAL A 199 -6.38 -20.53 -36.35
C VAL A 199 -6.88 -21.88 -35.82
N GLU A 200 -6.11 -22.93 -36.07
CA GLU A 200 -6.44 -24.25 -35.54
C GLU A 200 -6.42 -24.23 -34.02
N ASN A 201 -5.37 -23.64 -33.45
CA ASN A 201 -5.21 -23.57 -32.01
C ASN A 201 -6.25 -22.67 -31.35
N LEU A 202 -6.50 -21.52 -31.95
CA LEU A 202 -7.50 -20.59 -31.44
C LEU A 202 -8.87 -21.26 -31.36
N SER A 203 -9.24 -21.96 -32.42
CA SER A 203 -10.51 -22.68 -32.47
C SER A 203 -10.58 -23.74 -31.39
N ARG A 204 -9.51 -24.51 -31.25
CA ARG A 204 -9.42 -25.56 -30.25
C ARG A 204 -9.60 -25.03 -28.83
N VAL A 205 -8.94 -23.92 -28.53
CA VAL A 205 -9.04 -23.29 -27.22
C VAL A 205 -10.46 -22.76 -26.99
N LEU A 206 -11.00 -22.06 -27.98
CA LEU A 206 -12.39 -21.62 -27.96
C LEU A 206 -13.37 -22.79 -27.84
N ASP A 207 -13.11 -23.86 -28.58
CA ASP A 207 -13.94 -25.07 -28.50
C ASP A 207 -13.98 -25.60 -27.08
N THR A 208 -12.85 -25.51 -26.38
CA THR A 208 -12.74 -26.00 -25.01
C THR A 208 -13.51 -25.11 -24.05
N ILE A 209 -13.32 -23.80 -24.18
CA ILE A 209 -14.01 -22.84 -23.32
C ILE A 209 -15.53 -22.99 -23.47
N TYR A 210 -15.98 -23.05 -24.72
CA TYR A 210 -17.41 -23.08 -25.02
C TYR A 210 -18.06 -24.45 -24.80
N GLY A 211 -17.24 -25.49 -24.80
CA GLY A 211 -17.69 -26.81 -24.40
C GLY A 211 -18.22 -26.80 -22.98
N VAL A 212 -17.51 -26.11 -22.10
CA VAL A 212 -17.93 -25.97 -20.70
C VAL A 212 -19.13 -25.03 -20.59
N ILE A 213 -19.06 -23.90 -21.29
CA ILE A 213 -20.16 -22.92 -21.31
C ILE A 213 -21.48 -23.54 -21.76
N ASP A 214 -21.42 -24.35 -22.82
CA ASP A 214 -22.62 -24.95 -23.38
C ASP A 214 -23.13 -26.12 -22.55
N LYS A 215 -22.22 -26.89 -21.96
CA LYS A 215 -22.59 -28.04 -21.15
C LYS A 215 -23.43 -27.61 -19.95
N PHE A 216 -23.07 -26.50 -19.34
CA PHE A 216 -23.71 -26.05 -18.11
C PHE A 216 -24.57 -24.80 -18.27
N ASN A 217 -24.76 -24.38 -19.52
CA ASN A 217 -25.58 -23.22 -19.84
C ASN A 217 -25.15 -21.98 -19.06
N ILE A 218 -23.85 -21.72 -19.08
CA ILE A 218 -23.29 -20.61 -18.32
C ILE A 218 -23.53 -19.27 -19.03
N PRO A 219 -24.17 -18.33 -18.34
CA PRO A 219 -24.23 -16.95 -18.82
C PRO A 219 -22.87 -16.29 -18.68
N THR A 220 -22.10 -16.30 -19.76
CA THR A 220 -20.80 -15.64 -19.82
C THR A 220 -20.33 -15.62 -21.26
N GLN A 221 -19.08 -15.24 -21.47
CA GLN A 221 -18.51 -15.19 -22.81
C GLN A 221 -17.07 -15.72 -22.81
N GLY A 222 -16.67 -16.32 -23.92
CA GLY A 222 -15.30 -16.78 -24.08
C GLY A 222 -14.46 -15.78 -24.85
N CYS A 223 -13.14 -15.93 -24.77
CA CYS A 223 -12.22 -15.06 -25.48
C CYS A 223 -10.85 -15.69 -25.59
N VAL A 224 -10.20 -15.48 -26.72
CA VAL A 224 -8.79 -15.87 -26.87
CA VAL A 224 -8.79 -15.87 -26.87
C VAL A 224 -7.94 -14.67 -27.26
N LEU A 225 -7.03 -14.29 -26.38
CA LEU A 225 -6.33 -13.02 -26.48
C LEU A 225 -5.10 -13.06 -27.39
N ALA A 226 -5.25 -13.67 -28.56
CA ALA A 226 -4.27 -13.53 -29.63
C ALA A 226 -4.45 -12.18 -30.30
N HIS A 227 -3.57 -11.85 -31.24
CA HIS A 227 -3.74 -10.63 -32.01
C HIS A 227 -5.12 -10.59 -32.64
N VAL A 228 -5.69 -9.39 -32.74
CA VAL A 228 -7.08 -9.24 -33.18
C VAL A 228 -7.33 -9.83 -34.57
N THR A 229 -6.33 -9.75 -35.44
CA THR A 229 -6.44 -10.27 -36.80
C THR A 229 -6.70 -11.77 -36.83
N THR A 230 -6.07 -12.50 -35.91
CA THR A 230 -6.19 -13.96 -35.90
C THR A 230 -7.48 -14.43 -35.24
N GLN A 231 -7.95 -13.65 -34.26
CA GLN A 231 -9.27 -13.89 -33.69
C GLN A 231 -10.33 -13.74 -34.76
N ILE A 232 -10.24 -12.65 -35.51
CA ILE A 232 -11.19 -12.36 -36.58
C ILE A 232 -11.21 -13.48 -37.61
N GLU A 233 -10.01 -13.92 -38.02
CA GLU A 233 -9.90 -15.01 -38.98
C GLU A 233 -10.52 -16.30 -38.43
N ALA A 234 -10.20 -16.62 -37.18
CA ALA A 234 -10.76 -17.81 -36.53
C ALA A 234 -12.29 -17.75 -36.50
N ILE A 235 -12.82 -16.62 -36.09
CA ILE A 235 -14.27 -16.44 -36.00
C ILE A 235 -14.94 -16.51 -37.37
N ARG A 236 -14.32 -15.87 -38.37
CA ARG A 236 -14.81 -15.97 -39.74
C ARG A 236 -14.87 -17.40 -40.24
N ARG A 237 -13.94 -18.24 -39.75
CA ARG A 237 -13.86 -19.62 -40.20
CA ARG A 237 -13.86 -19.62 -40.20
C ARG A 237 -14.76 -20.55 -39.38
N GLY A 238 -15.45 -19.99 -38.40
CA GLY A 238 -16.50 -20.72 -37.70
C GLY A 238 -16.28 -20.99 -36.23
N ALA A 239 -15.17 -20.50 -35.70
CA ALA A 239 -14.92 -20.58 -34.25
C ALA A 239 -15.92 -19.72 -33.49
N PRO A 240 -16.29 -20.17 -32.27
CA PRO A 240 -17.22 -19.42 -31.43
C PRO A 240 -16.70 -18.04 -31.07
N GLY A 241 -17.46 -17.00 -31.40
CA GLY A 241 -17.08 -15.64 -31.08
C GLY A 241 -17.77 -15.12 -29.84
N GLY A 242 -16.98 -14.79 -28.82
CA GLY A 242 -17.48 -14.18 -27.61
C GLY A 242 -17.09 -12.71 -27.55
N LEU A 243 -16.07 -12.41 -26.75
CA LEU A 243 -15.43 -11.10 -26.82
C LEU A 243 -14.27 -11.14 -27.80
N ILE A 244 -14.04 -10.03 -28.48
CA ILE A 244 -12.84 -9.87 -29.31
C ILE A 244 -11.85 -8.93 -28.64
N PHE A 245 -10.61 -9.40 -28.49
CA PHE A 245 -9.61 -8.71 -27.68
C PHE A 245 -8.54 -8.01 -28.52
N GLN A 246 -8.11 -6.85 -28.06
CA GLN A 246 -6.85 -6.26 -28.52
C GLN A 246 -6.21 -5.42 -27.42
N SER A 247 -4.91 -5.61 -27.21
CA SER A 247 -4.12 -4.67 -26.44
C SER A 247 -3.97 -3.38 -27.25
N ILE A 248 -4.06 -2.24 -26.57
CA ILE A 248 -3.98 -0.96 -27.26
C ILE A 248 -2.92 -0.04 -26.66
N CYS A 249 -2.54 0.98 -27.42
CA CYS A 249 -1.56 1.96 -26.98
C CYS A 249 -2.04 3.36 -27.40
N GLY A 250 -1.67 4.38 -26.62
CA GLY A 250 -2.33 5.68 -26.71
C GLY A 250 -1.72 6.63 -27.73
N SER A 251 -0.98 6.09 -28.68
CA SER A 251 -0.46 6.86 -29.81
C SER A 251 -0.46 6.03 -31.07
N GLU A 252 -0.33 6.70 -32.22
CA GLU A 252 -0.25 6.01 -33.50
C GLU A 252 1.00 5.13 -33.57
N LYS A 253 2.13 5.66 -33.12
CA LYS A 253 3.37 4.91 -33.12
C LYS A 253 3.27 3.68 -32.21
N GLY A 254 2.60 3.83 -31.08
CA GLY A 254 2.36 2.72 -30.17
C GLY A 254 1.52 1.62 -30.78
N LEU A 255 0.50 2.00 -31.53
CA LEU A 255 -0.34 1.04 -32.23
C LEU A 255 0.43 0.29 -33.31
N LYS A 256 1.35 0.99 -33.98
CA LYS A 256 2.20 0.37 -34.98
C LYS A 256 3.12 -0.67 -34.36
N GLU A 257 3.69 -0.34 -33.21
CA GLU A 257 4.45 -1.31 -32.42
C GLU A 257 3.64 -2.59 -32.18
N PHE A 258 2.37 -2.42 -31.82
CA PHE A 258 1.50 -3.55 -31.52
C PHE A 258 0.95 -4.21 -32.80
N GLY A 259 1.19 -3.57 -33.94
CA GLY A 259 0.70 -4.06 -35.22
C GLY A 259 -0.79 -3.83 -35.41
N VAL A 260 -1.28 -2.71 -34.87
CA VAL A 260 -2.71 -2.43 -34.88
C VAL A 260 -3.05 -1.20 -35.71
N GLU A 261 -3.98 -1.37 -36.66
CA GLU A 261 -4.62 -0.23 -37.31
C GLU A 261 -6.02 -0.06 -36.74
N LEU A 262 -6.47 1.19 -36.65
CA LEU A 262 -7.84 1.48 -36.20
C LEU A 262 -8.87 0.71 -37.04
N ALA A 263 -8.59 0.53 -38.33
CA ALA A 263 -9.47 -0.21 -39.22
C ALA A 263 -9.72 -1.64 -38.74
N MET A 264 -8.76 -2.22 -38.03
CA MET A 264 -8.91 -3.57 -37.48
C MET A 264 -9.94 -3.60 -36.36
N LEU A 265 -10.01 -2.53 -35.59
CA LEU A 265 -10.97 -2.44 -34.49
C LEU A 265 -12.37 -2.16 -35.00
N ASP A 266 -12.46 -1.38 -36.09
CA ASP A 266 -13.72 -1.24 -36.82
C ASP A 266 -14.18 -2.61 -37.30
N GLU A 267 -13.27 -3.37 -37.89
CA GLU A 267 -13.58 -4.71 -38.39
C GLU A 267 -13.99 -5.64 -37.27
N ALA A 268 -13.35 -5.50 -36.11
CA ALA A 268 -13.68 -6.31 -34.95
C ALA A 268 -15.14 -6.15 -34.55
N ARG A 269 -15.61 -4.90 -34.53
CA ARG A 269 -17.01 -4.62 -34.20
CA ARG A 269 -17.01 -4.61 -34.20
C ARG A 269 -17.95 -5.22 -35.24
N ALA A 270 -17.58 -5.12 -36.51
CA ALA A 270 -18.41 -5.63 -37.60
C ALA A 270 -18.46 -7.17 -37.59
N VAL A 271 -17.35 -7.80 -37.25
CA VAL A 271 -17.30 -9.25 -37.15
C VAL A 271 -18.11 -9.74 -35.95
N GLY A 272 -17.96 -9.05 -34.83
CA GLY A 272 -18.78 -9.31 -33.64
C GLY A 272 -20.25 -9.28 -33.97
N ALA A 273 -20.67 -8.24 -34.69
CA ALA A 273 -22.07 -8.07 -35.06
C ALA A 273 -22.60 -9.18 -35.97
N GLU A 274 -21.73 -9.74 -36.79
CA GLU A 274 -22.14 -10.77 -37.74
C GLU A 274 -22.09 -12.19 -37.14
N PHE A 275 -21.16 -12.42 -36.21
CA PHE A 275 -20.79 -13.78 -35.84
C PHE A 275 -20.95 -14.12 -34.35
N ASN A 276 -20.82 -13.13 -33.49
CA ASN A 276 -20.55 -13.39 -32.07
C ASN A 276 -21.76 -13.76 -31.23
N ARG A 277 -21.58 -14.73 -30.35
CA ARG A 277 -22.66 -15.25 -29.51
C ARG A 277 -22.85 -14.38 -28.27
N ILE A 278 -23.36 -13.17 -28.50
CA ILE A 278 -23.50 -12.17 -27.44
C ILE A 278 -24.90 -11.58 -27.48
N ALA A 279 -25.57 -11.59 -26.32
CA ALA A 279 -26.94 -11.09 -26.22
C ALA A 279 -26.98 -9.56 -26.22
N GLY A 280 -26.14 -8.95 -25.39
CA GLY A 280 -26.07 -7.49 -25.29
C GLY A 280 -25.36 -6.86 -26.47
N GLU A 281 -25.09 -5.57 -26.37
CA GLU A 281 -24.55 -4.83 -27.50
C GLU A 281 -23.04 -4.60 -27.40
N ASN A 282 -22.44 -5.01 -26.29
CA ASN A 282 -21.00 -4.84 -26.11
C ASN A 282 -20.24 -6.15 -26.25
N CYS A 283 -19.15 -6.13 -27.03
CA CYS A 283 -18.41 -7.36 -27.31
C CYS A 283 -16.90 -7.20 -27.47
N LEU A 284 -16.39 -5.98 -27.34
CA LEU A 284 -14.94 -5.77 -27.42
C LEU A 284 -14.29 -5.81 -26.05
N TYR A 285 -13.00 -6.17 -26.03
CA TYR A 285 -12.24 -6.30 -24.79
C TYR A 285 -10.86 -5.71 -25.04
N PHE A 286 -10.52 -4.64 -24.33
CA PHE A 286 -9.19 -4.05 -24.44
C PHE A 286 -8.39 -4.22 -23.16
N GLU A 287 -7.08 -4.34 -23.30
CA GLU A 287 -6.19 -4.23 -22.14
C GLU A 287 -5.16 -3.13 -22.34
N THR A 288 -4.73 -2.55 -21.24
CA THR A 288 -3.90 -1.36 -21.26
C THR A 288 -2.90 -1.48 -20.12
N GLY A 289 -2.12 -0.43 -19.89
CA GLY A 289 -1.20 -0.41 -18.76
C GLY A 289 -0.10 0.61 -18.93
N GLN A 290 0.23 1.29 -17.83
CA GLN A 290 1.26 2.33 -17.86
C GLN A 290 2.61 1.74 -18.24
N GLY A 291 3.33 2.46 -19.09
CA GLY A 291 4.68 2.04 -19.48
C GLY A 291 4.77 1.55 -20.91
N SER A 292 3.63 1.15 -21.47
CA SER A 292 3.61 0.53 -22.79
C SER A 292 4.06 1.48 -23.90
N ALA A 293 3.53 2.70 -23.87
CA ALA A 293 3.94 3.75 -24.80
C ALA A 293 5.43 4.04 -24.67
N LEU A 294 5.90 4.18 -23.43
CA LEU A 294 7.32 4.42 -23.16
C LEU A 294 8.20 3.29 -23.72
N SER A 295 7.77 2.05 -23.51
CA SER A 295 8.49 0.90 -24.06
C SER A 295 8.60 0.96 -25.58
N ALA A 296 7.54 1.45 -26.22
CA ALA A 296 7.49 1.52 -27.68
C ALA A 296 8.22 2.74 -28.22
N GLY A 297 8.80 3.54 -27.32
CA GLY A 297 9.39 4.81 -27.70
C GLY A 297 8.38 5.72 -28.36
N ALA A 298 7.14 5.67 -27.85
CA ALA A 298 6.00 6.28 -28.53
C ALA A 298 5.21 7.17 -27.59
N ASN A 299 5.85 7.62 -26.52
CA ASN A 299 5.25 8.56 -25.58
C ASN A 299 5.52 10.02 -25.95
N PHE A 300 6.53 10.24 -26.78
CA PHE A 300 6.86 11.58 -27.28
C PHE A 300 7.06 12.59 -26.15
N GLY A 301 7.79 12.20 -25.11
CA GLY A 301 8.11 13.10 -24.01
C GLY A 301 7.00 13.21 -22.97
N ALA A 302 5.90 12.50 -23.20
CA ALA A 302 4.78 12.53 -22.27
C ALA A 302 4.91 11.46 -21.20
N ASP A 303 4.44 11.77 -20.00
CA ASP A 303 4.42 10.83 -18.88
C ASP A 303 3.44 9.69 -19.15
N GLN A 304 3.61 8.59 -18.43
CA GLN A 304 2.88 7.36 -18.68
C GLN A 304 1.42 7.38 -18.21
N VAL A 305 1.10 8.31 -17.32
CA VAL A 305 -0.29 8.45 -16.86
C VAL A 305 -1.14 9.12 -17.94
N THR A 306 -0.59 10.16 -18.55
CA THR A 306 -1.27 10.83 -19.65
C THR A 306 -1.45 9.89 -20.83
N MET A 307 -0.43 9.08 -21.10
CA MET A 307 -0.48 8.12 -22.21
C MET A 307 -1.52 7.03 -21.97
N GLU A 308 -1.61 6.59 -20.72
CA GLU A 308 -2.61 5.58 -20.33
C GLU A 308 -4.03 6.14 -20.45
N ALA A 309 -4.20 7.40 -20.08
CA ALA A 309 -5.49 8.07 -20.24
C ALA A 309 -5.92 8.09 -21.70
N ARG A 310 -4.95 8.28 -22.59
CA ARG A 310 -5.22 8.31 -24.03
C ARG A 310 -5.67 6.95 -24.57
N ASN A 311 -5.18 5.87 -23.95
CA ASN A 311 -5.72 4.53 -24.21
C ASN A 311 -7.22 4.47 -24.00
N TYR A 312 -7.69 5.06 -22.90
CA TYR A 312 -9.10 5.03 -22.55
C TYR A 312 -9.92 5.88 -23.51
N GLY A 313 -9.38 7.02 -23.93
CA GLY A 313 -10.01 7.86 -24.94
C GLY A 313 -10.18 7.12 -26.26
N LEU A 314 -9.16 6.36 -26.63
CA LEU A 314 -9.23 5.51 -27.81
C LEU A 314 -10.26 4.41 -27.63
N ALA A 315 -10.23 3.76 -26.46
CA ALA A 315 -11.10 2.63 -26.17
C ALA A 315 -12.56 3.05 -26.16
N ARG A 316 -12.82 4.25 -25.62
CA ARG A 316 -14.19 4.75 -25.48
C ARG A 316 -14.91 4.81 -26.82
N HIS A 317 -14.15 5.10 -27.88
CA HIS A 317 -14.70 5.19 -29.22
C HIS A 317 -15.37 3.90 -29.67
N TYR A 318 -14.91 2.77 -29.15
CA TYR A 318 -15.38 1.47 -29.61
C TYR A 318 -16.36 0.80 -28.63
N ASP A 319 -16.76 1.56 -27.61
CA ASP A 319 -17.73 1.09 -26.60
C ASP A 319 -17.59 -0.38 -26.24
N PRO A 320 -16.44 -0.75 -25.65
CA PRO A 320 -16.15 -2.14 -25.32
C PRO A 320 -16.99 -2.64 -24.14
N PHE A 321 -17.16 -3.95 -24.06
CA PHE A 321 -17.77 -4.57 -22.87
C PHE A 321 -16.90 -4.40 -21.64
N ILE A 322 -15.59 -4.59 -21.80
CA ILE A 322 -14.65 -4.46 -20.69
C ILE A 322 -13.30 -3.90 -21.12
N VAL A 323 -12.69 -3.13 -20.23
CA VAL A 323 -11.29 -2.74 -20.35
C VAL A 323 -10.65 -2.95 -18.98
N ASN A 324 -9.44 -3.47 -18.96
CA ASN A 324 -8.63 -3.40 -17.75
C ASN A 324 -7.20 -2.99 -18.03
N THR A 325 -6.67 -2.14 -17.16
CA THR A 325 -5.24 -1.95 -17.07
C THR A 325 -4.63 -3.24 -16.52
N VAL A 326 -3.43 -3.56 -16.99
CA VAL A 326 -2.68 -4.64 -16.37
C VAL A 326 -1.55 -3.99 -15.58
N VAL A 327 -1.86 -3.69 -14.31
CA VAL A 327 -1.24 -2.57 -13.63
C VAL A 327 0.27 -2.72 -13.45
N GLY A 328 0.70 -3.89 -13.02
CA GLY A 328 2.12 -4.17 -12.84
C GLY A 328 2.60 -5.35 -13.67
N PHE A 329 2.16 -5.39 -14.93
CA PHE A 329 2.39 -6.54 -15.79
C PHE A 329 3.81 -6.62 -16.34
N ILE A 330 4.49 -5.48 -16.43
CA ILE A 330 5.74 -5.40 -17.16
C ILE A 330 6.99 -5.52 -16.28
N GLY A 331 7.16 -4.58 -15.35
CA GLY A 331 8.32 -4.62 -14.47
C GLY A 331 8.59 -3.33 -13.70
N PRO A 332 9.61 -3.36 -12.83
CA PRO A 332 9.95 -2.30 -11.89
C PRO A 332 10.44 -1.05 -12.60
N GLU A 333 10.83 -1.21 -13.92
CA GLU A 333 11.29 -0.05 -14.68
C GLU A 333 10.19 0.99 -14.92
N TYR A 334 8.92 0.55 -14.80
CA TYR A 334 7.81 1.49 -14.99
C TYR A 334 7.04 1.76 -13.70
N LEU A 335 6.83 0.72 -12.92
CA LEU A 335 6.30 0.85 -11.56
C LEU A 335 7.10 -0.04 -10.61
N TYR A 336 7.82 0.58 -9.68
CA TYR A 336 8.89 -0.11 -8.95
C TYR A 336 8.40 -1.02 -7.83
N ASN A 337 7.39 -0.59 -7.09
CA ASN A 337 7.05 -1.23 -5.81
C ASN A 337 5.55 -1.18 -5.48
N ASP A 338 5.21 -1.61 -4.26
CA ASP A 338 3.82 -1.61 -3.79
C ASP A 338 3.16 -0.25 -3.97
N ARG A 339 3.80 0.77 -3.41
CA ARG A 339 3.25 2.12 -3.37
C ARG A 339 2.88 2.60 -4.76
N GLN A 340 3.83 2.44 -5.70
CA GLN A 340 3.64 2.93 -7.06
C GLN A 340 2.60 2.12 -7.82
N ILE A 341 2.60 0.81 -7.63
CA ILE A 341 1.63 -0.06 -8.30
C ILE A 341 0.20 0.23 -7.81
N ILE A 342 0.04 0.39 -6.50
CA ILE A 342 -1.26 0.78 -5.94
C ILE A 342 -1.74 2.10 -6.55
N ARG A 343 -0.88 3.11 -6.51
CA ARG A 343 -1.22 4.44 -7.00
C ARG A 343 -1.65 4.40 -8.47
N ALA A 344 -0.90 3.66 -9.28
CA ALA A 344 -1.19 3.55 -10.70
C ALA A 344 -2.53 2.86 -10.94
N GLY A 345 -2.79 1.79 -10.18
CA GLY A 345 -4.06 1.08 -10.26
C GLY A 345 -5.25 1.97 -9.97
N LEU A 346 -5.13 2.79 -8.92
CA LEU A 346 -6.17 3.74 -8.58
C LEU A 346 -6.34 4.82 -9.65
N GLU A 347 -5.21 5.32 -10.17
CA GLU A 347 -5.22 6.30 -11.26
C GLU A 347 -5.90 5.72 -12.49
N ASP A 348 -5.42 4.55 -12.93
CA ASP A 348 -5.92 3.91 -14.13
C ASP A 348 -7.43 3.69 -14.05
N HIS A 349 -7.88 3.13 -12.94
CA HIS A 349 -9.31 2.87 -12.76
C HIS A 349 -10.13 4.16 -12.77
N PHE A 350 -9.68 5.16 -12.04
CA PHE A 350 -10.38 6.44 -11.98
C PHE A 350 -10.48 7.05 -13.37
N MET A 351 -9.36 7.06 -14.10
CA MET A 351 -9.32 7.64 -15.43
C MET A 351 -10.23 6.92 -16.41
N GLY A 352 -10.27 5.59 -16.32
CA GLY A 352 -11.15 4.79 -17.15
C GLY A 352 -12.61 5.12 -16.92
N LYS A 353 -13.00 5.19 -15.64
CA LYS A 353 -14.37 5.52 -15.29
C LYS A 353 -14.75 6.94 -15.67
N LEU A 354 -13.82 7.89 -15.49
CA LEU A 354 -14.03 9.25 -15.96
C LEU A 354 -14.18 9.30 -17.48
N SER A 355 -13.44 8.45 -18.19
CA SER A 355 -13.54 8.36 -19.65
C SER A 355 -14.82 7.66 -20.11
N GLY A 356 -15.57 7.10 -19.16
CA GLY A 356 -16.82 6.43 -19.47
C GLY A 356 -16.67 5.03 -20.05
N ILE A 357 -15.56 4.36 -19.71
CA ILE A 357 -15.41 2.95 -20.10
C ILE A 357 -15.57 1.97 -18.94
N SER A 358 -15.81 0.72 -19.29
CA SER A 358 -16.13 -0.32 -18.32
C SER A 358 -14.85 -0.85 -17.68
N MET A 359 -14.34 -0.10 -16.72
CA MET A 359 -12.94 -0.24 -16.31
C MET A 359 -12.75 -1.26 -15.20
N GLY A 360 -11.90 -2.25 -15.45
CA GLY A 360 -11.43 -3.15 -14.42
C GLY A 360 -9.93 -3.03 -14.21
N CYS A 361 -9.36 -3.93 -13.42
CA CYS A 361 -7.91 -3.92 -13.20
C CYS A 361 -7.39 -5.33 -12.99
N ASP A 362 -6.36 -5.70 -13.74
CA ASP A 362 -5.55 -6.85 -13.37
C ASP A 362 -4.60 -6.42 -12.28
N CYS A 363 -5.00 -6.68 -11.03
CA CYS A 363 -4.14 -6.37 -9.88
C CYS A 363 -3.00 -7.37 -9.82
N CYS A 364 -1.82 -6.94 -10.24
CA CYS A 364 -0.72 -7.86 -10.48
C CYS A 364 0.66 -7.25 -10.25
N TYR A 365 1.67 -8.12 -10.23
CA TYR A 365 3.06 -7.70 -10.11
C TYR A 365 3.93 -8.79 -10.72
N THR A 366 5.19 -8.46 -10.99
CA THR A 366 6.15 -9.42 -11.49
C THR A 366 7.18 -9.73 -10.42
N ASN A 367 7.93 -10.81 -10.64
CA ASN A 367 8.87 -11.31 -9.63
C ASN A 367 10.20 -10.57 -9.61
N HIS A 368 10.41 -9.70 -10.60
CA HIS A 368 11.57 -8.80 -10.58
C HIS A 368 11.21 -7.38 -10.14
N ALA A 369 9.95 -7.18 -9.76
CA ALA A 369 9.51 -5.94 -9.13
C ALA A 369 9.55 -6.06 -7.61
N ASP A 370 9.63 -4.92 -6.94
CA ASP A 370 9.69 -4.89 -5.48
C ASP A 370 8.29 -5.03 -4.88
N ALA A 371 7.74 -6.24 -4.95
CA ALA A 371 6.34 -6.47 -4.64
C ALA A 371 6.10 -7.92 -4.25
N ASP A 372 4.96 -8.17 -3.60
CA ASP A 372 4.51 -9.54 -3.35
C ASP A 372 2.99 -9.63 -3.36
N GLN A 373 2.46 -10.78 -2.95
CA GLN A 373 1.05 -11.07 -3.12
C GLN A 373 0.16 -10.22 -2.22
N ASN A 374 0.73 -9.76 -1.11
CA ASN A 374 0.02 -8.87 -0.19
C ASN A 374 -0.31 -7.53 -0.84
N LEU A 375 0.49 -7.15 -1.83
CA LEU A 375 0.20 -5.98 -2.66
C LEU A 375 -1.07 -6.19 -3.50
N ASN A 376 -1.15 -7.33 -4.17
CA ASN A 376 -2.33 -7.67 -4.96
C ASN A 376 -3.60 -7.65 -4.10
N GLU A 377 -3.46 -8.13 -2.87
CA GLU A 377 -4.58 -8.21 -1.97
C GLU A 377 -4.96 -6.83 -1.41
N ASN A 378 -3.97 -6.00 -1.13
CA ASN A 378 -4.22 -4.60 -0.80
C ASN A 378 -4.98 -3.89 -1.91
N LEU A 379 -4.45 -3.96 -3.12
CA LEU A 379 -4.96 -3.17 -4.24
C LEU A 379 -6.34 -3.65 -4.70
N MET A 380 -6.54 -4.96 -4.70
CA MET A 380 -7.80 -5.53 -5.15
C MET A 380 -8.94 -5.03 -4.28
N ILE A 381 -8.69 -4.89 -2.98
CA ILE A 381 -9.72 -4.49 -2.03
C ILE A 381 -10.01 -3.00 -2.15
N LEU A 382 -8.95 -2.19 -2.25
CA LEU A 382 -9.08 -0.76 -2.48
C LEU A 382 -9.89 -0.47 -3.74
N LEU A 383 -9.51 -1.10 -4.84
CA LEU A 383 -10.20 -0.91 -6.12
C LEU A 383 -11.64 -1.41 -6.09
N ALA A 384 -11.86 -2.50 -5.36
CA ALA A 384 -13.23 -3.00 -5.16
C ALA A 384 -14.11 -1.95 -4.48
N THR A 385 -13.58 -1.28 -3.45
CA THR A 385 -14.32 -0.18 -2.82
C THR A 385 -14.53 0.97 -3.81
N ALA A 386 -13.62 1.10 -4.77
CA ALA A 386 -13.74 2.12 -5.82
C ALA A 386 -14.78 1.78 -6.88
N GLY A 387 -15.34 0.57 -6.82
CA GLY A 387 -16.29 0.10 -7.82
C GLY A 387 -15.66 -0.46 -9.08
N CYS A 388 -14.38 -0.86 -8.97
CA CYS A 388 -13.72 -1.61 -10.04
C CYS A 388 -14.67 -2.66 -10.61
N ASN A 389 -14.81 -2.68 -11.94
CA ASN A 389 -15.78 -3.57 -12.58
C ASN A 389 -15.41 -5.05 -12.47
N TYR A 390 -14.13 -5.35 -12.54
CA TYR A 390 -13.67 -6.73 -12.48
C TYR A 390 -12.15 -6.84 -12.26
N ILE A 391 -11.72 -7.99 -11.75
CA ILE A 391 -10.30 -8.33 -11.69
C ILE A 391 -10.09 -9.69 -12.37
N MET A 392 -8.86 -10.19 -12.36
CA MET A 392 -8.57 -11.52 -12.89
C MET A 392 -8.78 -12.59 -11.82
N GLY A 393 -8.88 -13.83 -12.26
CA GLY A 393 -8.80 -14.98 -11.38
C GLY A 393 -7.96 -16.08 -12.00
N MET A 394 -6.95 -16.53 -11.26
CA MET A 394 -6.23 -17.76 -11.57
C MET A 394 -6.06 -18.55 -10.29
N PRO A 395 -5.73 -19.85 -10.40
CA PRO A 395 -5.54 -20.66 -9.19
C PRO A 395 -4.41 -20.11 -8.33
N LEU A 396 -4.78 -19.53 -7.18
CA LEU A 396 -3.84 -18.86 -6.30
C LEU A 396 -3.13 -17.66 -6.93
N GLY A 397 -3.55 -17.31 -8.14
CA GLY A 397 -3.00 -16.16 -8.85
C GLY A 397 -1.72 -16.45 -9.62
N ASP A 398 -1.33 -17.72 -9.65
CA ASP A 398 -0.08 -18.13 -10.30
C ASP A 398 -0.29 -18.42 -11.78
N ASP A 399 0.14 -17.49 -12.63
CA ASP A 399 0.13 -17.71 -14.08
C ASP A 399 1.35 -18.53 -14.49
N ILE A 400 1.10 -19.76 -14.92
CA ILE A 400 2.18 -20.72 -15.18
C ILE A 400 2.83 -20.48 -16.54
N MET A 401 2.41 -19.44 -17.24
CA MET A 401 2.75 -19.28 -18.64
C MET A 401 3.01 -17.82 -19.03
N LEU A 402 2.37 -16.89 -18.33
CA LEU A 402 2.65 -15.46 -18.51
C LEU A 402 3.65 -14.98 -17.47
N ASN A 403 3.98 -15.85 -16.52
CA ASN A 403 5.08 -15.61 -15.58
C ASN A 403 4.88 -14.34 -14.76
N TYR A 404 3.77 -14.29 -14.04
CA TYR A 404 3.54 -13.21 -13.07
C TYR A 404 2.46 -13.66 -12.09
N GLN A 405 2.18 -12.83 -11.09
CA GLN A 405 1.16 -13.16 -10.12
C GLN A 405 0.02 -12.17 -10.13
N THR A 406 -1.17 -12.67 -10.48
CA THR A 406 -2.38 -11.89 -10.44
C THR A 406 -3.17 -12.29 -9.19
N THR A 407 -4.47 -12.00 -9.17
CA THR A 407 -5.30 -12.35 -8.03
C THR A 407 -5.84 -13.77 -8.12
N ALA A 408 -6.09 -14.37 -6.96
CA ALA A 408 -6.61 -15.73 -6.89
C ALA A 408 -8.12 -15.76 -7.14
N PHE A 409 -8.64 -16.93 -7.48
CA PHE A 409 -10.08 -17.19 -7.43
C PHE A 409 -10.60 -16.86 -6.03
N HIS A 410 -9.85 -17.29 -5.02
CA HIS A 410 -10.12 -16.96 -3.63
C HIS A 410 -10.44 -15.47 -3.44
N ASP A 411 -9.65 -14.61 -4.10
CA ASP A 411 -9.70 -13.18 -3.86
C ASP A 411 -11.01 -12.53 -4.31
N THR A 412 -11.62 -13.08 -5.35
CA THR A 412 -12.90 -12.58 -5.83
C THR A 412 -14.02 -12.91 -4.83
N ALA A 413 -14.00 -14.14 -4.34
CA ALA A 413 -14.92 -14.56 -3.28
C ALA A 413 -14.71 -13.76 -1.99
N THR A 414 -13.45 -13.47 -1.68
CA THR A 414 -13.10 -12.68 -0.50
C THR A 414 -13.68 -11.27 -0.62
N VAL A 415 -13.38 -10.61 -1.73
CA VAL A 415 -13.87 -9.26 -1.99
C VAL A 415 -15.39 -9.19 -1.91
N ARG A 416 -16.05 -10.11 -2.60
CA ARG A 416 -17.51 -10.16 -2.62
C ARG A 416 -18.11 -10.33 -1.22
N GLN A 417 -17.54 -11.24 -0.44
CA GLN A 417 -18.10 -11.54 0.87
C GLN A 417 -17.70 -10.51 1.92
N LEU A 418 -16.54 -9.88 1.74
CA LEU A 418 -16.09 -8.79 2.59
C LEU A 418 -16.97 -7.56 2.45
N LEU A 419 -17.29 -7.20 1.22
CA LEU A 419 -17.94 -5.93 0.91
C LEU A 419 -19.42 -6.07 0.57
N ASN A 420 -19.94 -7.29 0.69
CA ASN A 420 -21.34 -7.55 0.36
C ASN A 420 -21.66 -7.19 -1.09
N LEU A 421 -20.80 -7.65 -2.00
CA LEU A 421 -21.00 -7.44 -3.42
C LEU A 421 -21.37 -8.75 -4.10
N ARG A 422 -22.19 -8.66 -5.15
CA ARG A 422 -22.65 -9.84 -5.87
C ARG A 422 -21.95 -9.93 -7.22
N PRO A 423 -21.98 -11.12 -7.86
CA PRO A 423 -21.52 -11.22 -9.24
C PRO A 423 -22.49 -10.50 -10.17
N SER A 424 -22.18 -10.48 -11.46
CA SER A 424 -23.17 -10.16 -12.48
C SER A 424 -24.45 -10.96 -12.19
N PRO A 425 -25.61 -10.28 -12.25
CA PRO A 425 -26.88 -10.91 -11.85
C PRO A 425 -27.18 -12.18 -12.66
N GLU A 426 -26.84 -12.17 -13.94
CA GLU A 426 -27.07 -13.33 -14.80
C GLU A 426 -26.22 -14.50 -14.32
N PHE A 427 -24.95 -14.22 -14.06
CA PHE A 427 -24.02 -15.22 -13.58
C PHE A 427 -24.39 -15.68 -12.17
N GLU A 428 -24.84 -14.74 -11.33
CA GLU A 428 -25.26 -15.06 -9.98
C GLU A 428 -26.39 -16.10 -9.97
N ARG A 429 -27.37 -15.91 -10.85
CA ARG A 429 -28.47 -16.88 -11.01
C ARG A 429 -27.93 -18.28 -11.30
N TRP A 430 -26.95 -18.35 -12.21
CA TRP A 430 -26.35 -19.63 -12.58
C TRP A 430 -25.61 -20.28 -11.41
N LEU A 431 -24.82 -19.48 -10.70
CA LEU A 431 -24.11 -19.97 -9.51
C LEU A 431 -25.08 -20.55 -8.48
N GLU A 432 -26.19 -19.84 -8.25
CA GLU A 432 -27.23 -20.32 -7.35
C GLU A 432 -27.80 -21.67 -7.78
N SER A 433 -28.13 -21.79 -9.07
CA SER A 433 -28.73 -23.02 -9.58
CA SER A 433 -28.73 -23.02 -9.58
C SER A 433 -27.73 -24.18 -9.54
N MET A 434 -26.44 -23.84 -9.64
CA MET A 434 -25.38 -24.84 -9.55
C MET A 434 -25.11 -25.24 -8.09
N GLY A 435 -25.66 -24.48 -7.16
CA GLY A 435 -25.44 -24.74 -5.73
C GLY A 435 -24.11 -24.22 -5.24
N ILE A 436 -23.49 -23.33 -6.02
CA ILE A 436 -22.19 -22.78 -5.68
C ILE A 436 -22.31 -21.54 -4.79
N MET A 437 -23.39 -20.79 -4.98
CA MET A 437 -23.58 -19.54 -4.25
C MET A 437 -24.97 -19.46 -3.64
N ALA A 438 -25.03 -18.95 -2.41
CA ALA A 438 -26.30 -18.58 -1.78
C ALA A 438 -26.16 -17.24 -1.08
N ASN A 439 -27.02 -16.29 -1.45
CA ASN A 439 -26.98 -14.95 -0.88
C ASN A 439 -25.61 -14.30 -0.98
N GLY A 440 -24.99 -14.39 -2.15
CA GLY A 440 -23.70 -13.77 -2.40
C GLY A 440 -22.51 -14.53 -1.84
N ARG A 441 -22.78 -15.57 -1.07
CA ARG A 441 -21.71 -16.29 -0.36
C ARG A 441 -21.50 -17.69 -0.92
N LEU A 442 -20.25 -18.11 -0.98
CA LEU A 442 -19.92 -19.48 -1.37
C LEU A 442 -20.55 -20.47 -0.40
N THR A 443 -21.27 -21.44 -0.95
CA THR A 443 -21.80 -22.55 -0.16
C THR A 443 -20.68 -23.47 0.29
N LYS A 444 -21.01 -24.41 1.18
CA LYS A 444 -20.04 -25.39 1.66
C LYS A 444 -19.42 -26.18 0.51
N ARG A 445 -20.23 -26.50 -0.49
CA ARG A 445 -19.81 -27.37 -1.58
C ARG A 445 -19.03 -26.62 -2.65
N ALA A 446 -18.90 -25.31 -2.47
CA ALA A 446 -18.19 -24.47 -3.44
C ALA A 446 -16.68 -24.55 -3.29
N GLY A 447 -15.95 -24.06 -4.30
CA GLY A 447 -14.50 -24.09 -4.29
C GLY A 447 -13.95 -25.47 -4.60
N ASP A 448 -14.80 -26.32 -5.17
CA ASP A 448 -14.45 -27.69 -5.48
C ASP A 448 -14.85 -28.02 -6.92
N PRO A 449 -13.86 -28.08 -7.82
CA PRO A 449 -14.12 -28.25 -9.25
C PRO A 449 -14.75 -29.61 -9.58
N SER A 450 -14.67 -30.56 -8.64
CA SER A 450 -15.28 -31.88 -8.83
CA SER A 450 -15.27 -31.87 -8.85
C SER A 450 -16.80 -31.81 -8.78
N LEU A 451 -17.33 -30.67 -8.34
CA LEU A 451 -18.77 -30.45 -8.29
C LEU A 451 -19.38 -30.57 -9.68
N PHE A 452 -18.58 -30.24 -10.69
CA PHE A 452 -19.05 -30.24 -12.08
C PHE A 452 -19.05 -31.63 -12.71
N PHE A 453 -18.62 -32.63 -11.95
CA PHE A 453 -18.43 -33.98 -12.48
C PHE A 453 -19.33 -35.01 -11.82
N ALA B 55 5.99 -33.92 8.68
CA ALA B 55 7.22 -33.34 8.09
C ALA B 55 7.12 -33.26 6.57
N LEU B 56 7.06 -32.03 6.05
CA LEU B 56 6.90 -31.81 4.62
C LEU B 56 7.80 -30.68 4.12
N ASP B 57 8.58 -30.96 3.09
CA ASP B 57 9.35 -29.93 2.41
C ASP B 57 8.49 -29.29 1.32
N LEU B 58 8.25 -27.98 1.45
CA LEU B 58 7.32 -27.26 0.58
C LEU B 58 7.75 -27.28 -0.88
N GLY B 59 9.02 -27.65 -1.13
CA GLY B 59 9.55 -27.73 -2.48
C GLY B 59 9.43 -29.12 -3.08
N SER B 60 8.95 -30.08 -2.30
CA SER B 60 8.89 -31.47 -2.73
C SER B 60 7.76 -31.73 -3.73
N ALA B 61 7.79 -32.91 -4.36
CA ALA B 61 6.74 -33.32 -5.27
C ALA B 61 5.42 -33.57 -4.54
N GLU B 62 5.53 -34.04 -3.30
CA GLU B 62 4.36 -34.30 -2.46
C GLU B 62 3.60 -33.00 -2.14
N ALA B 63 4.35 -31.95 -1.81
CA ALA B 63 3.76 -30.64 -1.57
C ALA B 63 3.06 -30.12 -2.83
N LYS B 64 3.69 -30.35 -3.98
CA LYS B 64 3.15 -29.89 -5.26
C LYS B 64 1.90 -30.64 -5.66
N ALA B 65 1.77 -31.88 -5.19
CA ALA B 65 0.65 -32.75 -5.57
C ALA B 65 -0.49 -32.69 -4.56
N TRP B 66 -0.29 -31.94 -3.48
CA TRP B 66 -1.26 -31.89 -2.38
C TRP B 66 -2.65 -31.44 -2.84
N ILE B 67 -3.65 -32.30 -2.62
CA ILE B 67 -5.05 -31.92 -2.77
C ILE B 67 -5.55 -31.41 -1.42
N GLY B 68 -6.20 -30.23 -1.43
CA GLY B 68 -6.58 -29.58 -0.20
C GLY B 68 -8.08 -29.46 0.00
N VAL B 69 -8.85 -29.79 -1.04
CA VAL B 69 -10.31 -29.70 -0.99
C VAL B 69 -10.86 -30.56 0.15
N GLU B 70 -11.74 -29.97 0.96
CA GLU B 70 -12.12 -30.55 2.25
C GLU B 70 -12.92 -31.84 2.12
N ASN B 71 -14.21 -31.72 1.79
CA ASN B 71 -15.05 -32.89 1.55
C ASN B 71 -15.48 -32.97 0.09
N PRO B 72 -14.63 -33.61 -0.74
CA PRO B 72 -14.78 -33.57 -2.20
C PRO B 72 -16.02 -34.29 -2.69
N HIS B 73 -16.73 -33.68 -3.63
CA HIS B 73 -17.87 -34.33 -4.27
C HIS B 73 -17.41 -35.59 -5.01
N ARG B 74 -16.23 -35.52 -5.60
CA ARG B 74 -15.68 -36.64 -6.36
C ARG B 74 -14.16 -36.56 -6.37
N ALA B 75 -13.53 -37.22 -5.41
CA ALA B 75 -12.10 -37.03 -5.12
C ALA B 75 -11.18 -37.63 -6.17
N ASP B 76 -11.67 -38.60 -6.93
CA ASP B 76 -10.88 -39.19 -8.01
C ASP B 76 -10.74 -38.22 -9.18
N VAL B 77 -11.82 -37.49 -9.45
CA VAL B 77 -11.78 -36.39 -10.40
C VAL B 77 -10.72 -35.36 -10.01
N LEU B 78 -10.66 -35.03 -8.73
CA LEU B 78 -9.69 -34.06 -8.23
C LEU B 78 -8.25 -34.43 -8.55
N THR B 79 -7.86 -35.68 -8.29
CA THR B 79 -6.51 -36.13 -8.59
C THR B 79 -6.24 -36.06 -10.09
N GLU B 80 -7.24 -36.43 -10.88
CA GLU B 80 -7.15 -36.35 -12.34
C GLU B 80 -7.00 -34.89 -12.81
N LEU B 81 -7.71 -33.99 -12.14
CA LEU B 81 -7.57 -32.56 -12.41
C LEU B 81 -6.17 -32.06 -12.04
N ARG B 82 -5.69 -32.46 -10.87
CA ARG B 82 -4.39 -32.03 -10.37
C ARG B 82 -3.25 -32.53 -11.25
N ARG B 83 -3.41 -33.73 -11.79
CA ARG B 83 -2.43 -34.33 -12.67
C ARG B 83 -2.35 -33.62 -14.02
N SER B 84 -3.46 -32.99 -14.41
CA SER B 84 -3.61 -32.50 -15.78
C SER B 84 -3.02 -31.09 -15.98
N THR B 85 -2.57 -30.48 -14.89
CA THR B 85 -2.06 -29.11 -14.97
C THR B 85 -0.95 -28.83 -13.95
N VAL B 86 -0.13 -27.83 -14.28
CA VAL B 86 0.88 -27.33 -13.35
C VAL B 86 0.33 -26.14 -12.55
N ALA B 87 -0.86 -25.70 -12.93
CA ALA B 87 -1.56 -24.66 -12.18
C ALA B 87 -1.95 -25.17 -10.79
N ARG B 88 -2.00 -24.26 -9.82
CA ARG B 88 -2.23 -24.63 -8.43
C ARG B 88 -3.71 -24.82 -8.13
N VAL B 89 -4.30 -25.82 -8.78
CA VAL B 89 -5.71 -26.16 -8.60
C VAL B 89 -5.89 -27.10 -7.41
N CYS B 90 -7.14 -27.23 -6.96
CA CYS B 90 -7.52 -28.28 -6.01
C CYS B 90 -6.85 -28.14 -4.64
N THR B 91 -6.48 -26.92 -4.26
CA THR B 91 -5.87 -26.69 -2.95
C THR B 91 -6.93 -26.39 -1.89
N GLY B 92 -8.17 -26.26 -2.31
CA GLY B 92 -9.27 -26.02 -1.37
C GLY B 92 -9.29 -24.61 -0.84
N ARG B 93 -9.88 -24.43 0.34
CA ARG B 93 -10.06 -23.10 0.91
C ARG B 93 -10.33 -23.16 2.41
N ALA B 94 -10.20 -22.00 3.06
CA ALA B 94 -10.75 -21.79 4.40
C ALA B 94 -11.60 -20.53 4.34
N GLY B 95 -12.92 -20.70 4.40
CA GLY B 95 -13.83 -19.69 3.91
C GLY B 95 -13.52 -19.35 2.47
N PRO B 96 -13.33 -18.06 2.16
CA PRO B 96 -12.92 -17.63 0.83
C PRO B 96 -11.41 -17.49 0.67
N ARG B 97 -10.66 -17.82 1.73
CA ARG B 97 -9.22 -17.63 1.74
C ARG B 97 -8.49 -18.94 1.42
N PRO B 98 -7.22 -18.84 0.98
CA PRO B 98 -6.46 -20.06 0.71
C PRO B 98 -6.18 -20.86 1.98
N ARG B 99 -5.99 -22.17 1.81
CA ARG B 99 -5.56 -23.01 2.92
C ARG B 99 -4.11 -22.70 3.28
N THR B 100 -3.74 -23.01 4.52
CA THR B 100 -2.44 -22.63 5.06
C THR B 100 -1.27 -23.22 4.27
N GLN B 101 -1.33 -24.52 3.99
CA GLN B 101 -0.26 -25.20 3.26
C GLN B 101 -0.06 -24.59 1.89
N ALA B 102 -1.17 -24.24 1.23
CA ALA B 102 -1.13 -23.61 -0.08
C ALA B 102 -0.46 -22.24 -0.03
N LEU B 103 -0.78 -21.46 1.00
CA LEU B 103 -0.17 -20.16 1.20
C LEU B 103 1.33 -20.29 1.48
N LEU B 104 1.68 -21.26 2.31
CA LEU B 104 3.09 -21.49 2.67
C LEU B 104 3.95 -21.86 1.47
N ARG B 105 3.41 -22.71 0.60
CA ARG B 105 4.15 -23.15 -0.58
C ARG B 105 4.26 -22.03 -1.60
N PHE B 106 3.22 -21.22 -1.70
CA PHE B 106 3.22 -20.01 -2.50
C PHE B 106 4.36 -19.09 -2.06
N LEU B 107 4.47 -18.89 -0.75
CA LEU B 107 5.49 -18.00 -0.18
C LEU B 107 6.89 -18.57 -0.38
N ALA B 108 7.01 -19.89 -0.26
CA ALA B 108 8.28 -20.57 -0.46
C ALA B 108 8.74 -20.42 -1.91
N ASP B 109 7.83 -20.68 -2.85
CA ASP B 109 8.13 -20.55 -4.27
C ASP B 109 8.51 -19.11 -4.64
N HIS B 110 7.86 -18.13 -4.02
CA HIS B 110 8.16 -16.74 -4.31
C HIS B 110 9.56 -16.34 -3.85
N SER B 111 9.95 -16.81 -2.67
CA SER B 111 11.28 -16.57 -2.13
C SER B 111 12.36 -17.10 -3.07
N ARG B 112 12.10 -18.26 -3.66
CA ARG B 112 13.05 -18.88 -4.59
C ARG B 112 12.98 -18.20 -5.95
N SER B 113 11.79 -17.73 -6.32
CA SER B 113 11.60 -17.01 -7.57
C SER B 113 12.40 -15.70 -7.58
N LYS B 114 12.35 -14.97 -6.48
CA LYS B 114 13.07 -13.71 -6.33
C LYS B 114 14.56 -13.87 -6.59
N ASP B 115 15.11 -15.01 -6.17
CA ASP B 115 16.53 -15.29 -6.31
C ASP B 115 16.92 -15.52 -7.77
N THR B 116 16.00 -16.07 -8.55
CA THR B 116 16.29 -16.41 -9.95
C THR B 116 16.38 -15.17 -10.84
N VAL B 117 15.74 -14.08 -10.42
CA VAL B 117 15.85 -12.83 -11.17
C VAL B 117 17.23 -12.18 -10.99
N LEU B 118 17.87 -12.46 -9.86
CA LEU B 118 19.12 -11.80 -9.51
C LEU B 118 20.36 -12.61 -9.90
N LYS B 119 20.17 -13.91 -10.11
CA LYS B 119 21.30 -14.81 -10.36
C LYS B 119 21.87 -14.62 -11.75
N GLU B 120 23.20 -14.72 -11.84
CA GLU B 120 23.90 -14.52 -13.10
C GLU B 120 24.77 -15.73 -13.44
N VAL B 121 24.78 -16.09 -14.72
CA VAL B 121 25.63 -17.17 -15.20
C VAL B 121 27.11 -16.74 -15.11
N PRO B 122 27.96 -17.62 -14.56
CA PRO B 122 29.39 -17.34 -14.50
C PRO B 122 29.96 -16.99 -15.87
N GLU B 123 30.93 -16.08 -15.89
CA GLU B 123 31.69 -15.78 -17.10
C GLU B 123 32.36 -17.05 -17.62
N GLU B 124 32.69 -17.95 -16.70
CA GLU B 124 33.39 -19.19 -17.04
C GLU B 124 32.50 -20.13 -17.84
N TRP B 125 31.20 -20.14 -17.52
CA TRP B 125 30.27 -21.02 -18.20
C TRP B 125 30.05 -20.61 -19.65
N VAL B 126 29.88 -19.32 -19.87
CA VAL B 126 29.78 -18.76 -21.22
C VAL B 126 31.01 -19.13 -22.05
N LYS B 127 32.18 -19.02 -21.44
CA LYS B 127 33.43 -19.38 -22.08
C LYS B 127 33.51 -20.89 -22.35
N ALA B 128 32.98 -21.68 -21.42
CA ALA B 128 33.03 -23.13 -21.53
C ALA B 128 32.12 -23.65 -22.64
N GLN B 129 31.10 -22.87 -22.99
CA GLN B 129 30.25 -23.21 -24.14
C GLN B 129 30.91 -22.83 -25.46
N GLY B 130 32.09 -22.20 -25.37
CA GLY B 130 32.79 -21.72 -26.56
C GLY B 130 32.16 -20.47 -27.14
N LEU B 131 31.50 -19.69 -26.28
CA LEU B 131 30.75 -18.51 -26.71
C LEU B 131 31.51 -17.23 -26.48
N LEU B 132 31.54 -16.37 -27.49
CA LEU B 132 31.93 -14.98 -27.33
C LEU B 132 30.94 -14.28 -26.38
N GLU B 133 31.45 -13.72 -25.30
CA GLU B 133 30.61 -12.89 -24.44
C GLU B 133 30.74 -11.41 -24.74
N VAL B 134 29.62 -10.81 -25.13
CA VAL B 134 29.49 -9.36 -25.25
C VAL B 134 28.40 -8.92 -24.28
N ARG B 135 28.28 -7.62 -24.05
CA ARG B 135 27.21 -7.11 -23.20
C ARG B 135 26.59 -5.81 -23.73
N SER B 136 25.48 -5.42 -23.14
CA SER B 136 24.83 -4.16 -23.47
C SER B 136 25.49 -3.00 -22.73
N GLU B 137 24.82 -1.85 -22.71
CA GLU B 137 25.31 -0.69 -21.97
C GLU B 137 25.22 -0.91 -20.47
N ILE B 138 24.43 -1.89 -20.07
CA ILE B 138 24.24 -2.21 -18.65
C ILE B 138 25.51 -2.82 -18.05
N SER B 139 25.86 -2.36 -16.86
CA SER B 139 27.08 -2.83 -16.19
C SER B 139 26.80 -3.90 -15.14
N ASP B 140 25.60 -3.89 -14.57
CA ASP B 140 25.25 -4.84 -13.51
C ASP B 140 23.77 -5.20 -13.50
N LYS B 141 23.40 -6.18 -12.67
CA LYS B 141 22.04 -6.68 -12.63
C LYS B 141 21.02 -5.66 -12.12
N ASN B 142 21.41 -4.87 -11.13
CA ASN B 142 20.52 -3.87 -10.56
C ASN B 142 20.11 -2.83 -11.58
N LEU B 143 21.07 -2.34 -12.35
CA LEU B 143 20.80 -1.35 -13.38
C LEU B 143 20.00 -1.94 -14.54
N TYR B 144 20.23 -3.21 -14.84
CA TYR B 144 19.47 -3.90 -15.88
C TYR B 144 17.97 -3.79 -15.67
N LEU B 145 17.53 -3.94 -14.43
CA LEU B 145 16.11 -4.05 -14.12
C LEU B 145 15.40 -2.71 -14.28
N THR B 146 16.14 -1.61 -14.14
CA THR B 146 15.53 -0.28 -14.14
C THR B 146 15.83 0.51 -15.43
N ARG B 147 16.78 0.03 -16.22
CA ARG B 147 17.16 0.73 -17.44
C ARG B 147 17.03 -0.17 -18.67
N PRO B 148 15.79 -0.36 -19.16
CA PRO B 148 15.59 -1.15 -20.38
C PRO B 148 16.21 -0.50 -21.61
N ASP B 149 16.25 0.83 -21.63
CA ASP B 149 16.80 1.57 -22.77
C ASP B 149 18.29 1.33 -22.96
N MET B 150 19.00 1.05 -21.86
CA MET B 150 20.42 0.73 -21.94
C MET B 150 20.63 -0.74 -22.29
N GLY B 151 19.65 -1.57 -21.94
CA GLY B 151 19.71 -2.99 -22.26
C GLY B 151 19.40 -3.26 -23.72
N ARG B 152 18.86 -2.25 -24.39
CA ARG B 152 18.52 -2.36 -25.81
C ARG B 152 19.67 -1.90 -26.71
N ARG B 153 20.78 -1.48 -26.08
CA ARG B 153 21.93 -0.95 -26.83
C ARG B 153 23.24 -1.62 -26.43
N LEU B 154 24.04 -1.98 -27.42
CA LEU B 154 25.38 -2.48 -27.17
C LEU B 154 26.28 -1.35 -26.67
N CYS B 155 27.16 -1.66 -25.74
CA CYS B 155 28.19 -0.71 -25.32
C CYS B 155 29.21 -0.51 -26.45
N ALA B 156 30.04 0.51 -26.33
CA ALA B 156 30.95 0.91 -27.40
C ALA B 156 31.90 -0.23 -27.79
N GLU B 157 32.37 -0.98 -26.79
CA GLU B 157 33.32 -2.06 -27.01
C GLU B 157 32.63 -3.31 -27.58
N ALA B 158 31.32 -3.42 -27.33
CA ALA B 158 30.55 -4.55 -27.83
C ALA B 158 30.42 -4.50 -29.34
N VAL B 159 30.14 -3.30 -29.86
CA VAL B 159 30.01 -3.09 -31.30
C VAL B 159 31.27 -3.51 -32.04
N GLU B 160 32.41 -3.05 -31.54
CA GLU B 160 33.70 -3.33 -32.17
C GLU B 160 34.03 -4.82 -32.13
N ALA B 161 33.67 -5.48 -31.03
CA ALA B 161 33.97 -6.90 -30.84
C ALA B 161 33.20 -7.76 -31.83
N LEU B 162 31.98 -7.33 -32.17
CA LEU B 162 31.14 -8.06 -33.10
C LEU B 162 31.70 -8.05 -34.52
N LYS B 163 32.11 -6.88 -34.99
CA LYS B 163 32.69 -6.74 -36.32
C LYS B 163 34.03 -7.45 -36.42
N ALA B 164 34.69 -7.61 -35.28
CA ALA B 164 36.01 -8.22 -35.23
C ALA B 164 35.92 -9.74 -35.27
N GLN B 165 34.94 -10.30 -34.56
CA GLN B 165 34.97 -11.71 -34.19
C GLN B 165 33.86 -12.53 -34.84
N CYS B 166 32.85 -11.86 -35.38
CA CYS B 166 31.71 -12.55 -35.99
C CYS B 166 31.78 -12.51 -37.51
N VAL B 167 31.17 -13.49 -38.16
CA VAL B 167 31.18 -13.57 -39.61
C VAL B 167 30.22 -12.54 -40.22
N ALA B 168 30.69 -11.86 -41.26
CA ALA B 168 29.96 -10.73 -41.81
C ALA B 168 28.84 -11.17 -42.76
N ASN B 169 27.72 -10.48 -42.69
CA ASN B 169 26.62 -10.67 -43.65
C ASN B 169 26.06 -12.09 -43.69
N PRO B 170 25.72 -12.66 -42.52
CA PRO B 170 25.18 -14.01 -42.51
C PRO B 170 23.72 -14.05 -42.94
N ASP B 171 23.25 -15.22 -43.37
CA ASP B 171 21.83 -15.41 -43.66
C ASP B 171 21.03 -15.50 -42.37
N VAL B 172 21.57 -16.21 -41.40
CA VAL B 172 20.90 -16.40 -40.11
C VAL B 172 21.87 -16.22 -38.95
N GLN B 173 21.58 -15.23 -38.11
CA GLN B 173 22.44 -14.93 -36.96
C GLN B 173 21.76 -15.34 -35.65
N VAL B 174 22.39 -16.25 -34.92
CA VAL B 174 21.89 -16.67 -33.63
C VAL B 174 22.55 -15.90 -32.50
N VAL B 175 21.74 -15.19 -31.72
CA VAL B 175 22.20 -14.46 -30.56
C VAL B 175 21.57 -15.05 -29.30
N ILE B 176 22.36 -15.17 -28.24
CA ILE B 176 21.82 -15.64 -26.96
C ILE B 176 22.05 -14.62 -25.85
N SER B 177 21.06 -14.45 -24.97
CA SER B 177 21.18 -13.50 -23.87
C SER B 177 20.42 -13.98 -22.63
N ASP B 178 20.99 -13.68 -21.46
CA ASP B 178 20.35 -14.03 -20.20
C ASP B 178 18.99 -13.34 -20.05
N GLY B 179 18.91 -12.09 -20.49
CA GLY B 179 17.69 -11.32 -20.36
C GLY B 179 17.26 -11.24 -18.91
N LEU B 180 16.04 -11.70 -18.63
CA LEU B 180 15.48 -11.61 -17.28
C LEU B 180 15.59 -12.92 -16.50
N SER B 181 16.07 -13.97 -17.14
CA SER B 181 16.21 -15.26 -16.47
C SER B 181 17.45 -16.04 -16.92
N THR B 182 18.40 -16.19 -16.00
CA THR B 182 19.63 -16.92 -16.29
C THR B 182 19.37 -18.42 -16.44
N ASP B 183 18.47 -18.96 -15.62
CA ASP B 183 18.10 -20.37 -15.69
C ASP B 183 17.55 -20.77 -17.06
N ALA B 184 16.83 -19.84 -17.70
CA ALA B 184 16.27 -20.08 -19.02
C ALA B 184 17.37 -20.33 -20.05
N ILE B 185 18.55 -19.77 -19.79
CA ILE B 185 19.68 -19.95 -20.69
C ILE B 185 20.48 -21.20 -20.34
N THR B 186 20.81 -21.36 -19.06
CA THR B 186 21.70 -22.43 -18.62
C THR B 186 21.07 -23.82 -18.77
N VAL B 187 19.83 -23.95 -18.34
CA VAL B 187 19.13 -25.23 -18.33
C VAL B 187 18.87 -25.74 -19.76
N ASN B 188 18.59 -24.81 -20.67
CA ASN B 188 18.12 -25.17 -22.01
C ASN B 188 19.20 -25.19 -23.08
N TYR B 189 20.36 -24.60 -22.77
CA TYR B 189 21.35 -24.29 -23.81
C TYR B 189 21.77 -25.49 -24.64
N GLU B 190 22.31 -26.51 -23.97
CA GLU B 190 22.89 -27.66 -24.66
C GLU B 190 21.84 -28.45 -25.44
N GLU B 191 20.57 -28.18 -25.14
CA GLU B 191 19.47 -28.94 -25.72
C GLU B 191 18.89 -28.26 -26.96
N ILE B 192 19.05 -26.95 -27.06
CA ILE B 192 18.48 -26.19 -28.18
C ILE B 192 19.53 -25.72 -29.18
N LEU B 193 20.72 -25.35 -28.69
CA LEU B 193 21.72 -24.70 -29.52
C LEU B 193 22.34 -25.61 -30.58
N PRO B 194 22.87 -26.78 -30.17
CA PRO B 194 23.43 -27.71 -31.15
C PRO B 194 22.50 -28.06 -32.31
N PRO B 195 21.26 -28.51 -32.00
CA PRO B 195 20.36 -28.89 -33.10
C PRO B 195 19.98 -27.70 -33.99
N LEU B 196 19.87 -26.52 -33.38
CA LEU B 196 19.56 -25.30 -34.13
C LEU B 196 20.67 -24.94 -35.11
N MET B 197 21.91 -24.96 -34.64
CA MET B 197 23.06 -24.71 -35.50
C MET B 197 23.19 -25.77 -36.57
N ALA B 198 23.05 -27.04 -36.17
CA ALA B 198 23.10 -28.16 -37.11
C ALA B 198 21.94 -28.10 -38.10
N GLY B 199 20.83 -27.49 -37.69
CA GLY B 199 19.67 -27.35 -38.56
C GLY B 199 19.89 -26.32 -39.65
N LEU B 200 20.36 -25.14 -39.26
CA LEU B 200 20.61 -24.05 -40.20
C LEU B 200 21.77 -24.36 -41.14
N LYS B 201 22.56 -25.37 -40.80
CA LYS B 201 23.64 -25.82 -41.65
C LYS B 201 23.20 -26.95 -42.59
N GLN B 202 22.57 -27.98 -42.01
CA GLN B 202 22.17 -29.16 -42.76
C GLN B 202 20.99 -28.86 -43.68
N ALA B 203 21.20 -29.03 -44.98
CA ALA B 203 20.30 -28.49 -46.00
C ALA B 203 20.04 -27.02 -45.73
N GLY B 204 21.11 -26.27 -45.48
CA GLY B 204 20.98 -24.89 -45.03
C GLY B 204 21.95 -23.94 -45.72
N LEU B 205 22.34 -22.88 -45.03
CA LEU B 205 22.97 -21.73 -45.65
C LEU B 205 24.04 -21.08 -44.79
N LYS B 206 24.27 -19.79 -45.00
CA LYS B 206 25.36 -19.08 -44.33
C LYS B 206 25.01 -18.76 -42.88
N VAL B 207 25.38 -19.67 -41.99
CA VAL B 207 25.11 -19.50 -40.57
C VAL B 207 26.11 -18.53 -39.93
N GLY B 208 25.59 -17.59 -39.16
CA GLY B 208 26.44 -16.70 -38.37
C GLY B 208 27.10 -17.44 -37.21
N THR B 209 28.01 -16.75 -36.52
CA THR B 209 28.63 -17.33 -35.35
C THR B 209 27.90 -16.89 -34.08
N PRO B 210 27.51 -17.86 -33.25
CA PRO B 210 26.70 -17.58 -32.07
C PRO B 210 27.50 -16.90 -30.97
N PHE B 211 26.87 -15.96 -30.28
CA PHE B 211 27.54 -15.23 -29.20
C PHE B 211 26.57 -14.86 -28.08
N PHE B 212 27.11 -14.71 -26.87
CA PHE B 212 26.31 -14.38 -25.71
C PHE B 212 26.32 -12.88 -25.43
N VAL B 213 25.13 -12.30 -25.30
CA VAL B 213 25.00 -10.91 -24.87
C VAL B 213 24.50 -10.85 -23.43
N ARG B 214 25.33 -10.33 -22.54
CA ARG B 214 24.92 -10.12 -21.15
C ARG B 214 24.04 -8.87 -21.04
N TYR B 215 22.99 -8.97 -20.23
CA TYR B 215 22.11 -7.83 -19.94
C TYR B 215 21.36 -7.34 -21.18
N GLY B 216 20.90 -8.26 -22.02
CA GLY B 216 20.28 -7.90 -23.27
C GLY B 216 18.77 -7.74 -23.19
N ARG B 217 18.24 -6.79 -23.95
CA ARG B 217 16.81 -6.68 -24.17
C ARG B 217 16.51 -6.97 -25.64
N VAL B 218 15.29 -7.43 -25.92
CA VAL B 218 14.93 -7.90 -27.26
C VAL B 218 15.34 -6.94 -28.38
N LYS B 219 15.09 -5.65 -28.19
CA LYS B 219 15.33 -4.66 -29.24
C LYS B 219 16.80 -4.56 -29.66
N ILE B 220 17.69 -5.11 -28.85
CA ILE B 220 19.12 -5.07 -29.14
C ILE B 220 19.47 -5.84 -30.40
N GLU B 221 18.59 -6.76 -30.80
CA GLU B 221 18.81 -7.58 -31.98
C GLU B 221 18.72 -6.77 -33.28
N ASP B 222 18.09 -5.61 -33.21
CA ASP B 222 18.01 -4.71 -34.35
C ASP B 222 19.38 -4.10 -34.65
N GLN B 223 20.04 -3.63 -33.61
CA GLN B 223 21.41 -3.11 -33.73
C GLN B 223 22.36 -4.21 -34.19
N ILE B 224 22.21 -5.39 -33.59
CA ILE B 224 23.01 -6.56 -33.96
C ILE B 224 22.83 -6.92 -35.44
N GLY B 225 21.60 -6.75 -35.94
CA GLY B 225 21.30 -7.03 -37.34
C GLY B 225 22.00 -6.09 -38.30
N GLU B 226 21.98 -4.79 -37.97
CA GLU B 226 22.60 -3.77 -38.81
C GLU B 226 24.12 -3.93 -38.84
N ILE B 227 24.71 -4.10 -37.67
CA ILE B 227 26.16 -4.18 -37.54
C ILE B 227 26.73 -5.35 -38.32
N LEU B 228 26.08 -6.51 -38.23
CA LEU B 228 26.59 -7.72 -38.86
C LEU B 228 26.01 -7.94 -40.25
N GLY B 229 25.03 -7.11 -40.62
CA GLY B 229 24.39 -7.20 -41.94
C GLY B 229 23.58 -8.47 -42.13
N ALA B 230 23.02 -8.98 -41.03
CA ALA B 230 22.32 -10.26 -41.05
C ALA B 230 20.96 -10.16 -41.72
N LYS B 231 20.60 -11.21 -42.47
CA LYS B 231 19.29 -11.27 -43.12
C LYS B 231 18.22 -11.67 -42.11
N VAL B 232 18.55 -12.60 -41.22
CA VAL B 232 17.66 -13.00 -40.13
C VAL B 232 18.42 -13.02 -38.81
N VAL B 233 17.88 -12.35 -37.81
CA VAL B 233 18.48 -12.35 -36.47
C VAL B 233 17.60 -13.10 -35.48
N ILE B 234 18.16 -14.15 -34.88
CA ILE B 234 17.45 -14.95 -33.90
C ILE B 234 18.00 -14.71 -32.49
N LEU B 235 17.14 -14.20 -31.60
CA LEU B 235 17.50 -14.01 -30.21
C LEU B 235 16.88 -15.09 -29.33
N LEU B 236 17.71 -15.79 -28.57
CA LEU B 236 17.23 -16.68 -27.53
C LEU B 236 17.46 -16.05 -26.16
N VAL B 237 16.37 -15.68 -25.50
CA VAL B 237 16.44 -14.78 -24.35
C VAL B 237 15.59 -15.30 -23.18
N GLY B 238 16.06 -15.04 -21.96
CA GLY B 238 15.30 -15.38 -20.76
C GLY B 238 14.13 -14.44 -20.53
N GLU B 239 12.91 -14.99 -20.55
CA GLU B 239 11.74 -14.23 -20.17
C GLU B 239 11.62 -14.17 -18.64
N ARG B 240 10.88 -13.19 -18.14
CA ARG B 240 10.81 -12.96 -16.70
C ARG B 240 10.36 -14.22 -15.97
N PRO B 241 10.97 -14.50 -14.80
CA PRO B 241 10.72 -15.73 -14.06
C PRO B 241 9.29 -15.80 -13.53
N GLY B 242 8.67 -16.98 -13.67
CA GLY B 242 7.39 -17.23 -13.02
C GLY B 242 7.56 -17.52 -11.55
N LEU B 243 6.44 -17.71 -10.86
CA LEU B 243 6.46 -18.02 -9.43
C LEU B 243 7.15 -19.36 -9.18
N GLY B 244 6.78 -20.37 -9.95
CA GLY B 244 7.28 -21.72 -9.74
C GLY B 244 8.11 -22.26 -10.90
N GLN B 245 8.53 -21.37 -11.79
CA GLN B 245 9.40 -21.77 -12.90
C GLN B 245 10.29 -20.61 -13.35
N SER B 246 11.51 -20.93 -13.74
CA SER B 246 12.49 -19.91 -14.08
C SER B 246 13.18 -20.19 -15.42
N GLU B 247 12.93 -21.36 -15.98
CA GLU B 247 13.68 -21.80 -17.15
C GLU B 247 12.92 -21.66 -18.47
N SER B 248 11.94 -20.75 -18.49
CA SER B 248 11.17 -20.50 -19.70
C SER B 248 11.93 -19.61 -20.69
N LEU B 249 12.24 -20.17 -21.85
CA LEU B 249 13.01 -19.47 -22.86
C LEU B 249 12.09 -19.00 -23.99
N SER B 250 12.39 -17.83 -24.55
CA SER B 250 11.70 -17.39 -25.75
C SER B 250 12.66 -17.08 -26.88
N CYS B 251 12.19 -17.28 -28.11
CA CYS B 251 12.90 -16.86 -29.29
C CYS B 251 12.22 -15.66 -29.93
N TYR B 252 12.97 -14.57 -30.08
CA TYR B 252 12.51 -13.43 -30.86
C TYR B 252 13.34 -13.34 -32.14
N ALA B 253 12.67 -13.44 -33.27
CA ALA B 253 13.35 -13.49 -34.56
C ALA B 253 12.79 -12.42 -35.49
N VAL B 254 13.66 -11.84 -36.31
CA VAL B 254 13.28 -10.72 -37.16
C VAL B 254 14.05 -10.75 -38.48
N TYR B 255 13.38 -10.37 -39.56
CA TYR B 255 14.01 -10.32 -40.87
C TYR B 255 14.60 -8.93 -41.15
N SER B 256 15.90 -8.90 -41.42
CA SER B 256 16.59 -7.69 -41.87
C SER B 256 16.19 -6.45 -41.09
N PRO B 257 16.48 -6.43 -39.78
CA PRO B 257 16.01 -5.36 -38.91
C PRO B 257 16.76 -4.05 -39.11
N ARG B 258 16.10 -2.95 -38.75
CA ARG B 258 16.73 -1.63 -38.78
C ARG B 258 16.29 -0.83 -37.56
N MET B 259 17.26 -0.30 -36.81
CA MET B 259 16.98 0.39 -35.57
C MET B 259 15.92 1.48 -35.72
N ALA B 260 15.93 2.14 -36.87
CA ALA B 260 15.13 3.34 -37.08
C ALA B 260 13.69 3.04 -37.51
N THR B 261 13.46 1.84 -38.03
CA THR B 261 12.17 1.53 -38.66
C THR B 261 11.49 0.27 -38.15
N THR B 262 12.28 -0.66 -37.61
CA THR B 262 11.74 -1.93 -37.12
C THR B 262 10.85 -1.72 -35.89
N VAL B 263 9.61 -2.22 -35.96
CA VAL B 263 8.71 -2.22 -34.82
C VAL B 263 8.58 -3.63 -34.25
N GLU B 264 8.04 -3.72 -33.03
CA GLU B 264 7.92 -5.00 -32.35
C GLU B 264 7.10 -6.02 -33.13
N ALA B 265 6.05 -5.55 -33.81
CA ALA B 265 5.19 -6.44 -34.59
C ALA B 265 5.93 -7.09 -35.77
N ASP B 266 7.10 -6.55 -36.10
CA ASP B 266 7.92 -7.10 -37.17
C ASP B 266 8.65 -8.37 -36.74
N ARG B 267 8.61 -8.66 -35.45
CA ARG B 267 9.28 -9.84 -34.90
C ARG B 267 8.31 -11.01 -34.77
N THR B 268 8.81 -12.21 -35.02
CA THR B 268 8.10 -13.43 -34.68
C THR B 268 8.61 -13.96 -33.34
N CYS B 269 7.69 -14.26 -32.43
CA CYS B 269 8.04 -14.75 -31.11
C CYS B 269 7.72 -16.24 -30.98
N ILE B 270 8.67 -16.99 -30.44
CA ILE B 270 8.39 -18.34 -29.95
C ILE B 270 8.67 -18.40 -28.45
N SER B 271 7.61 -18.59 -27.66
CA SER B 271 7.72 -18.44 -26.22
C SER B 271 7.53 -19.78 -25.51
N ASN B 272 7.79 -19.79 -24.21
CA ASN B 272 7.54 -20.95 -23.36
C ASN B 272 8.30 -22.18 -23.82
N ILE B 273 9.55 -21.97 -24.20
CA ILE B 273 10.44 -23.07 -24.54
C ILE B 273 11.08 -23.62 -23.27
N HIS B 274 10.78 -24.89 -22.98
CA HIS B 274 11.38 -25.62 -21.87
C HIS B 274 10.71 -26.98 -21.73
N GLN B 275 11.15 -27.75 -20.74
CA GLN B 275 10.68 -29.12 -20.58
C GLN B 275 9.22 -29.18 -20.13
N GLY B 276 8.73 -28.06 -19.61
CA GLY B 276 7.32 -27.95 -19.20
C GLY B 276 6.45 -27.28 -20.24
N GLY B 277 7.08 -26.75 -21.28
CA GLY B 277 6.37 -26.20 -22.43
C GLY B 277 6.78 -26.91 -23.71
N THR B 278 7.28 -26.15 -24.68
CA THR B 278 7.84 -26.73 -25.89
C THR B 278 9.29 -27.13 -25.68
N PRO B 279 9.59 -28.44 -25.75
CA PRO B 279 10.94 -28.95 -25.53
C PRO B 279 11.95 -28.26 -26.43
N PRO B 280 13.10 -27.86 -25.86
CA PRO B 280 14.18 -27.19 -26.57
C PRO B 280 14.55 -27.87 -27.89
N VAL B 281 14.65 -29.20 -27.89
CA VAL B 281 14.98 -29.94 -29.11
C VAL B 281 13.91 -29.74 -30.17
N GLU B 282 12.65 -29.93 -29.78
CA GLU B 282 11.52 -29.76 -30.68
C GLU B 282 11.40 -28.30 -31.13
N ALA B 283 11.73 -27.38 -30.23
CA ALA B 283 11.69 -25.95 -30.52
C ALA B 283 12.76 -25.54 -31.53
N ALA B 284 13.90 -26.21 -31.48
CA ALA B 284 15.01 -25.91 -32.38
C ALA B 284 14.61 -26.10 -33.84
N ALA B 285 13.89 -27.19 -34.12
CA ALA B 285 13.44 -27.49 -35.47
C ALA B 285 12.38 -26.49 -35.95
N VAL B 286 11.61 -25.97 -35.01
CA VAL B 286 10.62 -24.92 -35.31
C VAL B 286 11.32 -23.63 -35.72
N ILE B 287 12.37 -23.27 -34.99
CA ILE B 287 13.11 -22.04 -35.24
C ILE B 287 13.85 -22.08 -36.57
N VAL B 288 14.40 -23.26 -36.90
CA VAL B 288 15.04 -23.45 -38.21
C VAL B 288 14.06 -23.25 -39.35
N ASP B 289 12.91 -23.91 -39.26
CA ASP B 289 11.85 -23.78 -40.26
C ASP B 289 11.33 -22.35 -40.33
N LEU B 290 11.27 -21.67 -39.19
CA LEU B 290 10.90 -20.26 -39.15
C LEU B 290 11.91 -19.42 -39.91
N ALA B 291 13.19 -19.73 -39.75
CA ALA B 291 14.26 -18.99 -40.42
C ALA B 291 14.19 -19.17 -41.93
N LYS B 292 13.98 -20.41 -42.37
CA LYS B 292 13.81 -20.71 -43.79
C LYS B 292 12.67 -19.91 -44.39
N ARG B 293 11.54 -19.86 -43.70
CA ARG B 293 10.36 -19.15 -44.18
C ARG B 293 10.61 -17.64 -44.28
N MET B 294 11.31 -17.08 -43.30
CA MET B 294 11.64 -15.66 -43.30
C MET B 294 12.48 -15.27 -44.51
N LEU B 295 13.44 -16.12 -44.87
CA LEU B 295 14.29 -15.85 -46.02
C LEU B 295 13.54 -16.00 -47.34
N GLU B 296 12.63 -16.96 -47.39
CA GLU B 296 11.82 -17.21 -48.58
C GLU B 296 10.84 -16.06 -48.83
N GLN B 297 10.24 -15.56 -47.75
CA GLN B 297 9.22 -14.53 -47.86
C GLN B 297 9.81 -13.13 -47.75
N LYS B 298 11.05 -13.05 -47.26
CA LYS B 298 11.68 -11.77 -46.96
C LYS B 298 10.78 -10.94 -46.03
N ALA B 299 10.31 -11.58 -44.97
CA ALA B 299 9.39 -10.94 -44.03
C ALA B 299 9.39 -11.67 -42.70
N SER B 300 9.00 -10.97 -41.65
CA SER B 300 8.89 -11.56 -40.32
C SER B 300 7.71 -10.99 -39.55
N GLY B 301 7.37 -11.61 -38.42
CA GLY B 301 6.29 -11.11 -37.56
C GLY B 301 4.95 -11.09 -38.27
N ILE B 302 4.29 -9.94 -38.22
CA ILE B 302 2.93 -9.81 -38.74
C ILE B 302 2.90 -9.79 -40.27
N ASN B 303 4.06 -9.58 -40.88
CA ASN B 303 4.17 -9.48 -42.33
C ASN B 303 4.36 -10.83 -43.02
N MET B 304 4.36 -11.91 -42.24
CA MET B 304 4.47 -13.25 -42.80
C MET B 304 3.11 -13.83 -43.16
N THR B 305 3.10 -14.80 -44.07
CA THR B 305 1.85 -15.39 -44.54
C THR B 305 1.35 -16.49 -43.62
N ARG B 306 0.11 -16.92 -43.83
CA ARG B 306 -0.51 -18.00 -43.06
C ARG B 306 -0.51 -17.72 -41.56
N MET C 1 7.26 -31.10 20.04
CA MET C 1 7.74 -29.75 19.64
C MET C 1 8.85 -29.83 18.59
N LYS C 2 8.50 -29.53 17.34
CA LYS C 2 9.48 -29.39 16.28
C LYS C 2 9.91 -27.93 16.14
N LEU C 3 11.22 -27.71 16.17
CA LEU C 3 11.77 -26.37 15.96
C LEU C 3 12.58 -26.32 14.67
N LYS C 4 12.27 -27.22 13.75
CA LYS C 4 13.06 -27.40 12.54
C LYS C 4 12.19 -27.78 11.35
N THR C 5 12.60 -27.36 10.16
CA THR C 5 12.01 -27.86 8.92
C THR C 5 13.02 -27.86 7.78
N THR C 6 12.73 -28.63 6.74
CA THR C 6 13.54 -28.64 5.52
C THR C 6 12.84 -27.87 4.41
N LEU C 7 13.51 -26.88 3.84
CA LEU C 7 12.94 -26.06 2.78
C LEU C 7 13.88 -26.02 1.58
N PHE C 8 13.40 -26.55 0.45
CA PHE C 8 14.22 -26.72 -0.76
C PHE C 8 15.48 -27.54 -0.51
N GLY C 9 15.40 -28.48 0.43
CA GLY C 9 16.54 -29.34 0.75
C GLY C 9 17.41 -28.79 1.87
N ASN C 10 17.25 -27.50 2.14
CA ASN C 10 18.01 -26.84 3.21
C ASN C 10 17.33 -26.97 4.56
N VAL C 11 18.07 -27.45 5.55
CA VAL C 11 17.54 -27.59 6.91
C VAL C 11 17.54 -26.25 7.64
N TYR C 12 16.37 -25.84 8.11
CA TYR C 12 16.25 -24.64 8.92
C TYR C 12 15.89 -24.99 10.36
N GLN C 13 16.80 -24.69 11.28
CA GLN C 13 16.56 -24.92 12.69
C GLN C 13 16.49 -23.59 13.44
N PHE C 14 15.55 -23.49 14.38
CA PHE C 14 15.45 -22.32 15.24
C PHE C 14 15.62 -22.74 16.70
N LYS C 15 16.05 -21.80 17.54
CA LYS C 15 16.41 -22.13 18.91
C LYS C 15 15.20 -22.36 19.81
N ASP C 16 14.19 -21.50 19.68
CA ASP C 16 13.01 -21.58 20.53
C ASP C 16 11.76 -21.00 19.89
N VAL C 17 10.64 -21.05 20.61
CA VAL C 17 9.38 -20.50 20.14
C VAL C 17 9.51 -19.01 19.81
N LYS C 18 10.22 -18.28 20.66
CA LYS C 18 10.37 -16.83 20.51
C LYS C 18 11.04 -16.46 19.18
N GLU C 19 12.09 -17.19 18.82
CA GLU C 19 12.80 -16.93 17.56
C GLU C 19 11.94 -17.30 16.36
N VAL C 20 11.12 -18.33 16.52
CA VAL C 20 10.17 -18.71 15.48
C VAL C 20 9.13 -17.62 15.27
N LEU C 21 8.60 -17.11 16.38
CA LEU C 21 7.62 -16.02 16.34
C LEU C 21 8.19 -14.76 15.68
N ALA C 22 9.44 -14.45 16.02
CA ALA C 22 10.09 -13.24 15.52
C ALA C 22 10.35 -13.30 14.01
N LYS C 23 10.90 -14.44 13.56
CA LYS C 23 11.36 -14.57 12.19
C LYS C 23 10.23 -14.89 11.21
N ALA C 24 9.09 -15.33 11.73
CA ALA C 24 7.90 -15.58 10.91
C ALA C 24 7.25 -14.28 10.42
N ASN C 25 7.55 -13.18 11.10
CA ASN C 25 7.03 -11.87 10.73
C ASN C 25 7.40 -11.48 9.31
N GLU C 26 6.49 -10.79 8.63
CA GLU C 26 6.85 -10.02 7.44
C GLU C 26 7.93 -9.00 7.79
N LEU C 27 8.83 -8.77 6.85
CA LEU C 27 9.95 -7.85 7.05
C LEU C 27 9.50 -6.47 7.54
N ARG C 28 10.09 -6.01 8.64
CA ARG C 28 9.96 -4.62 9.08
C ARG C 28 11.24 -4.14 9.73
N SER C 29 11.43 -2.83 9.75
CA SER C 29 12.67 -2.23 10.24
C SER C 29 12.87 -2.48 11.73
N GLY C 30 11.77 -2.53 12.47
CA GLY C 30 11.82 -2.77 13.92
C GLY C 30 12.46 -4.10 14.28
N ASP C 31 12.10 -5.15 13.55
CA ASP C 31 12.64 -6.48 13.80
C ASP C 31 14.13 -6.58 13.49
N VAL C 32 14.56 -6.00 12.37
CA VAL C 32 15.97 -5.93 12.04
C VAL C 32 16.74 -5.17 13.11
N LEU C 33 16.20 -4.02 13.51
CA LEU C 33 16.73 -3.23 14.62
C LEU C 33 16.84 -4.06 15.89
N ALA C 34 15.83 -4.88 16.17
CA ALA C 34 15.83 -5.72 17.36
C ALA C 34 16.74 -6.93 17.24
N GLY C 35 17.25 -7.17 16.02
CA GLY C 35 18.15 -8.28 15.76
C GLY C 35 17.43 -9.61 15.73
N VAL C 36 16.12 -9.58 15.52
CA VAL C 36 15.28 -10.76 15.65
C VAL C 36 14.71 -11.22 14.31
N ALA C 37 14.94 -10.44 13.27
CA ALA C 37 14.35 -10.69 11.96
C ALA C 37 15.02 -11.88 11.26
N ALA C 38 14.35 -12.40 10.23
CA ALA C 38 14.94 -13.42 9.38
C ALA C 38 16.15 -12.88 8.63
N ALA C 39 17.06 -13.78 8.23
CA ALA C 39 18.21 -13.40 7.44
C ALA C 39 17.92 -13.51 5.95
N SER C 40 16.80 -14.15 5.60
CA SER C 40 16.41 -14.34 4.22
C SER C 40 14.92 -14.64 4.11
N SER C 41 14.38 -14.51 2.90
CA SER C 41 12.99 -14.82 2.63
C SER C 41 12.68 -16.29 2.89
N GLN C 42 13.65 -17.16 2.56
CA GLN C 42 13.49 -18.60 2.75
C GLN C 42 13.36 -18.95 4.23
N GLU C 43 14.20 -18.33 5.06
CA GLU C 43 14.15 -18.54 6.50
C GLU C 43 12.83 -18.05 7.08
N ARG C 44 12.32 -16.95 6.54
CA ARG C 44 11.02 -16.43 6.96
C ARG C 44 9.92 -17.45 6.70
N VAL C 45 9.94 -18.02 5.50
CA VAL C 45 8.94 -19.01 5.11
C VAL C 45 9.09 -20.30 5.94
N ALA C 46 10.34 -20.68 6.19
CA ALA C 46 10.64 -21.82 7.07
C ALA C 46 10.12 -21.58 8.48
N ALA C 47 10.33 -20.37 8.98
CA ALA C 47 9.81 -19.98 10.29
C ALA C 47 8.29 -20.02 10.32
N LYS C 48 7.67 -19.57 9.24
CA LYS C 48 6.20 -19.58 9.13
C LYS C 48 5.65 -20.99 9.18
N GLN C 49 6.29 -21.91 8.47
CA GLN C 49 5.85 -23.30 8.45
C GLN C 49 6.03 -23.97 9.81
N VAL C 50 7.22 -23.80 10.40
CA VAL C 50 7.49 -24.34 11.72
C VAL C 50 6.45 -23.84 12.72
N LEU C 51 6.17 -22.54 12.66
CA LEU C 51 5.14 -21.92 13.49
C LEU C 51 3.76 -22.51 13.19
N SER C 52 3.48 -22.74 11.90
CA SER C 52 2.20 -23.27 11.47
C SER C 52 1.95 -24.67 12.04
N GLU C 53 3.02 -25.42 12.24
CA GLU C 53 2.90 -26.81 12.69
C GLU C 53 2.99 -26.93 14.21
N MET C 54 3.39 -25.85 14.88
CA MET C 54 3.33 -25.79 16.33
C MET C 54 1.89 -25.72 16.80
N THR C 55 1.63 -26.25 17.99
CA THR C 55 0.28 -26.28 18.53
C THR C 55 -0.02 -25.05 19.37
N VAL C 56 -1.31 -24.86 19.68
CA VAL C 56 -1.72 -23.84 20.63
C VAL C 56 -1.02 -24.04 21.98
N ALA C 57 -0.89 -25.30 22.39
CA ALA C 57 -0.22 -25.64 23.63
C ALA C 57 1.26 -25.26 23.63
N ASP C 58 1.92 -25.47 22.49
CA ASP C 58 3.33 -25.09 22.32
C ASP C 58 3.55 -23.60 22.57
N ILE C 59 2.67 -22.78 22.01
CA ILE C 59 2.81 -21.32 22.10
C ILE C 59 2.32 -20.79 23.46
N ARG C 60 1.17 -21.28 23.90
CA ARG C 60 0.62 -20.90 25.21
C ARG C 60 1.60 -21.19 26.34
N ASN C 61 2.28 -22.33 26.27
CA ASN C 61 3.19 -22.75 27.34
C ASN C 61 4.54 -22.07 27.27
N ASN C 62 4.78 -21.30 26.21
CA ASN C 62 6.05 -20.61 26.03
C ASN C 62 5.90 -19.14 25.70
N PRO C 63 5.37 -18.35 26.65
CA PRO C 63 5.25 -16.91 26.46
C PRO C 63 6.63 -16.27 26.40
N VAL C 64 6.73 -15.12 25.72
CA VAL C 64 8.03 -14.51 25.46
C VAL C 64 8.69 -13.98 26.74
N ILE C 65 7.88 -13.68 27.74
CA ILE C 65 8.39 -13.33 29.06
C ILE C 65 7.76 -14.22 30.13
N ALA C 66 8.58 -14.71 31.05
CA ALA C 66 8.17 -15.75 31.99
C ALA C 66 7.07 -15.27 32.95
N TYR C 67 6.27 -16.22 33.41
CA TYR C 67 5.12 -15.94 34.29
C TYR C 67 5.56 -15.28 35.60
N GLU C 68 6.56 -15.85 36.27
CA GLU C 68 6.96 -15.40 37.58
C GLU C 68 7.66 -14.04 37.55
N ASP C 69 8.13 -13.65 36.35
CA ASP C 69 8.95 -12.45 36.20
C ASP C 69 8.16 -11.28 35.65
N ASP C 70 6.95 -11.53 35.20
CA ASP C 70 6.20 -10.52 34.45
C ASP C 70 4.71 -10.56 34.77
N CYS C 71 4.19 -9.43 35.27
CA CYS C 71 2.81 -9.35 35.71
C CYS C 71 1.81 -9.33 34.55
N VAL C 72 2.26 -8.88 33.38
CA VAL C 72 1.41 -8.89 32.18
C VAL C 72 1.21 -10.32 31.70
N THR C 73 2.28 -11.09 31.65
CA THR C 73 2.19 -12.51 31.36
C THR C 73 1.21 -13.19 32.32
N ARG C 74 1.31 -12.84 33.60
CA ARG C 74 0.44 -13.42 34.61
C ARG C 74 -1.02 -13.06 34.37
N LEU C 75 -1.28 -11.79 34.09
CA LEU C 75 -2.64 -11.31 33.82
C LEU C 75 -3.23 -12.04 32.63
N ILE C 76 -2.44 -12.19 31.57
CA ILE C 76 -2.85 -12.89 30.37
C ILE C 76 -3.17 -14.34 30.66
N GLN C 77 -2.22 -15.04 31.29
CA GLN C 77 -2.35 -16.47 31.55
C GLN C 77 -3.47 -16.78 32.53
N ASP C 78 -3.64 -15.93 33.54
CA ASP C 78 -4.66 -16.13 34.57
C ASP C 78 -6.07 -15.81 34.06
N ASP C 79 -6.17 -15.25 32.86
CA ASP C 79 -7.47 -14.90 32.28
C ASP C 79 -7.97 -15.96 31.29
N VAL C 80 -7.16 -16.98 31.06
CA VAL C 80 -7.51 -18.05 30.14
C VAL C 80 -8.68 -18.89 30.66
N ASN C 81 -9.70 -19.06 29.83
CA ASN C 81 -10.70 -20.11 30.06
C ASN C 81 -10.09 -21.47 29.74
N GLU C 82 -9.84 -22.27 30.77
CA GLU C 82 -9.08 -23.50 30.62
C GLU C 82 -9.86 -24.59 29.90
N THR C 83 -11.19 -24.50 29.96
CA THR C 83 -12.04 -25.43 29.23
C THR C 83 -11.95 -25.16 27.73
N ALA C 84 -11.98 -23.89 27.37
CA ALA C 84 -11.79 -23.47 25.98
C ALA C 84 -10.39 -23.82 25.49
N TYR C 85 -9.39 -23.58 26.33
CA TYR C 85 -8.01 -23.91 26.00
C TYR C 85 -7.84 -25.42 25.76
N ASN C 86 -8.41 -26.21 26.64
CA ASN C 86 -8.33 -27.67 26.53
C ASN C 86 -8.91 -28.21 25.23
N GLN C 87 -9.89 -27.51 24.67
CA GLN C 87 -10.51 -27.92 23.42
C GLN C 87 -9.60 -27.70 22.21
N ILE C 88 -8.73 -26.70 22.30
CA ILE C 88 -7.95 -26.27 21.15
C ILE C 88 -6.44 -26.50 21.31
N LYS C 89 -6.04 -26.96 22.49
CA LYS C 89 -4.61 -26.96 22.85
C LYS C 89 -3.75 -27.78 21.89
N ASN C 90 -4.36 -28.80 21.29
CA ASN C 90 -3.64 -29.68 20.37
C ASN C 90 -3.79 -29.28 18.91
N TRP C 91 -4.55 -28.21 18.65
CA TRP C 91 -4.64 -27.64 17.31
C TRP C 91 -3.31 -27.00 16.92
N SER C 92 -2.90 -27.22 15.67
CA SER C 92 -1.81 -26.45 15.09
C SER C 92 -2.26 -25.01 14.83
N ILE C 93 -1.28 -24.11 14.76
CA ILE C 93 -1.56 -22.72 14.41
C ILE C 93 -2.13 -22.62 13.00
N SER C 94 -1.73 -23.55 12.15
CA SER C 94 -2.31 -23.71 10.82
C SER C 94 -3.82 -23.96 10.89
N GLU C 95 -4.22 -24.91 11.74
CA GLU C 95 -5.63 -25.24 11.90
C GLU C 95 -6.43 -24.09 12.50
N LEU C 96 -5.81 -23.37 13.44
CA LEU C 96 -6.45 -22.22 14.07
C LEU C 96 -6.69 -21.10 13.06
N ARG C 97 -5.70 -20.86 12.20
CA ARG C 97 -5.85 -19.90 11.11
C ARG C 97 -7.03 -20.27 10.22
N GLU C 98 -7.06 -21.52 9.75
CA GLU C 98 -8.15 -21.98 8.90
C GLU C 98 -9.49 -21.92 9.62
N TYR C 99 -9.47 -22.17 10.92
CA TYR C 99 -10.66 -22.09 11.76
C TYR C 99 -11.21 -20.67 11.80
N VAL C 100 -10.34 -19.70 12.06
CA VAL C 100 -10.77 -18.31 12.15
C VAL C 100 -11.34 -17.80 10.82
N LEU C 101 -10.78 -18.28 9.71
CA LEU C 101 -11.14 -17.77 8.39
C LEU C 101 -12.36 -18.48 7.80
N SER C 102 -12.68 -19.66 8.31
CA SER C 102 -13.78 -20.45 7.79
C SER C 102 -15.12 -19.74 7.91
N ASP C 103 -15.91 -19.77 6.84
CA ASP C 103 -17.27 -19.24 6.86
C ASP C 103 -18.20 -20.12 7.69
N GLU C 104 -17.75 -21.32 8.03
CA GLU C 104 -18.52 -22.21 8.89
C GLU C 104 -18.27 -21.92 10.37
N THR C 105 -17.28 -21.06 10.64
CA THR C 105 -17.04 -20.58 11.99
C THR C 105 -17.83 -19.30 12.25
N SER C 106 -18.75 -19.35 13.20
CA SER C 106 -19.60 -18.21 13.53
C SER C 106 -18.92 -17.27 14.52
N VAL C 107 -19.47 -16.07 14.66
CA VAL C 107 -19.04 -15.12 15.70
C VAL C 107 -19.10 -15.73 17.09
N ASP C 108 -20.15 -16.50 17.37
CA ASP C 108 -20.30 -17.17 18.66
C ASP C 108 -19.30 -18.30 18.89
N ASP C 109 -18.93 -18.98 17.81
CA ASP C 109 -17.85 -19.97 17.86
C ASP C 109 -16.54 -19.32 18.31
N ILE C 110 -16.18 -18.22 17.65
CA ILE C 110 -14.96 -17.49 17.98
C ILE C 110 -15.03 -16.88 19.38
N ALA C 111 -16.24 -16.49 19.79
CA ALA C 111 -16.46 -15.95 21.13
C ALA C 111 -15.96 -16.87 22.24
N PHE C 112 -16.22 -18.17 22.11
CA PHE C 112 -15.73 -19.12 23.09
C PHE C 112 -14.28 -19.51 22.84
N THR C 113 -13.93 -19.75 21.59
CA THR C 113 -12.59 -20.19 21.21
C THR C 113 -11.50 -19.20 21.67
N ARG C 114 -11.77 -17.91 21.51
CA ARG C 114 -10.75 -16.89 21.82
C ARG C 114 -10.38 -16.87 23.30
N LYS C 115 -11.33 -17.26 24.16
CA LYS C 115 -11.09 -17.33 25.60
C LYS C 115 -10.03 -18.38 25.96
N GLY C 116 -9.77 -19.29 25.04
CA GLY C 116 -8.75 -20.32 25.26
C GLY C 116 -7.38 -19.91 24.76
N LEU C 117 -7.27 -18.69 24.23
CA LEU C 117 -6.02 -18.21 23.67
C LEU C 117 -5.21 -17.38 24.66
N THR C 118 -3.90 -17.29 24.42
CA THR C 118 -3.11 -16.21 24.99
C THR C 118 -2.61 -15.31 23.86
N SER C 119 -2.05 -14.17 24.23
CA SER C 119 -1.63 -13.17 23.25
C SER C 119 -0.59 -13.69 22.26
N GLU C 120 0.33 -14.51 22.75
CA GLU C 120 1.34 -15.13 21.89
C GLU C 120 0.68 -15.99 20.80
N VAL C 121 -0.38 -16.71 21.16
CA VAL C 121 -1.09 -17.54 20.19
C VAL C 121 -1.81 -16.65 19.17
N VAL C 122 -2.39 -15.56 19.65
CA VAL C 122 -3.01 -14.56 18.79
C VAL C 122 -2.00 -14.02 17.77
N ALA C 123 -0.80 -13.71 18.26
CA ALA C 123 0.29 -13.25 17.40
C ALA C 123 0.65 -14.29 16.35
N ALA C 124 0.79 -15.54 16.78
CA ALA C 124 1.17 -16.64 15.89
C ALA C 124 0.23 -16.79 14.70
N VAL C 125 -1.08 -16.63 14.96
CA VAL C 125 -2.08 -16.72 13.89
C VAL C 125 -1.86 -15.61 12.87
N ALA C 126 -1.66 -14.38 13.36
CA ALA C 126 -1.46 -13.23 12.51
C ALA C 126 -0.22 -13.35 11.63
N LYS C 127 0.80 -14.06 12.13
CA LYS C 127 2.09 -14.15 11.44
C LYS C 127 2.02 -14.99 10.17
N ILE C 128 1.09 -15.93 10.14
CA ILE C 128 0.90 -16.79 8.97
C ILE C 128 -0.36 -16.42 8.20
N CYS C 129 -0.78 -15.16 8.33
CA CYS C 129 -1.91 -14.63 7.59
C CYS C 129 -1.45 -13.63 6.53
N SER C 130 -2.05 -13.71 5.35
CA SER C 130 -1.82 -12.70 4.32
C SER C 130 -2.63 -11.45 4.64
N ASN C 131 -2.44 -10.38 3.87
CA ASN C 131 -3.13 -9.13 4.13
C ASN C 131 -4.64 -9.28 4.04
N ALA C 132 -5.11 -10.01 3.02
CA ALA C 132 -6.52 -10.28 2.85
C ALA C 132 -7.06 -11.19 3.96
N ASP C 133 -6.25 -12.14 4.41
CA ASP C 133 -6.59 -12.98 5.57
C ASP C 133 -6.86 -12.10 6.78
N LEU C 134 -5.91 -11.21 7.07
CA LEU C 134 -6.01 -10.32 8.22
C LEU C 134 -7.27 -9.47 8.16
N ILE C 135 -7.61 -9.01 6.94
CA ILE C 135 -8.77 -8.16 6.75
C ILE C 135 -10.09 -8.95 6.88
N TYR C 136 -10.18 -10.07 6.17
CA TYR C 136 -11.40 -10.88 6.21
C TYR C 136 -11.59 -11.55 7.56
N GLY C 137 -10.52 -12.04 8.15
CA GLY C 137 -10.55 -12.58 9.51
C GLY C 137 -11.07 -11.59 10.54
N ALA C 138 -10.53 -10.38 10.50
CA ALA C 138 -10.96 -9.32 11.42
C ALA C 138 -12.42 -8.94 11.22
N LYS C 139 -12.85 -8.88 9.97
CA LYS C 139 -14.22 -8.48 9.64
C LYS C 139 -15.26 -9.43 10.25
N LYS C 140 -14.95 -10.72 10.28
CA LYS C 140 -15.89 -11.71 10.83
C LYS C 140 -15.71 -11.89 12.33
N MET C 141 -14.92 -11.01 12.95
CA MET C 141 -14.80 -10.98 14.40
C MET C 141 -15.17 -9.61 14.99
N PRO C 142 -16.45 -9.23 14.88
CA PRO C 142 -16.86 -7.93 15.40
C PRO C 142 -16.75 -7.91 16.92
N VAL C 143 -16.40 -6.75 17.47
CA VAL C 143 -16.40 -6.55 18.90
C VAL C 143 -17.16 -5.27 19.19
N ILE C 144 -18.19 -5.37 20.02
CA ILE C 144 -19.13 -4.27 20.25
C ILE C 144 -19.08 -3.83 21.71
N LYS C 145 -18.98 -2.52 21.93
CA LYS C 145 -18.97 -1.97 23.28
C LYS C 145 -19.88 -0.75 23.35
N LYS C 146 -20.17 -0.30 24.55
CA LYS C 146 -21.10 0.80 24.72
C LYS C 146 -20.67 1.75 25.84
N ALA C 147 -20.50 3.02 25.47
CA ALA C 147 -20.35 4.09 26.44
C ALA C 147 -21.63 4.92 26.46
N ASN C 148 -21.58 6.13 25.90
CA ASN C 148 -22.80 6.84 25.53
C ASN C 148 -23.16 6.60 24.07
N THR C 149 -22.21 6.03 23.33
CA THR C 149 -22.46 5.53 21.99
C THR C 149 -22.13 4.04 21.95
N THR C 150 -22.77 3.32 21.05
CA THR C 150 -22.38 1.95 20.75
C THR C 150 -21.42 1.93 19.57
N ILE C 151 -20.30 1.25 19.74
CA ILE C 151 -19.28 1.18 18.71
C ILE C 151 -19.06 -0.29 18.32
N GLY C 152 -18.72 -0.52 17.05
CA GLY C 152 -18.31 -1.86 16.64
C GLY C 152 -19.37 -2.70 15.95
N ILE C 153 -20.62 -2.21 15.95
CA ILE C 153 -21.69 -2.89 15.21
C ILE C 153 -21.34 -2.94 13.73
N PRO C 154 -21.35 -4.15 13.14
CA PRO C 154 -21.10 -4.31 11.71
C PRO C 154 -22.04 -3.44 10.88
N GLY C 155 -21.46 -2.70 9.95
CA GLY C 155 -22.23 -1.72 9.18
C GLY C 155 -22.09 -0.30 9.72
N THR C 156 -21.35 -0.16 10.82
CA THR C 156 -21.05 1.16 11.38
C THR C 156 -19.55 1.46 11.39
N PHE C 157 -19.22 2.72 11.62
CA PHE C 157 -17.82 3.17 11.59
C PHE C 157 -17.71 4.47 12.38
N SER C 158 -16.90 4.45 13.43
CA SER C 158 -16.80 5.57 14.34
C SER C 158 -15.48 6.32 14.18
N ALA C 159 -15.38 7.47 14.84
CA ALA C 159 -14.18 8.29 14.76
C ALA C 159 -13.95 9.07 16.05
N ARG C 160 -12.70 9.05 16.53
CA ARG C 160 -12.30 9.95 17.60
C ARG C 160 -12.04 11.35 17.04
N LEU C 161 -12.71 12.33 17.64
CA LEU C 161 -12.34 13.73 17.44
C LEU C 161 -11.13 14.06 18.31
N GLN C 162 -10.03 14.43 17.67
CA GLN C 162 -8.77 14.69 18.35
C GLN C 162 -8.38 16.16 18.19
N PRO C 163 -8.95 17.05 19.03
CA PRO C 163 -8.76 18.48 18.87
C PRO C 163 -7.58 19.00 19.70
N ASN C 164 -6.36 18.66 19.28
CA ASN C 164 -5.17 19.00 20.06
C ASN C 164 -4.66 20.41 19.76
N ASP C 165 -4.11 21.06 20.79
CA ASP C 165 -3.53 22.38 20.61
C ASP C 165 -2.16 22.53 21.26
N THR C 166 -1.32 23.35 20.65
CA THR C 166 0.06 23.57 21.11
C THR C 166 0.10 24.14 22.53
N ARG C 167 -0.89 24.94 22.88
CA ARG C 167 -0.92 25.56 24.21
C ARG C 167 -2.16 25.16 25.01
N ASP C 168 -2.83 24.09 24.59
CA ASP C 168 -4.10 23.69 25.19
C ASP C 168 -5.09 24.86 25.20
N ASP C 169 -5.04 25.68 24.15
CA ASP C 169 -5.88 26.86 24.06
C ASP C 169 -7.33 26.46 23.81
N VAL C 170 -8.22 26.85 24.73
CA VAL C 170 -9.59 26.35 24.72
C VAL C 170 -10.39 26.80 23.50
N GLN C 171 -9.97 27.91 22.90
CA GLN C 171 -10.62 28.43 21.71
C GLN C 171 -10.21 27.63 20.48
N SER C 172 -8.94 27.21 20.45
CA SER C 172 -8.44 26.35 19.39
C SER C 172 -9.05 24.96 19.47
N ILE C 173 -9.11 24.42 20.68
CA ILE C 173 -9.72 23.11 20.91
C ILE C 173 -11.19 23.11 20.47
N ALA C 174 -11.93 24.14 20.88
CA ALA C 174 -13.35 24.24 20.52
C ALA C 174 -13.55 24.38 19.02
N ALA C 175 -12.70 25.17 18.37
CA ALA C 175 -12.78 25.33 16.92
C ALA C 175 -12.72 23.98 16.21
N GLN C 176 -11.77 23.13 16.61
CA GLN C 176 -11.57 21.84 15.98
C GLN C 176 -12.69 20.86 16.30
N ILE C 177 -13.29 21.02 17.47
CA ILE C 177 -14.45 20.21 17.85
C ILE C 177 -15.64 20.51 16.94
N TYR C 178 -15.98 21.79 16.80
CA TYR C 178 -17.07 22.19 15.92
C TYR C 178 -16.82 21.76 14.48
N GLU C 179 -15.56 21.80 14.05
CA GLU C 179 -15.18 21.33 12.73
C GLU C 179 -15.37 19.82 12.60
N GLY C 180 -14.91 19.08 13.60
CA GLY C 180 -15.04 17.62 13.59
C GLY C 180 -16.49 17.16 13.57
N LEU C 181 -17.30 17.75 14.44
CA LEU C 181 -18.71 17.41 14.53
C LEU C 181 -19.45 17.65 13.21
N SER C 182 -19.12 18.74 12.53
CA SER C 182 -19.75 19.09 11.26
C SER C 182 -19.49 18.06 10.16
N PHE C 183 -18.46 17.22 10.36
CA PHE C 183 -18.19 16.10 9.44
C PHE C 183 -18.71 14.78 10.00
N GLY C 184 -19.29 14.83 11.19
CA GLY C 184 -19.82 13.61 11.83
C GLY C 184 -18.74 12.84 12.55
N VAL C 185 -17.68 13.52 12.98
CA VAL C 185 -16.63 12.90 13.77
C VAL C 185 -16.86 13.16 15.25
N GLY C 186 -16.65 12.12 16.07
CA GLY C 186 -16.73 12.28 17.51
C GLY C 186 -17.57 11.24 18.23
N ASP C 187 -18.00 10.20 17.51
CA ASP C 187 -18.81 9.16 18.12
C ASP C 187 -18.02 8.16 18.97
N ALA C 188 -16.74 7.99 18.67
CA ALA C 188 -15.86 7.21 19.53
C ALA C 188 -15.55 7.96 20.82
N VAL C 189 -15.07 9.19 20.68
CA VAL C 189 -14.74 10.03 21.83
C VAL C 189 -14.27 11.40 21.33
N ILE C 190 -14.48 12.42 22.14
CA ILE C 190 -13.78 13.69 21.94
C ILE C 190 -12.62 13.77 22.92
N GLY C 191 -11.42 13.49 22.41
CA GLY C 191 -10.26 13.23 23.25
C GLY C 191 -9.07 14.11 22.94
N VAL C 192 -8.64 14.89 23.93
CA VAL C 192 -7.54 15.84 23.78
C VAL C 192 -6.28 15.32 24.46
N ASN C 193 -5.18 15.29 23.72
CA ASN C 193 -3.86 15.15 24.32
C ASN C 193 -3.34 16.49 24.81
N PRO C 194 -3.27 16.66 26.14
CA PRO C 194 -2.88 17.94 26.73
C PRO C 194 -1.36 18.10 26.70
N VAL C 195 -0.90 19.34 26.61
CA VAL C 195 0.53 19.64 26.65
CA VAL C 195 0.54 19.61 26.65
C VAL C 195 1.05 19.69 28.09
N THR C 196 0.16 20.06 29.02
CA THR C 196 0.54 20.13 30.42
C THR C 196 -0.27 19.16 31.26
N ASP C 197 0.43 18.35 32.06
CA ASP C 197 -0.19 17.27 32.81
C ASP C 197 -0.47 17.70 34.25
N ASP C 198 -1.46 18.58 34.43
CA ASP C 198 -1.89 18.99 35.76
C ASP C 198 -3.41 19.09 35.87
N VAL C 199 -3.91 19.03 37.10
CA VAL C 199 -5.35 18.88 37.35
C VAL C 199 -6.16 20.09 36.86
N GLU C 200 -5.70 21.29 37.19
CA GLU C 200 -6.36 22.52 36.77
C GLU C 200 -6.53 22.59 35.26
N ASN C 201 -5.46 22.29 34.53
CA ASN C 201 -5.51 22.32 33.08
C ASN C 201 -6.39 21.21 32.50
N LEU C 202 -6.32 20.02 33.10
CA LEU C 202 -7.17 18.92 32.70
C LEU C 202 -8.64 19.28 32.85
N SER C 203 -8.97 19.90 33.97
CA SER C 203 -10.35 20.26 34.28
CA SER C 203 -10.35 20.27 34.29
C SER C 203 -10.88 21.33 33.32
N ARG C 204 -10.00 22.26 32.95
CA ARG C 204 -10.37 23.33 32.04
C ARG C 204 -10.63 22.79 30.64
N VAL C 205 -9.82 21.83 30.22
CA VAL C 205 -9.99 21.20 28.91
C VAL C 205 -11.26 20.36 28.88
N LEU C 206 -11.50 19.60 29.94
CA LEU C 206 -12.73 18.83 30.07
C LEU C 206 -13.97 19.74 30.07
N ASP C 207 -13.88 20.85 30.79
CA ASP C 207 -14.95 21.84 30.80
C ASP C 207 -15.30 22.32 29.39
N THR C 208 -14.29 22.52 28.57
CA THR C 208 -14.48 22.98 27.19
C THR C 208 -15.15 21.92 26.33
N ILE C 209 -14.64 20.69 26.40
CA ILE C 209 -15.25 19.58 25.68
C ILE C 209 -16.69 19.39 26.11
N TYR C 210 -16.93 19.36 27.43
CA TYR C 210 -18.26 19.11 27.93
C TYR C 210 -19.20 20.30 27.81
N GLY C 211 -18.64 21.50 27.70
CA GLY C 211 -19.40 22.67 27.30
C GLY C 211 -20.11 22.46 25.98
N VAL C 212 -19.39 21.94 25.00
CA VAL C 212 -19.97 21.65 23.68
C VAL C 212 -20.97 20.49 23.75
N ILE C 213 -20.54 19.38 24.35
CA ILE C 213 -21.40 18.20 24.54
C ILE C 213 -22.75 18.56 25.15
N ASP C 214 -22.72 19.39 26.20
CA ASP C 214 -23.92 19.71 26.97
C ASP C 214 -24.84 20.69 26.25
N LYS C 215 -24.26 21.67 25.56
CA LYS C 215 -25.05 22.67 24.86
C LYS C 215 -25.89 22.06 23.75
N PHE C 216 -25.33 21.05 23.08
CA PHE C 216 -26.01 20.44 21.93
C PHE C 216 -26.54 19.04 22.23
N ASN C 217 -26.48 18.64 23.49
CA ASN C 217 -26.97 17.33 23.92
C ASN C 217 -26.40 16.20 23.08
N ILE C 218 -25.08 16.23 22.89
CA ILE C 218 -24.39 15.27 22.05
C ILE C 218 -24.23 13.93 22.77
N PRO C 219 -24.74 12.85 22.15
CA PRO C 219 -24.40 11.50 22.63
C PRO C 219 -22.97 11.16 22.26
N THR C 220 -22.06 11.38 23.21
CA THR C 220 -20.68 10.98 23.06
C THR C 220 -20.01 11.08 24.42
N GLN C 221 -18.69 11.08 24.45
CA GLN C 221 -17.94 11.18 25.69
C GLN C 221 -16.64 11.92 25.48
N GLY C 222 -16.18 12.61 26.51
CA GLY C 222 -14.94 13.36 26.44
C GLY C 222 -13.81 12.63 27.14
N CYS C 223 -12.58 13.06 26.86
CA CYS C 223 -11.41 12.43 27.45
C CYS C 223 -10.22 13.35 27.30
N VAL C 224 -9.43 13.45 28.36
CA VAL C 224 -8.14 14.14 28.28
C VAL C 224 -7.02 13.15 28.60
N LEU C 225 -6.15 12.96 27.63
CA LEU C 225 -5.25 11.82 27.61
C LEU C 225 -3.93 12.12 28.34
N ALA C 226 -4.05 12.62 29.57
CA ALA C 226 -2.91 12.72 30.46
C ALA C 226 -2.66 11.37 31.12
N HIS C 227 -1.69 11.31 32.03
CA HIS C 227 -1.44 10.09 32.80
C HIS C 227 -2.70 9.71 33.58
N VAL C 228 -2.90 8.42 33.81
CA VAL C 228 -4.11 7.94 34.49
C VAL C 228 -4.36 8.69 35.79
N THR C 229 -3.29 8.94 36.54
CA THR C 229 -3.38 9.48 37.89
C THR C 229 -3.94 10.90 37.93
N THR C 230 -3.61 11.69 36.92
CA THR C 230 -4.07 13.07 36.84
C THR C 230 -5.53 13.12 36.41
N GLN C 231 -5.92 12.20 35.52
CA GLN C 231 -7.32 12.05 35.12
C GLN C 231 -8.19 11.73 36.32
N ILE C 232 -7.77 10.73 37.09
CA ILE C 232 -8.50 10.31 38.28
C ILE C 232 -8.63 11.47 39.26
N GLU C 233 -7.51 12.13 39.54
CA GLU C 233 -7.49 13.24 40.49
C GLU C 233 -8.44 14.35 40.06
N ALA C 234 -8.38 14.71 38.78
CA ALA C 234 -9.28 15.72 38.23
C ALA C 234 -10.75 15.34 38.40
N ILE C 235 -11.06 14.08 38.10
CA ILE C 235 -12.44 13.57 38.19
C ILE C 235 -12.96 13.48 39.62
N ARG C 236 -12.10 13.10 40.56
CA ARG C 236 -12.45 13.07 41.98
C ARG C 236 -12.75 14.47 42.51
N ARG C 237 -12.07 15.46 41.94
CA ARG C 237 -12.23 16.84 42.37
CA ARG C 237 -12.24 16.84 42.37
C ARG C 237 -13.35 17.56 41.61
N GLY C 238 -14.07 16.82 40.76
CA GLY C 238 -15.32 17.30 40.20
C GLY C 238 -15.37 17.56 38.70
N ALA C 239 -14.25 17.36 38.01
CA ALA C 239 -14.24 17.48 36.56
C ALA C 239 -15.07 16.36 35.91
N PRO C 240 -15.76 16.68 34.81
CA PRO C 240 -16.61 15.70 34.12
C PRO C 240 -15.81 14.51 33.63
N GLY C 241 -16.17 13.32 34.08
CA GLY C 241 -15.50 12.10 33.68
C GLY C 241 -16.21 11.42 32.51
N GLY C 242 -15.48 11.25 31.41
CA GLY C 242 -15.99 10.51 30.26
C GLY C 242 -15.30 9.17 30.12
N LEU C 243 -14.38 9.08 29.16
CA LEU C 243 -13.48 7.94 29.11
C LEU C 243 -12.22 8.23 29.93
N ILE C 244 -11.66 7.19 30.53
CA ILE C 244 -10.37 7.31 31.22
C ILE C 244 -9.28 6.58 30.41
N PHE C 245 -8.20 7.29 30.11
CA PHE C 245 -7.20 6.80 29.16
C PHE C 245 -5.90 6.37 29.83
N GLN C 246 -5.23 5.39 29.23
CA GLN C 246 -3.82 5.13 29.50
C GLN C 246 -3.18 4.40 28.34
N SER C 247 -1.99 4.86 27.94
CA SER C 247 -1.16 4.09 27.01
C SER C 247 -0.53 2.92 27.75
N ILE C 248 -0.44 1.78 27.08
CA ILE C 248 0.04 0.56 27.72
C ILE C 248 1.18 -0.09 26.94
N CYS C 249 1.93 -0.94 27.63
CA CYS C 249 2.98 -1.72 27.01
C CYS C 249 2.85 -3.19 27.43
N GLY C 250 3.41 -4.09 26.63
CA GLY C 250 3.13 -5.52 26.77
C GLY C 250 4.05 -6.26 27.73
N SER C 251 4.76 -5.50 28.56
CA SER C 251 5.65 -6.10 29.56
C SER C 251 5.62 -5.29 30.85
N GLU C 252 5.98 -5.93 31.96
CA GLU C 252 6.11 -5.23 33.24
C GLU C 252 7.16 -4.13 33.12
N LYS C 253 8.29 -4.46 32.53
CA LYS C 253 9.36 -3.48 32.29
C LYS C 253 8.83 -2.27 31.53
N GLY C 254 8.01 -2.52 30.51
CA GLY C 254 7.46 -1.45 29.67
C GLY C 254 6.46 -0.59 30.41
N LEU C 255 5.63 -1.20 31.24
CA LEU C 255 4.70 -0.46 32.09
C LEU C 255 5.46 0.46 33.05
N LYS C 256 6.55 -0.05 33.62
CA LYS C 256 7.42 0.76 34.47
C LYS C 256 7.95 1.98 33.72
N GLU C 257 8.46 1.75 32.52
CA GLU C 257 8.90 2.84 31.66
C GLU C 257 7.83 3.91 31.54
N PHE C 258 6.58 3.48 31.35
CA PHE C 258 5.45 4.38 31.17
C PHE C 258 5.01 5.00 32.50
N GLY C 259 5.42 4.38 33.60
CA GLY C 259 5.07 4.86 34.94
C GLY C 259 3.69 4.43 35.38
N VAL C 260 3.23 3.29 34.85
CA VAL C 260 1.91 2.78 35.19
C VAL C 260 1.97 1.49 36.01
N GLU C 261 1.09 1.38 36.99
CA GLU C 261 0.87 0.14 37.70
C GLU C 261 -0.52 -0.41 37.35
N LEU C 262 -0.66 -1.73 37.31
CA LEU C 262 -1.96 -2.35 37.06
C LEU C 262 -3.02 -1.87 38.03
N ALA C 263 -2.60 -1.58 39.26
CA ALA C 263 -3.50 -1.08 40.30
C ALA C 263 -4.18 0.22 39.89
N MET C 264 -3.50 1.02 39.07
CA MET C 264 -4.05 2.28 38.58
C MET C 264 -5.22 2.07 37.64
N LEU C 265 -5.14 1.01 36.83
CA LEU C 265 -6.22 0.68 35.90
C LEU C 265 -7.41 0.09 36.66
N ASP C 266 -7.13 -0.58 37.77
CA ASP C 266 -8.17 -1.02 38.69
C ASP C 266 -8.90 0.19 39.29
N GLU C 267 -8.13 1.18 39.73
CA GLU C 267 -8.71 2.37 40.34
C GLU C 267 -9.51 3.17 39.31
N ALA C 268 -9.00 3.23 38.08
CA ALA C 268 -9.67 3.94 37.01
C ALA C 268 -11.05 3.34 36.74
N ARG C 269 -11.14 2.02 36.80
CA ARG C 269 -12.34 1.35 36.65
CA ARG C 269 -12.40 1.32 36.63
C ARG C 269 -13.39 1.74 37.71
N ALA C 270 -12.92 1.74 38.95
CA ALA C 270 -13.79 2.05 40.10
C ALA C 270 -14.16 3.54 40.13
N VAL C 271 -13.24 4.39 39.71
CA VAL C 271 -13.52 5.82 39.63
C VAL C 271 -14.54 6.11 38.54
N GLY C 272 -14.41 5.42 37.41
CA GLY C 272 -15.42 5.46 36.36
C GLY C 272 -16.81 5.12 36.88
N ALA C 273 -16.88 4.06 37.67
CA ALA C 273 -18.16 3.57 38.22
C ALA C 273 -18.81 4.52 39.21
N GLU C 274 -17.98 5.30 39.92
CA GLU C 274 -18.52 6.24 40.89
C GLU C 274 -18.83 7.61 40.28
N PHE C 275 -18.06 8.03 39.28
CA PHE C 275 -18.04 9.43 38.87
C PHE C 275 -18.49 9.70 37.44
N ASN C 276 -18.28 8.73 36.54
CA ASN C 276 -18.27 9.04 35.11
C ASN C 276 -19.63 9.12 34.44
N ARG C 277 -19.74 10.05 33.50
CA ARG C 277 -21.00 10.32 32.81
C ARG C 277 -21.21 9.37 31.65
N ILE C 278 -21.34 8.09 31.96
CA ILE C 278 -21.41 7.05 30.94
C ILE C 278 -22.65 6.18 31.14
N ALA C 279 -23.49 6.11 30.11
CA ALA C 279 -24.71 5.32 30.16
C ALA C 279 -24.41 3.82 30.11
N GLY C 280 -23.52 3.43 29.21
CA GLY C 280 -23.13 2.02 29.05
C GLY C 280 -22.14 1.53 30.09
N GLU C 281 -21.63 0.32 29.90
CA GLU C 281 -20.81 -0.31 30.92
C GLU C 281 -19.30 -0.21 30.66
N ASN C 282 -18.93 0.35 29.53
CA ASN C 282 -17.52 0.49 29.16
C ASN C 282 -17.05 1.94 29.20
N CYS C 283 -15.91 2.19 29.84
CA CYS C 283 -15.43 3.56 29.98
C CYS C 283 -13.92 3.75 29.90
N LEU C 284 -13.16 2.67 29.68
CA LEU C 284 -11.70 2.78 29.58
C LEU C 284 -11.25 2.90 28.13
N TYR C 285 -10.11 3.57 27.94
CA TYR C 285 -9.57 3.83 26.60
C TYR C 285 -8.06 3.61 26.64
N PHE C 286 -7.57 2.62 25.89
CA PHE C 286 -6.13 2.39 25.79
C PHE C 286 -5.60 2.72 24.39
N GLU C 287 -4.36 3.20 24.33
CA GLU C 287 -3.65 3.23 23.05
C GLU C 287 -2.39 2.39 23.09
N THR C 288 -2.02 1.84 21.93
CA THR C 288 -0.91 0.91 21.82
C THR C 288 -0.17 1.20 20.52
N GLY C 289 0.83 0.36 20.20
CA GLY C 289 1.51 0.47 18.92
C GLY C 289 2.83 -0.27 18.88
N GLN C 290 3.14 -0.88 17.74
CA GLN C 290 4.37 -1.64 17.57
C GLN C 290 5.60 -0.77 17.78
N GLY C 291 6.54 -1.26 18.60
CA GLY C 291 7.81 -0.56 18.81
C GLY C 291 8.02 -0.08 20.24
N SER C 292 6.94 0.14 20.96
CA SER C 292 7.02 0.75 22.29
C SER C 292 7.87 -0.07 23.26
N ALA C 293 7.63 -1.39 23.28
CA ALA C 293 8.41 -2.29 24.12
C ALA C 293 9.88 -2.28 23.75
N LEU C 294 10.16 -2.36 22.45
CA LEU C 294 11.53 -2.35 21.95
C LEU C 294 12.24 -1.05 22.32
N SER C 295 11.51 0.06 22.26
CA SER C 295 12.04 1.36 22.68
C SER C 295 12.38 1.37 24.16
N ALA C 296 11.53 0.73 24.96
CA ALA C 296 11.68 0.74 26.40
C ALA C 296 12.76 -0.22 26.89
N GLY C 297 13.34 -0.98 25.96
CA GLY C 297 14.27 -2.05 26.33
C GLY C 297 13.53 -3.19 27.00
N ALA C 298 12.26 -3.36 26.66
CA ALA C 298 11.35 -4.19 27.43
C ALA C 298 10.69 -5.26 26.56
N ASN C 299 11.35 -5.60 25.46
CA ASN C 299 10.83 -6.62 24.54
C ASN C 299 11.46 -7.98 24.79
N PHE C 300 12.54 -8.00 25.57
CA PHE C 300 13.18 -9.22 26.02
C PHE C 300 13.48 -10.19 24.88
N GLY C 301 13.95 -9.65 23.76
CA GLY C 301 14.32 -10.45 22.61
C GLY C 301 13.13 -10.84 21.74
N ALA C 302 11.95 -10.32 22.06
CA ALA C 302 10.75 -10.61 21.30
C ALA C 302 10.47 -9.55 20.25
N ASP C 303 9.86 -9.95 19.14
CA ASP C 303 9.50 -9.05 18.06
C ASP C 303 8.33 -8.15 18.45
N GLN C 304 8.15 -7.06 17.71
CA GLN C 304 7.22 -6.01 18.11
C GLN C 304 5.76 -6.38 17.84
N VAL C 305 5.53 -7.41 17.02
CA VAL C 305 4.18 -7.89 16.74
C VAL C 305 3.66 -8.73 17.90
N THR C 306 4.49 -9.63 18.40
CA THR C 306 4.15 -10.43 19.56
C THR C 306 3.92 -9.56 20.80
N MET C 307 4.78 -8.56 20.97
CA MET C 307 4.67 -7.65 22.10
C MET C 307 3.39 -6.81 22.03
N GLU C 308 3.06 -6.39 20.81
CA GLU C 308 1.83 -5.64 20.56
C GLU C 308 0.58 -6.45 20.92
N ALA C 309 0.58 -7.73 20.52
CA ALA C 309 -0.51 -8.63 20.88
C ALA C 309 -0.70 -8.71 22.40
N ARG C 310 0.41 -8.68 23.13
CA ARG C 310 0.38 -8.75 24.59
C ARG C 310 -0.30 -7.53 25.21
N ASN C 311 -0.21 -6.39 24.54
CA ASN C 311 -1.01 -5.21 24.88
C ASN C 311 -2.50 -5.50 24.90
N TYR C 312 -2.96 -6.28 23.92
CA TYR C 312 -4.39 -6.58 23.79
C TYR C 312 -4.87 -7.57 24.84
N GLY C 313 -3.99 -8.50 25.21
CA GLY C 313 -4.25 -9.40 26.32
C GLY C 313 -4.36 -8.63 27.63
N LEU C 314 -3.49 -7.64 27.79
CA LEU C 314 -3.56 -6.72 28.93
C LEU C 314 -4.87 -5.94 28.90
N ALA C 315 -5.13 -5.27 27.79
CA ALA C 315 -6.31 -4.42 27.64
C ALA C 315 -7.61 -5.18 27.86
N ARG C 316 -7.68 -6.40 27.32
CA ARG C 316 -8.90 -7.22 27.38
C ARG C 316 -9.33 -7.47 28.82
N HIS C 317 -8.37 -7.58 29.73
CA HIS C 317 -8.65 -7.78 31.15
C HIS C 317 -9.56 -6.69 31.72
N TYR C 318 -9.45 -5.49 31.16
CA TYR C 318 -10.14 -4.33 31.70
C TYR C 318 -11.37 -3.92 30.87
N ASP C 319 -11.70 -4.73 29.88
CA ASP C 319 -12.89 -4.52 29.06
C ASP C 319 -13.13 -3.05 28.71
N PRO C 320 -12.21 -2.46 27.94
CA PRO C 320 -12.29 -1.04 27.59
C PRO C 320 -13.40 -0.77 26.57
N PHE C 321 -13.83 0.48 26.50
CA PHE C 321 -14.76 0.91 25.47
C PHE C 321 -14.08 0.90 24.10
N ILE C 322 -12.85 1.40 24.06
CA ILE C 322 -12.08 1.47 22.82
C ILE C 322 -10.60 1.18 23.05
N VAL C 323 -9.97 0.57 22.07
CA VAL C 323 -8.51 0.49 22.00
C VAL C 323 -8.12 0.80 20.56
N ASN C 324 -7.07 1.59 20.38
CA ASN C 324 -6.46 1.71 19.06
C ASN C 324 -4.95 1.64 19.11
N THR C 325 -4.38 0.89 18.18
CA THR C 325 -2.97 1.03 17.86
C THR C 325 -2.76 2.44 17.30
N VAL C 326 -1.61 3.02 17.59
CA VAL C 326 -1.19 4.22 16.89
C VAL C 326 -0.09 3.82 15.92
N VAL C 327 -0.51 3.39 14.73
CA VAL C 327 0.26 2.44 13.94
C VAL C 327 1.65 2.93 13.58
N GLY C 328 1.75 4.15 13.05
CA GLY C 328 3.03 4.73 12.66
C GLY C 328 3.35 6.00 13.43
N PHE C 329 3.15 5.96 14.73
CA PHE C 329 3.29 7.16 15.57
C PHE C 329 4.74 7.53 15.87
N ILE C 330 5.63 6.55 15.86
CA ILE C 330 6.98 6.75 16.41
C ILE C 330 8.00 7.17 15.36
N GLY C 331 8.30 6.29 14.42
CA GLY C 331 9.27 6.59 13.38
C GLY C 331 9.67 5.37 12.56
N PRO C 332 10.49 5.60 11.51
CA PRO C 332 10.88 4.59 10.53
C PRO C 332 11.73 3.49 11.16
N GLU C 333 12.30 3.69 12.37
CA GLU C 333 13.14 2.67 12.99
C GLU C 333 12.35 1.42 13.38
N TYR C 334 10.99 1.62 13.55
CA TYR C 334 10.15 0.45 13.86
C TYR C 334 9.25 0.02 12.70
N LEU C 335 8.68 0.99 12.00
CA LEU C 335 7.98 0.75 10.74
C LEU C 335 8.41 1.77 9.70
N TYR C 336 9.06 1.30 8.64
CA TYR C 336 9.85 2.17 7.78
C TYR C 336 9.03 2.91 6.72
N ASN C 337 8.13 2.19 6.04
CA ASN C 337 7.50 2.71 4.83
C ASN C 337 6.00 2.39 4.75
N ASP C 338 5.39 2.77 3.63
CA ASP C 338 3.98 2.49 3.37
C ASP C 338 3.64 1.03 3.66
N ARG C 339 4.37 0.13 3.00
CA ARG C 339 4.10 -1.29 3.01
C ARG C 339 4.07 -1.84 4.44
N GLN C 340 5.09 -1.48 5.22
CA GLN C 340 5.23 -1.97 6.58
C GLN C 340 4.17 -1.39 7.51
N ILE C 341 3.80 -0.14 7.27
CA ILE C 341 2.79 0.52 8.09
C ILE C 341 1.40 -0.04 7.84
N ILE C 342 1.08 -0.32 6.59
CA ILE C 342 -0.17 -0.99 6.24
C ILE C 342 -0.24 -2.39 6.85
N ARG C 343 0.83 -3.16 6.68
CA ARG C 343 0.89 -4.51 7.20
C ARG C 343 0.69 -4.51 8.72
N ALA C 344 1.39 -3.59 9.40
CA ALA C 344 1.27 -3.45 10.84
C ALA C 344 -0.16 -3.11 11.26
N GLY C 345 -0.76 -2.16 10.56
CA GLY C 345 -2.13 -1.75 10.83
C GLY C 345 -3.10 -2.91 10.72
N LEU C 346 -2.93 -3.73 9.68
CA LEU C 346 -3.79 -4.90 9.48
C LEU C 346 -3.56 -5.94 10.57
N GLU C 347 -2.29 -6.17 10.92
CA GLU C 347 -1.92 -7.09 11.99
C GLU C 347 -2.53 -6.64 13.32
N ASP C 348 -2.23 -5.39 13.69
CA ASP C 348 -2.68 -4.84 14.96
C ASP C 348 -4.19 -4.98 15.11
N HIS C 349 -4.93 -4.63 14.07
CA HIS C 349 -6.38 -4.66 14.11
C HIS C 349 -6.91 -6.08 14.22
N PHE C 350 -6.37 -7.00 13.41
CA PHE C 350 -6.75 -8.40 13.47
C PHE C 350 -6.50 -8.98 14.85
N MET C 351 -5.30 -8.76 15.37
CA MET C 351 -4.92 -9.28 16.68
C MET C 351 -5.82 -8.71 17.77
N GLY C 352 -6.13 -7.42 17.67
CA GLY C 352 -7.06 -6.78 18.60
C GLY C 352 -8.43 -7.44 18.59
N LYS C 353 -8.95 -7.68 17.40
CA LYS C 353 -10.29 -8.27 17.28
C LYS C 353 -10.30 -9.73 17.72
N LEU C 354 -9.25 -10.47 17.38
CA LEU C 354 -9.10 -11.84 17.86
C LEU C 354 -9.02 -11.90 19.39
N SER C 355 -8.38 -10.90 20.00
CA SER C 355 -8.27 -10.83 21.46
C SER C 355 -9.58 -10.41 22.13
N GLY C 356 -10.56 -10.01 21.33
CA GLY C 356 -11.88 -9.66 21.85
C GLY C 356 -11.94 -8.26 22.44
N ILE C 357 -11.13 -7.35 21.90
CA ILE C 357 -11.23 -5.94 22.28
C ILE C 357 -11.78 -5.04 21.17
N SER C 358 -12.27 -3.88 21.58
CA SER C 358 -12.97 -2.96 20.67
C SER C 358 -11.96 -2.18 19.84
N MET C 359 -11.40 -2.84 18.84
CA MET C 359 -10.14 -2.43 18.26
C MET C 359 -10.30 -1.43 17.11
N GLY C 360 -9.67 -0.28 17.26
CA GLY C 360 -9.56 0.68 16.16
C GLY C 360 -8.11 0.91 15.80
N CYS C 361 -7.87 1.90 14.94
CA CYS C 361 -6.52 2.23 14.51
C CYS C 361 -6.39 3.72 14.23
N ASP C 362 -5.38 4.34 14.82
CA ASP C 362 -4.91 5.64 14.34
C ASP C 362 -4.03 5.41 13.13
N CYS C 363 -4.62 5.52 11.95
CA CYS C 363 -3.87 5.43 10.70
C CYS C 363 -3.04 6.71 10.51
N CYS C 364 -1.73 6.57 10.65
CA CYS C 364 -0.86 7.73 10.76
C CYS C 364 0.57 7.41 10.35
N TYR C 365 1.37 8.46 10.22
CA TYR C 365 2.79 8.34 9.89
C TYR C 365 3.49 9.59 10.39
N THR C 366 4.82 9.54 10.45
CA THR C 366 5.59 10.73 10.81
C THR C 366 6.35 11.27 9.60
N ASN C 367 6.86 12.48 9.74
CA ASN C 367 7.51 13.17 8.64
C ASN C 367 8.94 12.70 8.40
N HIS C 368 9.50 11.96 9.35
CA HIS C 368 10.79 11.33 9.15
C HIS C 368 10.67 9.86 8.75
N ALA C 369 9.45 9.42 8.47
CA ALA C 369 9.18 8.11 7.92
C ALA C 369 8.98 8.17 6.40
N ASP C 370 9.19 7.06 5.72
CA ASP C 370 9.06 7.00 4.27
C ASP C 370 7.59 6.84 3.87
N ALA C 371 6.82 7.90 4.04
CA ALA C 371 5.36 7.82 3.98
C ALA C 371 4.75 9.18 3.67
N ASP C 372 3.47 9.17 3.30
CA ASP C 372 2.72 10.41 3.06
C ASP C 372 1.22 10.19 3.29
N GLN C 373 0.42 11.20 2.99
CA GLN C 373 -1.00 11.16 3.32
C GLN C 373 -1.76 10.08 2.54
N ASN C 374 -1.29 9.80 1.33
CA ASN C 374 -1.89 8.75 0.51
C ASN C 374 -1.80 7.39 1.17
N LEU C 375 -0.76 7.17 1.97
CA LEU C 375 -0.66 5.98 2.80
C LEU C 375 -1.79 5.91 3.82
N ASN C 376 -2.02 7.02 4.52
CA ASN C 376 -3.10 7.08 5.50
C ASN C 376 -4.43 6.73 4.87
N GLU C 377 -4.64 7.22 3.65
CA GLU C 377 -5.89 7.01 2.94
C GLU C 377 -6.04 5.57 2.44
N ASN C 378 -4.94 4.97 2.01
CA ASN C 378 -4.91 3.54 1.70
C ASN C 378 -5.32 2.69 2.90
N LEU C 379 -4.67 2.94 4.05
CA LEU C 379 -4.83 2.08 5.22
C LEU C 379 -6.18 2.23 5.89
N MET C 380 -6.69 3.46 5.95
CA MET C 380 -7.97 3.73 6.57
CA MET C 380 -7.97 3.70 6.59
C MET C 380 -9.11 3.01 5.83
N ILE C 381 -8.99 2.92 4.52
CA ILE C 381 -10.03 2.27 3.72
C ILE C 381 -9.96 0.75 3.85
N LEU C 382 -8.75 0.19 3.72
CA LEU C 382 -8.53 -1.23 3.98
C LEU C 382 -9.03 -1.65 5.37
N LEU C 383 -8.69 -0.87 6.39
CA LEU C 383 -9.12 -1.18 7.75
C LEU C 383 -10.62 -1.03 7.93
N ALA C 384 -11.20 -0.03 7.29
CA ALA C 384 -12.65 0.12 7.30
C ALA C 384 -13.33 -1.14 6.77
N THR C 385 -12.81 -1.71 5.68
CA THR C 385 -13.35 -2.97 5.14
C THR C 385 -13.16 -4.13 6.11
N ALA C 386 -12.12 -4.06 6.94
CA ALA C 386 -11.87 -5.07 7.97
C ALA C 386 -12.78 -4.90 9.18
N GLY C 387 -13.58 -3.84 9.18
CA GLY C 387 -14.47 -3.57 10.31
C GLY C 387 -13.79 -2.86 11.46
N CYS C 388 -12.68 -2.19 11.17
CA CYS C 388 -12.04 -1.30 12.15
C CYS C 388 -13.09 -0.44 12.84
N ASN C 389 -13.08 -0.42 14.17
CA ASN C 389 -14.14 0.21 14.93
C ASN C 389 -14.13 1.73 14.82
N TYR C 390 -12.94 2.30 14.75
CA TYR C 390 -12.79 3.74 14.66
C TYR C 390 -11.38 4.15 14.22
N ILE C 391 -11.29 5.34 13.63
CA ILE C 391 -10.01 5.98 13.35
C ILE C 391 -10.02 7.36 14.02
N MET C 392 -8.94 8.12 13.84
CA MET C 392 -8.90 9.48 14.37
C MET C 392 -9.49 10.46 13.38
N GLY C 393 -9.78 11.66 13.87
CA GLY C 393 -10.10 12.78 13.00
C GLY C 393 -9.45 14.06 13.48
N MET C 394 -8.76 14.73 12.58
CA MET C 394 -8.24 16.08 12.82
C MET C 394 -8.41 16.89 11.54
N PRO C 395 -8.35 18.24 11.65
CA PRO C 395 -8.52 19.06 10.45
C PRO C 395 -7.43 18.75 9.43
N LEU C 396 -7.83 18.13 8.32
CA LEU C 396 -6.91 17.62 7.29
C LEU C 396 -5.89 16.60 7.80
N GLY C 397 -6.01 16.23 9.07
CA GLY C 397 -5.13 15.21 9.65
C GLY C 397 -3.85 15.76 10.25
N ASP C 398 -3.72 17.08 10.22
CA ASP C 398 -2.51 17.75 10.71
C ASP C 398 -2.61 18.00 12.22
N ASP C 399 -1.86 17.24 13.00
CA ASP C 399 -1.75 17.49 14.43
C ASP C 399 -0.64 18.50 14.71
N ILE C 400 -1.01 19.61 15.33
CA ILE C 400 -0.13 20.77 15.43
C ILE C 400 0.77 20.71 16.67
N MET C 401 0.57 19.72 17.53
CA MET C 401 1.37 19.62 18.75
CA MET C 401 1.37 19.62 18.75
C MET C 401 1.98 18.24 18.96
N LEU C 402 1.38 17.22 18.36
CA LEU C 402 1.95 15.87 18.39
C LEU C 402 2.88 15.62 17.21
N ASN C 403 2.88 16.56 16.26
CA ASN C 403 3.82 16.54 15.14
C ASN C 403 3.76 15.25 14.32
N TYR C 404 2.60 14.96 13.77
CA TYR C 404 2.43 13.82 12.86
C TYR C 404 1.15 14.00 12.05
N GLN C 405 0.95 13.14 11.06
CA GLN C 405 -0.26 13.21 10.25
C GLN C 405 -1.14 12.00 10.44
N THR C 406 -2.35 12.24 10.94
CA THR C 406 -3.37 11.22 11.05
C THR C 406 -4.41 11.45 9.95
N THR C 407 -5.60 10.88 10.12
CA THR C 407 -6.65 11.02 9.13
C THR C 407 -7.48 12.29 9.30
N ALA C 408 -7.95 12.84 8.19
CA ALA C 408 -8.78 14.04 8.19
C ALA C 408 -10.20 13.73 8.65
N PHE C 409 -10.93 14.74 9.12
CA PHE C 409 -12.37 14.60 9.34
C PHE C 409 -13.04 14.13 8.05
N HIS C 410 -12.57 14.67 6.93
CA HIS C 410 -13.03 14.29 5.60
C HIS C 410 -13.00 12.77 5.41
N ASP C 411 -12.01 12.13 6.01
CA ASP C 411 -11.72 10.72 5.73
C ASP C 411 -12.77 9.78 6.31
N THR C 412 -13.35 10.16 7.44
CA THR C 412 -14.42 9.38 8.05
C THR C 412 -15.70 9.47 7.24
N ALA C 413 -16.03 10.68 6.79
CA ALA C 413 -17.19 10.86 5.91
C ALA C 413 -17.00 10.17 4.57
N THR C 414 -15.76 10.19 4.07
CA THR C 414 -15.44 9.50 2.83
C THR C 414 -15.66 8.00 3.00
N VAL C 415 -15.10 7.43 4.06
CA VAL C 415 -15.22 6.00 4.34
C VAL C 415 -16.66 5.56 4.49
N ARG C 416 -17.44 6.34 5.23
CA ARG C 416 -18.85 6.00 5.50
C ARG C 416 -19.65 5.98 4.20
N GLN C 417 -19.47 7.01 3.38
CA GLN C 417 -20.25 7.17 2.16
C GLN C 417 -19.75 6.25 1.06
N LEU C 418 -18.46 5.93 1.09
CA LEU C 418 -17.89 4.96 0.15
C LEU C 418 -18.42 3.55 0.41
N LEU C 419 -18.45 3.16 1.69
CA LEU C 419 -18.74 1.78 2.06
C LEU C 419 -20.16 1.59 2.60
N ASN C 420 -20.97 2.64 2.52
CA ASN C 420 -22.33 2.62 3.08
C ASN C 420 -22.33 2.21 4.55
N LEU C 421 -21.42 2.80 5.33
CA LEU C 421 -21.38 2.59 6.77
C LEU C 421 -21.97 3.79 7.51
N ARG C 422 -22.53 3.54 8.69
CA ARG C 422 -23.16 4.59 9.48
C ARG C 422 -22.32 4.90 10.71
N PRO C 423 -22.53 6.06 11.33
CA PRO C 423 -21.91 6.31 12.64
C PRO C 423 -22.53 5.40 13.70
N SER C 424 -22.00 5.46 14.91
CA SER C 424 -22.72 4.93 16.07
C SER C 424 -24.18 5.38 15.99
N PRO C 425 -25.12 4.45 16.24
CA PRO C 425 -26.54 4.77 16.06
C PRO C 425 -27.04 5.95 16.90
N GLU C 426 -26.54 6.10 18.12
CA GLU C 426 -26.95 7.21 18.97
C GLU C 426 -26.46 8.54 18.41
N PHE C 427 -25.22 8.54 17.92
CA PHE C 427 -24.59 9.73 17.37
C PHE C 427 -25.21 10.10 16.04
N GLU C 428 -25.50 9.09 15.22
CA GLU C 428 -26.17 9.29 13.94
C GLU C 428 -27.50 10.01 14.12
N ARG C 429 -28.26 9.60 15.12
CA ARG C 429 -29.53 10.25 15.43
C ARG C 429 -29.32 11.73 15.75
N TRP C 430 -28.28 12.03 16.53
CA TRP C 430 -27.94 13.42 16.85
C TRP C 430 -27.57 14.22 15.60
N LEU C 431 -26.77 13.60 14.72
CA LEU C 431 -26.37 14.25 13.47
C LEU C 431 -27.57 14.54 12.58
N GLU C 432 -28.50 13.60 12.51
CA GLU C 432 -29.73 13.78 11.75
C GLU C 432 -30.55 14.96 12.27
N SER C 433 -30.60 15.10 13.59
CA SER C 433 -31.38 16.16 14.22
C SER C 433 -30.68 17.52 14.09
N MET C 434 -29.37 17.48 13.92
CA MET C 434 -28.60 18.71 13.70
C MET C 434 -28.65 19.15 12.23
N GLY C 435 -29.17 18.28 11.37
CA GLY C 435 -29.23 18.54 9.94
C GLY C 435 -27.90 18.31 9.23
N ILE C 436 -26.98 17.64 9.93
CA ILE C 436 -25.65 17.37 9.39
C ILE C 436 -25.63 16.08 8.56
N MET C 437 -26.49 15.14 8.92
CA MET C 437 -26.54 13.85 8.22
C MET C 437 -27.94 13.48 7.78
N ALA C 438 -28.04 12.92 6.57
CA ALA C 438 -29.27 12.26 6.11
C ALA C 438 -28.93 10.96 5.39
N ASN C 439 -29.57 9.88 5.81
CA ASN C 439 -29.30 8.55 5.24
C ASN C 439 -27.81 8.25 5.16
N GLY C 440 -27.08 8.57 6.22
CA GLY C 440 -25.67 8.24 6.30
C GLY C 440 -24.75 9.20 5.57
N ARG C 441 -25.32 10.17 4.88
CA ARG C 441 -24.54 11.09 4.05
C ARG C 441 -24.54 12.51 4.59
N LEU C 442 -23.40 13.18 4.48
CA LEU C 442 -23.32 14.60 4.80
C LEU C 442 -24.30 15.40 3.95
N THR C 443 -25.15 16.17 4.62
CA THR C 443 -26.05 17.10 3.94
C THR C 443 -25.25 18.25 3.34
N LYS C 444 -25.91 19.06 2.50
CA LYS C 444 -25.28 20.22 1.90
C LYS C 444 -24.67 21.14 2.96
N ARG C 445 -25.38 21.29 4.09
CA ARG C 445 -24.97 22.23 5.12
C ARG C 445 -23.87 21.66 6.05
N ALA C 446 -23.51 20.40 5.84
CA ALA C 446 -22.46 19.77 6.65
C ALA C 446 -21.07 20.26 6.26
N GLY C 447 -20.09 20.00 7.10
CA GLY C 447 -18.71 20.40 6.83
C GLY C 447 -18.47 21.86 7.13
N ASP C 448 -19.42 22.47 7.82
CA ASP C 448 -19.37 23.90 8.13
C ASP C 448 -19.56 24.10 9.64
N PRO C 449 -18.45 24.32 10.38
CA PRO C 449 -18.51 24.48 11.84
C PRO C 449 -19.35 25.66 12.30
N SER C 450 -19.55 26.65 11.42
CA SER C 450 -20.37 27.82 11.78
C SER C 450 -21.84 27.46 11.92
N LEU C 451 -22.20 26.24 11.54
CA LEU C 451 -23.56 25.73 11.67
C LEU C 451 -24.00 25.68 13.14
N PHE C 452 -23.02 25.54 14.03
CA PHE C 452 -23.30 25.48 15.46
C PHE C 452 -23.46 26.85 16.09
N PHE C 453 -23.27 27.90 15.30
CA PHE C 453 -23.35 29.27 15.79
C PHE C 453 -24.52 30.03 15.18
N ALA D 55 -2.20 34.83 -8.89
CA ALA D 55 -1.00 34.14 -8.33
C ALA D 55 -1.10 34.00 -6.82
N LEU D 56 -1.15 32.75 -6.34
CA LEU D 56 -1.19 32.48 -4.91
C LEU D 56 -0.05 31.57 -4.48
N ASP D 57 0.74 32.02 -3.50
CA ASP D 57 1.78 31.20 -2.89
C ASP D 57 1.18 30.38 -1.76
N LEU D 58 1.25 29.07 -1.88
CA LEU D 58 0.64 28.17 -0.90
C LEU D 58 1.32 28.28 0.46
N GLY D 59 2.48 28.93 0.49
CA GLY D 59 3.19 29.18 1.74
C GLY D 59 2.90 30.54 2.34
N SER D 60 2.08 31.33 1.65
CA SER D 60 1.78 32.70 2.08
C SER D 60 0.81 32.74 3.25
N ALA D 61 0.66 33.91 3.85
CA ALA D 61 -0.30 34.12 4.94
C ALA D 61 -1.74 34.11 4.42
N GLU D 62 -1.91 34.53 3.17
CA GLU D 62 -3.22 34.49 2.54
C GLU D 62 -3.74 33.07 2.40
N ALA D 63 -2.85 32.16 1.98
CA ALA D 63 -3.19 30.76 1.81
C ALA D 63 -3.50 30.11 3.16
N LYS D 64 -2.79 30.53 4.20
CA LYS D 64 -2.99 29.99 5.54
C LYS D 64 -4.34 30.39 6.12
N ALA D 65 -4.80 31.58 5.75
CA ALA D 65 -6.03 32.13 6.30
C ALA D 65 -7.25 31.77 5.45
N TRP D 66 -7.00 31.11 4.32
CA TRP D 66 -8.05 30.83 3.33
C TRP D 66 -9.21 30.03 3.93
N ILE D 67 -10.42 30.55 3.75
CA ILE D 67 -11.63 29.84 4.14
C ILE D 67 -12.31 29.28 2.90
N GLY D 68 -12.57 27.97 2.92
CA GLY D 68 -13.04 27.27 1.73
C GLY D 68 -14.47 26.78 1.81
N VAL D 69 -15.08 26.91 2.98
CA VAL D 69 -16.47 26.52 3.16
C VAL D 69 -17.38 27.27 2.19
N GLU D 70 -18.16 26.53 1.42
CA GLU D 70 -19.09 27.14 0.47
C GLU D 70 -20.45 27.38 1.12
N ASN D 71 -21.02 28.55 0.85
CA ASN D 71 -22.31 28.95 1.41
C ASN D 71 -22.37 28.81 2.94
N PRO D 72 -21.39 29.38 3.64
CA PRO D 72 -21.27 29.17 5.09
C PRO D 72 -22.47 29.72 5.82
N HIS D 73 -22.83 29.09 6.95
CA HIS D 73 -23.91 29.60 7.78
C HIS D 73 -23.57 30.97 8.34
N ARG D 74 -22.33 31.13 8.81
CA ARG D 74 -21.84 32.41 9.32
C ARG D 74 -20.35 32.58 9.02
N ALA D 75 -20.03 33.38 8.00
CA ALA D 75 -18.65 33.49 7.52
C ALA D 75 -17.72 34.24 8.48
N ASP D 76 -18.29 35.14 9.26
CA ASP D 76 -17.53 35.87 10.28
C ASP D 76 -17.07 34.91 11.38
N VAL D 77 -17.96 34.01 11.78
CA VAL D 77 -17.63 32.95 12.72
C VAL D 77 -16.47 32.10 12.19
N LEU D 78 -16.52 31.74 10.91
CA LEU D 78 -15.45 30.97 10.29
C LEU D 78 -14.12 31.70 10.34
N THR D 79 -14.15 33.02 10.14
CA THR D 79 -12.95 33.84 10.20
C THR D 79 -12.38 33.86 11.62
N GLU D 80 -13.27 33.92 12.61
CA GLU D 80 -12.86 33.87 14.01
C GLU D 80 -12.32 32.49 14.38
N LEU D 81 -12.91 31.44 13.82
CA LEU D 81 -12.44 30.08 14.09
C LEU D 81 -11.06 29.85 13.48
N ARG D 82 -10.89 30.30 12.24
CA ARG D 82 -9.60 30.19 11.54
C ARG D 82 -8.49 30.91 12.32
N ARG D 83 -8.82 32.07 12.87
CA ARG D 83 -7.86 32.89 13.60
C ARG D 83 -7.55 32.31 14.99
N SER D 84 -8.47 31.50 15.50
CA SER D 84 -8.35 30.97 16.87
C SER D 84 -7.39 29.79 16.98
N THR D 85 -6.98 29.25 15.83
CA THR D 85 -6.18 28.03 15.82
C THR D 85 -5.17 27.98 14.68
N VAL D 86 -4.11 27.22 14.87
CA VAL D 86 -3.16 26.93 13.80
C VAL D 86 -3.64 25.72 12.99
N ALA D 87 -4.59 24.98 13.56
CA ALA D 87 -5.17 23.83 12.88
C ALA D 87 -5.88 24.22 11.58
N ARG D 88 -5.91 23.29 10.63
CA ARG D 88 -6.37 23.58 9.28
C ARG D 88 -7.90 23.49 9.16
N VAL D 89 -8.59 24.36 9.88
CA VAL D 89 -10.05 24.38 9.90
C VAL D 89 -10.63 25.29 8.82
N CYS D 90 -11.92 25.12 8.54
CA CYS D 90 -12.69 26.02 7.70
C CYS D 90 -12.32 25.98 6.22
N THR D 91 -11.70 24.88 5.78
CA THR D 91 -11.31 24.76 4.37
C THR D 91 -12.41 24.14 3.51
N GLY D 92 -13.48 23.72 4.15
CA GLY D 92 -14.64 23.18 3.42
C GLY D 92 -14.36 21.82 2.84
N ARG D 93 -15.05 21.51 1.73
CA ARG D 93 -15.00 20.17 1.16
C ARG D 93 -15.47 20.15 -0.29
N ALA D 94 -15.15 19.05 -0.97
CA ALA D 94 -15.81 18.71 -2.23
C ALA D 94 -16.37 17.31 -2.07
N GLY D 95 -17.69 17.20 -1.98
CA GLY D 95 -18.31 16.03 -1.38
C GLY D 95 -17.72 15.82 0.00
N PRO D 96 -17.20 14.63 0.28
CA PRO D 96 -16.55 14.36 1.56
C PRO D 96 -15.03 14.54 1.50
N ARG D 97 -14.53 15.05 0.37
CA ARG D 97 -13.09 15.16 0.14
C ARG D 97 -12.60 16.58 0.36
N PRO D 98 -11.31 16.74 0.67
CA PRO D 98 -10.72 18.07 0.80
C PRO D 98 -10.88 18.88 -0.49
N ARG D 99 -11.00 20.20 -0.34
CA ARG D 99 -10.95 21.08 -1.48
C ARG D 99 -9.55 21.12 -2.05
N THR D 100 -9.45 21.42 -3.34
CA THR D 100 -8.18 21.33 -4.05
C THR D 100 -7.08 22.18 -3.41
N GLN D 101 -7.39 23.43 -3.11
CA GLN D 101 -6.41 24.34 -2.52
C GLN D 101 -5.90 23.85 -1.16
N ALA D 102 -6.80 23.32 -0.34
CA ALA D 102 -6.43 22.78 0.96
C ALA D 102 -5.51 21.58 0.80
N LEU D 103 -5.84 20.69 -0.13
CA LEU D 103 -4.96 19.57 -0.48
C LEU D 103 -3.60 20.05 -0.99
N LEU D 104 -3.61 21.07 -1.84
CA LEU D 104 -2.38 21.61 -2.42
C LEU D 104 -1.45 22.18 -1.35
N ARG D 105 -2.02 22.93 -0.40
CA ARG D 105 -1.22 23.55 0.65
C ARG D 105 -0.69 22.50 1.62
N PHE D 106 -1.48 21.46 1.85
CA PHE D 106 -1.06 20.31 2.63
C PHE D 106 0.16 19.63 2.02
N LEU D 107 0.09 19.36 0.72
CA LEU D 107 1.19 18.71 0.01
C LEU D 107 2.43 19.61 -0.03
N ALA D 108 2.21 20.90 -0.20
CA ALA D 108 3.30 21.88 -0.22
C ALA D 108 4.01 21.91 1.12
N ASP D 109 3.24 21.89 2.20
CA ASP D 109 3.81 21.87 3.55
C ASP D 109 4.57 20.58 3.81
N HIS D 110 4.09 19.47 3.27
CA HIS D 110 4.73 18.18 3.50
C HIS D 110 6.07 18.08 2.80
N SER D 111 6.18 18.71 1.64
CA SER D 111 7.46 18.77 0.91
C SER D 111 8.51 19.55 1.69
N ARG D 112 8.09 20.63 2.35
CA ARG D 112 8.98 21.43 3.18
C ARG D 112 9.34 20.68 4.46
N SER D 113 8.38 19.95 5.01
CA SER D 113 8.58 19.23 6.26
C SER D 113 9.60 18.10 6.11
N LYS D 114 9.58 17.44 4.95
CA LYS D 114 10.54 16.38 4.66
C LYS D 114 11.98 16.89 4.74
N ASP D 115 12.19 18.12 4.29
CA ASP D 115 13.53 18.71 4.21
C ASP D 115 14.04 19.12 5.58
N THR D 116 13.13 19.46 6.48
CA THR D 116 13.49 19.86 7.83
C THR D 116 14.03 18.68 8.64
N VAL D 117 13.61 17.48 8.27
CA VAL D 117 14.11 16.26 8.89
C VAL D 117 15.60 16.08 8.65
N LEU D 118 16.03 16.31 7.41
CA LEU D 118 17.37 15.93 6.98
C LEU D 118 18.41 17.02 7.20
N LYS D 119 17.94 18.25 7.43
CA LYS D 119 18.85 19.38 7.56
C LYS D 119 19.60 19.34 8.89
N GLU D 120 20.88 19.68 8.85
CA GLU D 120 21.72 19.66 10.04
C GLU D 120 22.31 21.04 10.31
N VAL D 121 22.61 21.30 11.57
CA VAL D 121 23.25 22.56 11.96
C VAL D 121 24.72 22.53 11.56
N PRO D 122 25.19 23.60 10.89
CA PRO D 122 26.60 23.76 10.60
C PRO D 122 27.43 23.67 11.88
N GLU D 123 28.48 22.84 11.86
CA GLU D 123 29.41 22.76 12.98
C GLU D 123 30.06 24.11 13.24
N GLU D 124 30.08 24.95 12.21
CA GLU D 124 30.55 26.32 12.33
C GLU D 124 29.67 27.12 13.30
N TRP D 125 28.36 26.95 13.16
CA TRP D 125 27.38 27.63 14.01
C TRP D 125 27.51 27.18 15.46
N VAL D 126 27.75 25.89 15.66
CA VAL D 126 27.91 25.32 16.99
C VAL D 126 29.14 25.88 17.69
N LYS D 127 30.25 25.97 16.94
CA LYS D 127 31.48 26.54 17.45
C LYS D 127 31.36 28.05 17.63
N ALA D 128 30.49 28.67 16.84
CA ALA D 128 30.23 30.10 16.95
C ALA D 128 29.43 30.45 18.20
N GLN D 129 28.61 29.50 18.64
CA GLN D 129 27.84 29.66 19.87
C GLN D 129 28.72 29.42 21.09
N GLY D 130 29.97 29.02 20.86
CA GLY D 130 30.92 28.76 21.94
C GLY D 130 30.74 27.38 22.56
N LEU D 131 30.00 26.52 21.87
CA LEU D 131 29.69 25.19 22.39
C LEU D 131 30.71 24.16 21.96
N LEU D 132 31.09 23.29 22.88
CA LEU D 132 31.83 22.07 22.55
C LEU D 132 30.88 21.10 21.88
N GLU D 133 31.23 20.66 20.67
CA GLU D 133 30.44 19.66 19.97
C GLU D 133 31.02 18.27 20.13
N VAL D 134 30.19 17.35 20.61
CA VAL D 134 30.55 15.94 20.66
C VAL D 134 29.49 15.09 19.96
N ARG D 135 29.85 13.86 19.61
CA ARG D 135 28.99 13.02 18.78
C ARG D 135 28.58 11.76 19.53
N SER D 136 27.37 11.27 19.23
CA SER D 136 26.96 9.95 19.69
C SER D 136 27.65 8.87 18.86
N GLU D 137 27.17 7.63 18.97
CA GLU D 137 27.76 6.53 18.21
C GLU D 137 27.40 6.62 16.73
N ILE D 138 26.34 7.38 16.43
CA ILE D 138 25.90 7.59 15.06
C ILE D 138 26.93 8.38 14.26
N SER D 139 27.10 8.02 12.98
CA SER D 139 28.07 8.68 12.12
C SER D 139 27.42 9.65 11.13
N ASP D 140 26.21 9.33 10.70
CA ASP D 140 25.51 10.17 9.72
C ASP D 140 23.99 10.20 9.94
N LYS D 141 23.31 11.11 9.24
CA LYS D 141 21.88 11.34 9.47
C LYS D 141 21.00 10.15 9.09
N ASN D 142 21.39 9.42 8.05
CA ASN D 142 20.60 8.28 7.59
C ASN D 142 20.67 7.09 8.56
N LEU D 143 21.73 7.04 9.35
CA LEU D 143 21.86 5.99 10.36
C LEU D 143 21.15 6.36 11.66
N TYR D 144 21.08 7.67 11.93
CA TYR D 144 20.38 8.16 13.12
C TYR D 144 18.89 7.83 13.09
N LEU D 145 18.31 7.88 11.90
CA LEU D 145 16.88 7.64 11.73
C LEU D 145 16.52 6.17 11.93
N THR D 146 17.50 5.29 11.77
CA THR D 146 17.24 3.86 11.79
C THR D 146 17.83 3.15 13.02
N ARG D 147 18.76 3.82 13.70
CA ARG D 147 19.40 3.24 14.87
C ARG D 147 19.28 4.16 16.09
N PRO D 148 18.18 4.02 16.84
CA PRO D 148 17.97 4.78 18.07
C PRO D 148 18.86 4.29 19.20
N ASP D 149 19.25 3.02 19.16
CA ASP D 149 20.09 2.43 20.19
C ASP D 149 21.48 3.06 20.21
N MET D 150 21.99 3.39 19.03
CA MET D 150 23.31 4.00 18.90
C MET D 150 23.27 5.48 19.28
N GLY D 151 22.14 6.13 19.00
CA GLY D 151 21.98 7.54 19.32
C GLY D 151 21.79 7.79 20.80
N ARG D 152 21.59 6.71 21.56
CA ARG D 152 21.38 6.81 23.00
C ARG D 152 22.69 6.63 23.77
N ARG D 153 23.75 6.30 23.05
CA ARG D 153 25.07 6.13 23.67
C ARG D 153 26.11 7.04 23.04
N LEU D 154 27.19 7.30 23.76
CA LEU D 154 28.23 8.22 23.31
C LEU D 154 29.31 7.51 22.50
N CYS D 155 29.88 8.22 21.54
CA CYS D 155 30.96 7.69 20.71
C CYS D 155 32.14 7.19 21.54
N GLU D 157 35.59 8.13 22.66
CA GLU D 157 36.11 9.43 22.27
C GLU D 157 35.23 10.57 22.80
N ALA D 158 33.93 10.31 22.89
CA ALA D 158 32.99 11.29 23.43
C ALA D 158 33.11 11.36 24.95
N VAL D 159 33.31 10.20 25.57
CA VAL D 159 33.50 10.11 27.02
C VAL D 159 34.80 10.78 27.43
N GLU D 160 35.76 10.82 26.51
CA GLU D 160 37.06 11.42 26.77
C GLU D 160 36.99 12.94 26.74
N ALA D 161 36.20 13.48 25.82
CA ALA D 161 36.06 14.93 25.66
C ALA D 161 35.30 15.56 26.83
N LEU D 162 34.33 14.82 27.35
CA LEU D 162 33.50 15.31 28.46
C LEU D 162 34.25 15.26 29.79
N LYS D 163 34.98 14.17 30.01
CA LYS D 163 35.80 14.02 31.21
C LYS D 163 37.11 14.82 31.09
N VAL D 167 32.74 21.12 33.59
CA VAL D 167 33.17 20.99 34.97
C VAL D 167 32.64 19.71 35.61
N ALA D 168 33.35 19.21 36.61
CA ALA D 168 33.01 17.95 37.26
C ALA D 168 31.96 18.13 38.35
N ASN D 169 30.99 17.22 38.39
CA ASN D 169 30.02 17.14 39.48
C ASN D 169 29.23 18.42 39.71
N PRO D 170 28.52 18.91 38.68
CA PRO D 170 27.68 20.09 38.84
C PRO D 170 26.32 19.73 39.44
N ASP D 171 25.55 20.76 39.79
CA ASP D 171 24.20 20.55 40.30
C ASP D 171 23.18 20.61 39.17
N VAL D 172 23.44 21.48 38.19
CA VAL D 172 22.57 21.59 37.02
C VAL D 172 23.39 21.60 35.73
N GLN D 173 23.10 20.65 34.85
CA GLN D 173 23.88 20.45 33.63
C GLN D 173 23.00 20.54 32.39
N VAL D 174 23.29 21.52 31.54
CA VAL D 174 22.50 21.73 30.32
C VAL D 174 23.16 21.07 29.11
N VAL D 175 22.41 20.20 28.45
CA VAL D 175 22.87 19.55 27.22
C VAL D 175 21.96 19.93 26.06
N ILE D 176 22.56 20.12 24.88
CA ILE D 176 21.82 20.53 23.70
C ILE D 176 22.05 19.54 22.55
N SER D 177 20.98 19.11 21.90
CA SER D 177 21.09 18.20 20.77
C SER D 177 20.11 18.53 19.66
N ASP D 178 20.55 18.37 18.41
CA ASP D 178 19.69 18.58 17.26
C ASP D 178 18.49 17.62 17.27
N GLY D 179 18.74 16.38 17.68
CA GLY D 179 17.68 15.38 17.78
C GLY D 179 17.02 15.08 16.45
N LEU D 180 15.74 15.38 16.34
CA LEU D 180 14.97 15.08 15.13
C LEU D 180 14.62 16.35 14.35
N SER D 181 14.97 17.50 14.90
CA SER D 181 14.76 18.77 14.22
C SER D 181 15.86 19.78 14.54
N THR D 182 16.61 20.18 13.51
CA THR D 182 17.68 21.16 13.66
C THR D 182 17.12 22.56 13.90
N ASP D 183 16.03 22.89 13.19
CA ASP D 183 15.41 24.20 13.29
C ASP D 183 14.99 24.52 14.72
N ALA D 184 14.56 23.51 15.46
CA ALA D 184 14.12 23.68 16.85
C ALA D 184 15.25 24.19 17.72
N ILE D 185 16.49 23.85 17.36
CA ILE D 185 17.66 24.32 18.09
C ILE D 185 18.08 25.71 17.61
N THR D 186 18.21 25.89 16.30
CA THR D 186 18.81 27.09 15.74
C THR D 186 17.89 28.31 15.85
N VAL D 187 16.58 28.09 15.69
CA VAL D 187 15.62 29.18 15.76
C VAL D 187 15.44 29.70 17.19
N ASN D 188 15.43 28.77 18.15
CA ASN D 188 15.10 29.11 19.53
C ASN D 188 16.31 29.40 20.41
N TYR D 189 17.51 29.10 19.91
CA TYR D 189 18.69 29.04 20.75
C TYR D 189 18.94 30.31 21.56
N GLU D 190 19.12 31.42 20.85
CA GLU D 190 19.53 32.67 21.48
C GLU D 190 18.50 33.15 22.52
N GLU D 191 17.25 32.78 22.31
CA GLU D 191 16.15 33.27 23.15
C GLU D 191 15.94 32.42 24.39
N ILE D 192 16.53 31.23 24.42
CA ILE D 192 16.29 30.29 25.52
C ILE D 192 17.56 29.96 26.33
N LEU D 193 18.67 29.75 25.63
CA LEU D 193 19.88 29.23 26.27
C LEU D 193 20.54 30.24 27.21
N PRO D 194 20.88 31.44 26.69
CA PRO D 194 21.48 32.48 27.54
C PRO D 194 20.68 32.79 28.81
N PRO D 195 19.37 33.09 28.69
CA PRO D 195 18.60 33.44 29.89
C PRO D 195 18.42 32.25 30.84
N LEU D 196 18.45 31.03 30.30
CA LEU D 196 18.44 29.82 31.12
C LEU D 196 19.69 29.72 31.97
N MET D 197 20.86 29.89 31.33
CA MET D 197 22.13 29.85 32.03
C MET D 197 22.25 31.01 33.02
N ALA D 198 21.61 32.12 32.69
CA ALA D 198 21.57 33.28 33.58
C ALA D 198 20.66 33.04 34.77
N GLY D 199 19.57 32.30 34.54
CA GLY D 199 18.63 31.98 35.61
C GLY D 199 19.18 30.99 36.61
N LEU D 200 19.89 29.99 36.10
CA LEU D 200 20.51 28.96 36.94
C LEU D 200 21.62 29.54 37.80
N LYS D 201 22.34 30.51 37.25
CA LYS D 201 23.48 31.10 37.95
C LYS D 201 23.04 32.13 38.99
N GLN D 202 21.87 32.73 38.76
CA GLN D 202 21.32 33.70 39.69
C GLN D 202 20.65 33.03 40.88
N ALA D 203 21.37 32.95 41.99
CA ALA D 203 20.90 32.31 43.21
C ALA D 203 20.18 30.99 42.96
N GLY D 204 20.90 30.01 42.42
CA GLY D 204 22.29 30.19 42.03
C GLY D 204 23.24 29.22 42.70
N LEU D 205 23.46 28.07 42.06
CA LEU D 205 24.46 27.11 42.52
C LEU D 205 25.30 26.59 41.36
N LYS D 206 25.87 25.41 41.53
CA LYS D 206 26.88 24.90 40.60
C LYS D 206 26.26 24.52 39.26
N VAL D 207 26.53 25.33 38.24
CA VAL D 207 26.01 25.08 36.90
C VAL D 207 27.09 24.53 35.97
N GLY D 208 26.80 23.41 35.33
CA GLY D 208 27.79 22.70 34.51
C GLY D 208 28.10 23.39 33.20
N THR D 209 29.05 22.82 32.46
CA THR D 209 29.42 23.37 31.16
C THR D 209 28.47 22.86 30.06
N PRO D 210 27.83 23.79 29.35
CA PRO D 210 26.89 23.44 28.29
C PRO D 210 27.60 22.97 27.02
N PHE D 211 27.11 21.88 26.44
CA PHE D 211 27.73 21.32 25.24
C PHE D 211 26.71 20.72 24.27
N PHE D 212 27.14 20.52 23.03
CA PHE D 212 26.24 20.09 21.96
C PHE D 212 26.53 18.64 21.55
N VAL D 213 25.58 17.75 21.82
CA VAL D 213 25.69 16.37 21.39
C VAL D 213 24.99 16.17 20.05
N ARG D 214 25.75 15.78 19.03
CA ARG D 214 25.19 15.57 17.70
C ARG D 214 24.62 14.17 17.57
N TYR D 215 23.49 14.06 16.87
CA TYR D 215 22.79 12.80 16.68
C TYR D 215 22.35 12.19 18.02
N GLY D 216 21.75 13.01 18.86
CA GLY D 216 21.40 12.59 20.22
C GLY D 216 19.96 12.15 20.39
N ARG D 217 19.76 11.14 21.23
CA ARG D 217 18.42 10.72 21.64
C ARG D 217 18.32 10.78 23.16
N VAL D 218 17.13 11.04 23.68
CA VAL D 218 16.97 11.53 25.05
C VAL D 218 17.67 10.68 26.10
N LYS D 219 17.68 9.35 25.90
CA LYS D 219 18.27 8.44 26.88
C LYS D 219 19.78 8.63 27.02
N ILE D 220 20.36 9.45 26.16
CA ILE D 220 21.80 9.73 26.22
C ILE D 220 22.15 10.62 27.41
N GLU D 221 21.15 11.27 27.98
CA GLU D 221 21.35 12.14 29.14
C GLU D 221 21.63 11.33 30.40
N ASP D 222 21.37 10.03 30.35
CA ASP D 222 21.64 9.15 31.47
C ASP D 222 23.14 8.84 31.57
N GLN D 223 23.77 8.61 30.42
CA GLN D 223 25.22 8.42 30.37
C GLN D 223 25.94 9.72 30.71
N ILE D 224 25.38 10.84 30.25
CA ILE D 224 25.95 12.16 30.51
C ILE D 224 25.90 12.50 32.00
N GLY D 225 24.81 12.10 32.66
CA GLY D 225 24.66 12.29 34.09
C GLY D 225 25.66 11.48 34.90
N GLU D 226 25.94 10.26 34.44
CA GLU D 226 26.88 9.37 35.11
C GLU D 226 28.33 9.85 34.95
N ILE D 227 28.68 10.24 33.73
CA ILE D 227 30.05 10.61 33.39
C ILE D 227 30.49 11.88 34.12
N LEU D 228 29.69 12.92 34.04
CA LEU D 228 30.04 14.22 34.62
C LEU D 228 29.71 14.29 36.11
N GLY D 229 28.81 13.42 36.55
CA GLY D 229 28.40 13.40 37.96
C GLY D 229 27.40 14.49 38.28
N ALA D 230 26.51 14.77 37.33
CA ALA D 230 25.51 15.83 37.49
C ALA D 230 24.34 15.38 38.35
N LYS D 231 23.89 16.26 39.25
CA LYS D 231 22.74 15.98 40.09
C LYS D 231 21.45 16.11 39.29
N VAL D 232 21.41 17.10 38.41
CA VAL D 232 20.26 17.33 37.54
C VAL D 232 20.73 17.59 36.10
N VAL D 233 20.21 16.80 35.16
CA VAL D 233 20.55 16.98 33.76
C VAL D 233 19.34 17.44 32.95
N ILE D 234 19.48 18.61 32.32
CA ILE D 234 18.45 19.10 31.41
C ILE D 234 18.90 19.01 29.95
N LEU D 235 18.09 18.34 29.14
CA LEU D 235 18.39 18.18 27.72
C LEU D 235 17.40 18.95 26.85
N LEU D 236 17.90 19.93 26.12
CA LEU D 236 17.11 20.63 25.10
C LEU D 236 17.32 19.99 23.74
N VAL D 237 16.25 19.47 23.16
CA VAL D 237 16.36 18.63 21.96
C VAL D 237 15.17 18.84 21.04
N GLY D 238 15.41 18.74 19.74
CA GLY D 238 14.35 18.89 18.74
C GLY D 238 13.50 17.64 18.61
N GLU D 239 12.20 17.80 18.80
CA GLU D 239 11.26 16.71 18.56
C GLU D 239 10.99 16.56 17.07
N ARG D 240 10.40 15.44 16.67
CA ARG D 240 10.14 15.17 15.26
C ARG D 240 9.30 16.27 14.64
N PRO D 241 9.65 16.68 13.42
CA PRO D 241 9.02 17.85 12.80
C PRO D 241 7.54 17.61 12.47
N GLY D 242 6.72 18.63 12.66
CA GLY D 242 5.32 18.56 12.27
C GLY D 242 5.14 18.97 10.82
N LEU D 243 3.90 18.88 10.34
CA LEU D 243 3.57 19.24 8.96
C LEU D 243 3.96 20.69 8.66
N GLY D 244 3.47 21.62 9.47
CA GLY D 244 3.68 23.04 9.21
C GLY D 244 4.60 23.72 10.20
N GLN D 245 5.31 22.93 10.99
CA GLN D 245 6.19 23.46 12.02
C GLN D 245 7.43 22.58 12.21
N SER D 246 8.60 23.23 12.27
CA SER D 246 9.85 22.51 12.43
C SER D 246 10.62 22.93 13.68
N GLU D 247 10.10 23.91 14.40
CA GLU D 247 10.87 24.55 15.46
C GLU D 247 10.35 24.26 16.87
N SER D 248 9.60 23.18 17.03
CA SER D 248 9.13 22.77 18.35
C SER D 248 10.22 22.05 19.14
N LEU D 249 10.61 22.65 20.27
CA LEU D 249 11.68 22.10 21.10
C LEU D 249 11.12 21.51 22.40
N SER D 250 11.73 20.42 22.86
CA SER D 250 11.38 19.83 24.14
C SER D 250 12.54 19.87 25.11
N CYS D 251 12.23 19.89 26.40
CA CYS D 251 13.23 19.69 27.44
C CYS D 251 12.94 18.41 28.20
N TYR D 252 13.92 17.50 28.21
CA TYR D 252 13.85 16.30 29.04
C TYR D 252 14.86 16.42 30.18
N ALA D 253 14.37 16.33 31.41
CA ALA D 253 15.23 16.54 32.57
C ALA D 253 15.08 15.42 33.60
N VAL D 254 16.21 15.02 34.18
CA VAL D 254 16.22 14.01 35.24
C VAL D 254 17.03 14.48 36.43
N TYR D 255 16.70 13.94 37.61
CA TYR D 255 17.57 14.07 38.77
C TYR D 255 18.42 12.80 38.92
N SER D 256 19.72 13.01 39.11
CA SER D 256 20.67 11.91 39.32
C SER D 256 20.32 10.67 38.49
N PRO D 257 20.50 10.75 37.17
CA PRO D 257 20.17 9.63 36.29
C PRO D 257 21.18 8.50 36.37
N ARG D 258 20.71 7.27 36.14
CA ARG D 258 21.57 6.10 36.09
C ARG D 258 21.16 5.19 34.93
N MET D 259 22.14 4.78 34.13
CA MET D 259 21.86 4.05 32.88
C MET D 259 21.11 2.75 33.12
N ALA D 260 21.46 2.05 34.20
CA ALA D 260 20.96 0.70 34.43
C ALA D 260 19.59 0.68 35.11
N THR D 261 19.26 1.75 35.83
CA THR D 261 18.12 1.73 36.72
C THR D 261 16.99 2.67 36.30
N THR D 262 17.36 3.85 35.79
CA THR D 262 16.38 4.90 35.53
C THR D 262 15.43 4.55 34.38
N VAL D 263 14.16 4.86 34.56
CA VAL D 263 13.15 4.62 33.54
C VAL D 263 12.67 5.94 32.96
N GLU D 264 11.90 5.88 31.88
CA GLU D 264 11.46 7.08 31.18
C GLU D 264 10.53 7.93 32.03
N ALA D 265 9.74 7.27 32.89
CA ALA D 265 8.82 7.96 33.79
C ALA D 265 9.56 8.86 34.78
N ASP D 266 10.86 8.65 34.94
CA ASP D 266 11.66 9.42 35.89
C ASP D 266 12.03 10.80 35.37
N ARG D 267 11.79 11.04 34.08
CA ARG D 267 12.12 12.32 33.47
C ARG D 267 10.94 13.29 33.54
N THR D 268 11.25 14.57 33.66
CA THR D 268 10.25 15.62 33.49
C THR D 268 10.35 16.20 32.08
N CYS D 269 9.25 16.15 31.35
CA CYS D 269 9.19 16.70 30.00
C CYS D 269 8.44 18.03 29.99
N ILE D 270 9.04 19.03 29.34
CA ILE D 270 8.30 20.20 28.92
C ILE D 270 8.45 20.40 27.40
N SER D 271 7.35 20.18 26.69
CA SER D 271 7.38 20.08 25.24
C SER D 271 6.81 21.32 24.57
N ASN D 272 6.82 21.33 23.24
CA ASN D 272 6.21 22.39 22.45
C ASN D 272 6.75 23.78 22.78
N ILE D 273 8.06 23.86 23.00
CA ILE D 273 8.71 25.15 23.20
C ILE D 273 9.03 25.81 21.86
N HIS D 274 8.32 26.90 21.57
CA HIS D 274 8.63 27.77 20.45
C HIS D 274 7.71 28.99 20.50
N GLN D 275 7.74 29.81 19.45
CA GLN D 275 7.01 31.06 19.43
C GLN D 275 5.50 30.86 19.41
N GLY D 276 5.08 29.68 18.97
CA GLY D 276 3.65 29.36 18.86
C GLY D 276 3.16 28.43 19.95
N GLY D 277 4.05 28.08 20.87
CA GLY D 277 3.67 27.30 22.05
C GLY D 277 3.95 28.06 23.33
N THR D 278 4.88 27.55 24.13
CA THR D 278 5.47 28.33 25.21
C THR D 278 6.77 28.98 24.73
N PRO D 279 6.81 30.32 24.73
CA PRO D 279 7.96 31.08 24.23
C PRO D 279 9.26 30.67 24.93
N PRO D 280 10.36 30.58 24.17
CA PRO D 280 11.67 30.20 24.67
C PRO D 280 12.08 30.95 25.94
N VAL D 281 11.85 32.26 25.97
CA VAL D 281 12.16 33.07 27.14
C VAL D 281 11.33 32.64 28.34
N GLU D 282 10.02 32.53 28.13
CA GLU D 282 9.09 32.09 29.17
C GLU D 282 9.45 30.69 29.66
N ALA D 283 9.77 29.79 28.72
CA ALA D 283 10.07 28.41 29.04
C ALA D 283 11.41 28.26 29.77
N ALA D 284 12.30 29.21 29.56
CA ALA D 284 13.60 29.22 30.25
C ALA D 284 13.42 29.39 31.75
N ALA D 285 12.47 30.24 32.13
CA ALA D 285 12.17 30.49 33.54
C ALA D 285 11.42 29.31 34.17
N VAL D 286 10.66 28.60 33.34
CA VAL D 286 9.96 27.40 33.79
C VAL D 286 10.93 26.28 34.10
N ILE D 287 11.98 26.16 33.29
CA ILE D 287 13.00 25.15 33.47
C ILE D 287 13.84 25.40 34.72
N VAL D 288 14.28 26.65 34.89
CA VAL D 288 15.06 27.04 36.07
C VAL D 288 14.30 26.71 37.35
N ASP D 289 13.03 27.09 37.39
CA ASP D 289 12.16 26.79 38.53
C ASP D 289 12.07 25.29 38.77
N LEU D 290 12.03 24.52 37.67
CA LEU D 290 11.94 23.06 37.76
C LEU D 290 13.27 22.47 38.19
N ALA D 291 14.37 23.09 37.75
CA ALA D 291 15.70 22.61 38.08
C ALA D 291 15.99 22.65 39.58
N LYS D 292 15.54 23.72 40.23
CA LYS D 292 15.74 23.88 41.67
C LYS D 292 14.74 23.03 42.46
N ARG D 293 13.62 22.71 41.84
CA ARG D 293 12.63 21.84 42.47
C ARG D 293 13.12 20.39 42.52
N MET D 294 13.81 19.96 41.47
CA MET D 294 14.44 18.64 41.43
C MET D 294 15.53 18.51 42.50
N LEU D 295 16.32 19.56 42.68
CA LEU D 295 17.42 19.54 43.64
C LEU D 295 16.90 19.52 45.08
N GLU D 296 15.77 20.19 45.32
CA GLU D 296 15.19 20.25 46.65
C GLU D 296 14.50 18.95 47.01
N GLN D 297 13.72 18.40 46.08
CA GLN D 297 12.93 17.20 46.34
C GLN D 297 13.75 15.93 46.20
N LYS D 298 14.89 16.04 45.50
CA LYS D 298 15.71 14.87 45.17
C LYS D 298 14.94 13.90 44.29
N ALA D 299 14.12 14.44 43.39
CA ALA D 299 13.24 13.63 42.56
C ALA D 299 12.90 14.33 41.25
N SER D 300 12.52 13.54 40.24
CA SER D 300 12.12 14.10 38.96
C SER D 300 11.03 13.27 38.30
N GLY D 301 10.25 13.90 37.42
CA GLY D 301 9.17 13.22 36.71
C GLY D 301 8.04 12.79 37.61
N ILE D 302 7.67 11.52 37.51
CA ILE D 302 6.53 10.97 38.25
C ILE D 302 6.82 10.92 39.76
N ASN D 303 8.05 11.25 40.13
CA ASN D 303 8.47 11.20 41.53
C ASN D 303 8.33 12.55 42.24
N MET D 304 7.92 13.58 41.50
CA MET D 304 7.77 14.91 42.06
C MET D 304 6.36 15.13 42.60
N THR D 305 6.24 15.95 43.63
CA THR D 305 4.97 16.18 44.31
C THR D 305 3.99 16.99 43.46
N ARG D 306 2.70 16.80 43.72
CA ARG D 306 1.63 17.42 42.93
C ARG D 306 1.91 17.41 41.44
C 2A1 E . -3.69 -11.27 -19.77
N 2A1 E . -4.63 -10.33 -17.73
O 2A1 E . -4.69 -10.89 -20.71
CA 2A1 E . -3.56 -10.18 -18.71
C3 2A1 E . -2.21 -10.27 -18.03
C1 GOL F . -22.57 -7.64 -29.52
O1 GOL F . -21.91 -6.41 -29.33
C2 GOL F . -22.26 -8.16 -30.92
O2 GOL F . -22.14 -7.06 -31.80
C3 GOL F . -23.37 -9.09 -31.40
O3 GOL F . -24.59 -8.37 -31.47
C1 GOL G . -23.95 11.16 -27.66
O1 GOL G . -23.61 12.35 -26.98
C2 GOL G . -25.06 11.45 -28.67
O2 GOL G . -24.55 11.21 -29.96
C3 GOL G . -26.22 10.51 -28.40
O3 GOL G . -26.84 10.86 -27.20
C1 GOL H . -20.79 5.75 -21.81
O1 GOL H . -19.97 4.61 -21.62
C2 GOL H . -21.20 6.30 -20.44
O2 GOL H . -20.15 6.10 -19.52
C3 GOL H . -22.44 5.59 -19.96
O3 GOL H . -22.28 4.20 -20.13
C1 GOL I . -14.24 11.10 -22.25
O1 GOL I . -15.32 10.19 -22.27
C2 GOL I . -13.30 10.79 -23.39
O2 GOL I . -13.00 9.41 -23.37
C3 GOL I . -12.01 11.59 -23.23
O3 GOL I . -11.33 11.68 -24.47
CO B12 J . 3.29 -9.69 -24.79
N21 B12 J . 3.13 -11.41 -25.55
N22 B12 J . 2.10 -8.94 -26.07
N23 B12 J . 3.43 -8.09 -23.80
N24 B12 J . 4.29 -10.66 -23.52
C1 B12 J . 3.91 -12.50 -24.96
C20 B12 J . 5.28 -12.54 -25.63
C2 B12 J . 3.08 -13.72 -25.35
C25 B12 J . 3.98 -14.94 -25.53
C26 B12 J . 2.02 -13.98 -24.27
C27 B12 J . 1.02 -15.01 -24.74
O28 B12 J . 1.19 -16.20 -24.52
N29 B12 J . -0.07 -14.55 -25.37
C3 B12 J . 2.40 -13.32 -26.68
C30 B12 J . 3.25 -13.62 -27.92
C31 B12 J . 2.49 -14.56 -28.86
C32 B12 J . 3.35 -14.99 -30.03
O34 B12 J . 3.56 -14.23 -30.96
N33 B12 J . 3.86 -16.22 -29.98
C4 B12 J . 2.19 -11.85 -26.48
C5 B12 J . 1.28 -10.98 -27.21
C35 B12 J . 0.41 -11.59 -28.28
C6 B12 J . 1.26 -9.65 -26.98
C7 B12 J . 0.37 -8.69 -27.74
C36 B12 J . 0.43 -8.93 -29.25
C37 B12 J . -1.04 -8.85 -27.16
C38 B12 J . -2.16 -8.79 -28.18
O39 B12 J . -2.27 -7.84 -28.93
N40 B12 J . -3.01 -9.82 -28.18
C8 B12 J . 0.90 -7.31 -27.35
C41 B12 J . 1.72 -6.64 -28.47
C42 B12 J . 3.22 -6.87 -28.31
C43 B12 J . 3.98 -5.95 -29.24
O44 B12 J . 4.66 -5.04 -28.81
N45 B12 J . 3.87 -6.20 -30.55
C9 B12 J . 1.75 -7.59 -26.15
C10 B12 J . 2.13 -6.55 -25.17
C11 B12 J . 2.92 -6.83 -24.13
C12 B12 J . 3.28 -5.79 -23.11
C46 B12 J . 2.43 -5.89 -21.86
C47 B12 J . 3.67 -4.40 -23.50
C13 B12 J . 4.60 -6.41 -22.60
C48 B12 J . 5.84 -5.95 -23.37
C49 B12 J . 6.36 -4.61 -22.88
C50 B12 J . 7.67 -4.77 -22.14
O51 B12 J . 8.46 -3.84 -22.08
N52 B12 J . 7.90 -5.97 -21.59
C14 B12 J . 4.41 -7.88 -22.79
C15 B12 J . 5.06 -8.94 -22.00
C53 B12 J . 5.82 -8.55 -20.77
C16 B12 J . 4.94 -10.23 -22.35
C17 B12 J . 5.51 -11.46 -21.67
C54 B12 J . 4.66 -11.73 -20.44
C55 B12 J . 6.97 -11.29 -21.26
C56 B12 J . 7.94 -11.25 -22.44
C57 B12 J . 9.34 -11.35 -21.86
O58 B12 J . 9.49 -11.72 -20.70
N59 B12 J . 10.34 -11.03 -22.67
C18 B12 J . 5.26 -12.58 -22.69
C60 B12 J . 4.93 -13.93 -22.05
C61 B12 J . 6.19 -14.75 -21.81
O63 B12 J . 7.25 -14.48 -22.36
N62 B12 J . 6.09 -15.76 -20.96
C19 B12 J . 4.13 -12.06 -23.54
C1P B12 J . 11.72 -11.19 -22.25
C2P B12 J . 12.34 -9.82 -21.99
C3P B12 J . 13.81 -9.97 -21.60
O3 B12 J . 12.22 -9.03 -23.17
O4 B12 J . 13.19 -6.78 -23.99
O5 B12 J . 12.32 -6.94 -21.67
P B12 J . 12.15 -7.42 -23.09
O2 B12 J . 10.66 -7.09 -23.64
C3R B12 J . 10.39 -7.15 -25.04
C2R B12 J . 9.46 -8.30 -25.35
O7R B12 J . 8.70 -8.61 -24.17
C1R B12 J . 8.55 -7.71 -26.40
O6R B12 J . 8.43 -6.33 -26.07
C4R B12 J . 9.67 -5.88 -25.51
C5R B12 J . 10.46 -5.20 -26.62
O8R B12 J . 11.19 -4.10 -26.08
N1B B12 J . 7.21 -8.36 -26.50
C8B B12 J . 6.71 -8.90 -27.62
C2B B12 J . 6.31 -8.52 -25.52
N3B B12 J . 5.21 -9.16 -25.97
C9B B12 J . 5.38 -9.44 -27.28
C4B B12 J . 4.60 -10.07 -28.24
C5B B12 J . 5.08 -10.19 -29.54
C5M B12 J . 4.24 -10.87 -30.59
C6B B12 J . 6.42 -9.66 -29.88
C6M B12 J . 6.96 -9.79 -31.29
C7B B12 J . 7.20 -9.03 -28.92
C 2A1 K . -2.98 10.57 20.44
N 2A1 K . -4.00 9.27 18.65
O 2A1 K . -3.85 10.10 21.48
CA 2A1 K . -2.78 9.46 19.41
C3 2A1 K . -1.65 9.84 18.47
C1 GOL L . -16.53 -8.61 22.77
O1 GOL L . -17.78 -8.48 23.40
C2 GOL L . -15.98 -10.01 23.03
O2 GOL L . -17.04 -10.93 22.95
C3 GOL L . -15.40 -10.04 24.44
O3 GOL L . -14.91 -8.76 24.78
C1 GOL M . -2.11 -24.14 32.22
O1 GOL M . -1.40 -23.13 32.91
C2 GOL M . -1.14 -24.95 31.38
O2 GOL M . -0.62 -24.15 30.34
C3 GOL M . -1.87 -26.15 30.78
O3 GOL M . -3.05 -26.39 31.50
C1 GOL N . -26.35 14.88 0.59
O1 GOL N . -26.61 16.12 -0.01
C2 GOL N . -26.44 13.76 -0.43
O2 GOL N . -25.43 12.81 -0.20
C3 GOL N . -26.27 14.34 -1.84
O3 GOL N . -25.96 13.30 -2.73
C1 GOL O . 14.81 -11.07 5.79
O1 GOL O . 14.85 -9.85 6.50
C2 GOL O . 15.21 -10.85 4.33
O2 GOL O . 16.02 -9.70 4.24
C3 GOL O . 13.96 -10.66 3.47
O3 GOL O . 14.33 -10.04 2.25
CO B12 P . 4.97 10.27 24.25
N21 B12 P . 4.56 11.95 25.01
N22 B12 P . 4.13 9.35 25.68
N23 B12 P . 5.32 8.72 23.23
N24 B12 P . 5.58 11.39 22.86
C1 B12 P . 4.97 13.16 24.28
C20 B12 P . 6.38 13.53 24.72
C2 B12 P . 3.99 14.21 24.80
C25 B12 P . 4.69 15.57 24.89
C26 B12 P . 2.75 14.30 23.91
C27 B12 P . 1.79 15.34 24.44
O28 B12 P . 1.93 16.52 24.16
N29 B12 P . 0.80 14.91 25.22
C3 B12 P . 3.55 13.70 26.20
C30 B12 P . 4.43 14.20 27.34
C31 B12 P . 3.65 15.22 28.19
C32 B12 P . 4.35 15.50 29.50
O34 B12 P . 5.07 14.66 30.03
N33 B12 P . 4.16 16.71 30.03
C4 B12 P . 3.63 12.22 26.00
C5 B12 P . 3.03 11.21 26.86
C35 B12 P . 2.18 11.67 28.02
C6 B12 P . 3.28 9.90 26.67
C7 B12 P . 2.71 8.81 27.56
C36 B12 P . 3.05 9.06 29.03
C37 B12 P . 1.19 8.74 27.33
C38 B12 P . 0.81 9.04 25.89
C38 B12 P . 0.44 8.26 28.55
O39 B12 P . 0.51 10.17 25.54
O39 B12 P . 0.49 7.09 28.89
N40 B12 P . 0.81 8.01 25.05
N40 B12 P . -0.26 9.18 29.21
C8 B12 P . 3.37 7.52 27.04
C41 B12 P . 4.46 7.02 28.00
C42 B12 P . 5.80 7.68 27.74
C43 B12 P . 6.82 7.30 28.80
O44 B12 P . 7.69 6.49 28.56
N45 B12 P . 6.70 7.91 29.98
C9 B12 P . 4.01 7.94 25.75
C10 B12 P . 4.47 7.00 24.73
C11 B12 P . 5.09 7.39 23.62
C12 B12 P . 5.57 6.39 22.63
C46 B12 P . 4.73 6.03 21.44
C47 B12 P . 6.16 5.30 23.54
C13 B12 P . 6.71 7.22 22.01
C48 B12 P . 8.04 6.95 22.71
C49 B12 P . 9.17 7.82 22.19
C50 B12 P . 9.81 7.22 20.95
O51 B12 P . 9.91 7.90 19.94
N52 B12 P . 10.25 5.97 21.02
C14 B12 P . 6.25 8.65 22.18
C15 B12 P . 6.55 9.79 21.30
C53 B12 P . 7.22 9.53 19.98
C16 B12 P . 6.17 11.04 21.64
C17 B12 P . 6.38 12.32 20.85
C54 B12 P . 5.33 12.35 19.75
C55 B12 P . 7.78 12.47 20.24
C56 B12 P . 8.90 12.69 21.23
C57 B12 P . 10.19 12.89 20.45
O58 B12 P . 10.18 12.97 19.24
N59 B12 P . 11.32 12.98 21.16
C18 B12 P . 5.99 13.43 21.86
C60 B12 P . 5.29 14.63 21.21
C61 B12 P . 6.29 15.75 21.03
O63 B12 P . 7.48 15.58 21.21
N62 B12 P . 5.79 16.93 20.66
C19 B12 P . 5.09 12.71 22.83
C1P B12 P . 12.57 13.34 20.53
C2P B12 P . 13.37 12.07 20.22
C3P B12 P . 14.75 12.43 19.63
O3 B12 P . 13.55 11.34 21.43
O4 B12 P . 14.98 9.33 22.15
O5 B12 P . 13.80 9.22 19.96
P B12 P . 13.74 9.74 21.38
O2 B12 P . 12.41 9.25 22.13
C3R B12 P . 12.34 9.38 23.55
C2R B12 P . 11.35 10.45 24.00
O7R B12 P . 10.36 10.66 22.99
C1R B12 P . 10.74 9.86 25.27
O6R B12 P . 10.88 8.44 25.17
C4R B12 P . 11.85 8.09 24.18
C5R B12 P . 13.00 7.32 24.81
O8R B12 P . 13.45 6.33 23.87
N1B B12 P . 9.32 10.20 25.53
C8B B12 P . 8.85 10.62 26.71
C2B B12 P . 8.30 10.10 24.67
N3B B12 P . 7.13 10.47 25.26
C9B B12 P . 7.40 10.80 26.54
C4B B12 P . 6.62 11.26 27.60
C5B B12 P . 7.22 11.51 28.83
C5M B12 P . 6.38 12.00 29.99
C6B B12 P . 8.68 11.33 29.00
C6M B12 P . 9.32 11.62 30.33
C7B B12 P . 9.46 10.88 27.94
#